data_8U30
#
_entry.id   8U30
#
_cell.length_a   1.00
_cell.length_b   1.00
_cell.length_c   1.00
_cell.angle_alpha   90.00
_cell.angle_beta   90.00
_cell.angle_gamma   90.00
#
_symmetry.space_group_name_H-M   'P 1'
#
loop_
_entity.id
_entity.type
_entity.pdbx_description
1 polymer 'Transient receptor potential cation channel subfamily V member 1'
2 non-polymer '[(2R)-2-octanoyloxy-3-[oxidanyl-[(1R,2R,3S,4R,5R,6S)-2,3,6-tris(oxidanyl)-4,5-diphosphonooxy-cyclohexyl]oxy-phosphoryl]oxy-propyl] octanoate'
3 non-polymer 'SODIUM ION'
4 water water
#
_entity_poly.entity_id   1
_entity_poly.type   'polypeptide(L)'
_entity_poly.pdbx_seq_one_letter_code
;MEQRASLDSEESESPPQENSCLDPPDRDPNCKPPPVKPHIFTTRSRTRLFGKGDSEEASPLDCPYEEGGLASCPIITVSS
VLTIQRPGDGPASVRPSSQDSVSAGEKPPRLYDRRSIFDAVAQSNCQELESLLPFLQRSKKRLTDSEFKDPETGKTCLLK
AMLNLHNGQNDTIALLLDVARKTDSLKQFVNASYTDSYYKGQTALHIAIERRNMTLVTLLVENGADVQAAANGDFFKKTK
GRPGFYFGELPLSLAACTNQLAIVKFLLQNSWQPADISARDSVGNTVLHALVEVADNTVDNTKFVTSMYNEILILGAKLH
PTLKLEEITNRKGLTPLALAASSGKIGVLAYILQREIHEPECRHLSRKFTEWAYGPVHSSLYDLSCIDTCEKNSVLEVIA
YSSSETPNRHDMLLVEPLNRLLQDKWDRFVKRIFYFNFFVYCLYMIIFTAAAYYRPVEGLPPYKLKNTVGDYFRVTGEIL
SVSGGVYFFFRGIQYFLQRRPSLKSLFVDSYSEILFFVQSLFMLVSVVLYFSQRKEYVASMVFSLAMGWTNMLYYTRGFQ
QMGIYAVMIEKMILRDLCRFMFVYLVFLFGFSTAVVTLIEDGKYNSLYSTCLELFKFTIGMGDLEFTENYDFKAVFIILL
LAYVILTYILLLNMLIALMGETVNKIAQESKNIWKLQRAITILDTEKSFLKCMRKAFRSGKLLQVGFTPDGKDDYRWCFR
VDEVNWTTWNTNVGIINEDPGNCEGVKRTLSFSLRSGRVSGRNWKNFALVPLLRDASTRDRHATQQEEVQLKHYTGSLKP
EDAEVFKDSMVPGEK
;
_entity_poly.pdbx_strand_id   A,D,B,C
#
# COMPACT_ATOMS: atom_id res chain seq x y z
N SER A 197 52.70 23.05 -7.75
CA SER A 197 51.77 23.38 -6.63
C SER A 197 50.71 22.30 -6.47
N TYR A 198 50.36 21.67 -7.59
CA TYR A 198 49.32 20.64 -7.59
C TYR A 198 49.77 19.39 -6.84
N TYR A 199 50.85 18.76 -7.31
CA TYR A 199 51.39 17.56 -6.69
C TYR A 199 52.52 17.87 -5.71
N LYS A 200 52.85 19.14 -5.53
CA LYS A 200 54.04 19.49 -4.76
C LYS A 200 53.88 19.09 -3.30
N GLY A 201 54.99 18.70 -2.68
CA GLY A 201 55.01 18.19 -1.33
C GLY A 201 55.11 16.68 -1.23
N GLN A 202 54.79 15.96 -2.29
CA GLN A 202 54.87 14.50 -2.27
C GLN A 202 56.33 14.06 -2.17
N THR A 203 56.55 12.96 -1.45
CA THR A 203 57.86 12.33 -1.35
C THR A 203 57.72 10.86 -1.72
N ALA A 204 58.87 10.21 -1.91
CA ALA A 204 58.86 8.81 -2.33
C ALA A 204 58.15 7.92 -1.31
N LEU A 205 58.10 8.33 -0.04
CA LEU A 205 57.38 7.54 0.94
C LEU A 205 55.90 7.43 0.60
N HIS A 206 55.30 8.53 0.12
CA HIS A 206 53.89 8.49 -0.22
C HIS A 206 53.62 7.51 -1.35
N ILE A 207 54.46 7.54 -2.39
CA ILE A 207 54.28 6.60 -3.50
C ILE A 207 54.48 5.17 -3.03
N ALA A 208 55.51 4.94 -2.21
CA ALA A 208 55.76 3.59 -1.72
C ALA A 208 54.59 3.07 -0.90
N ILE A 209 54.01 3.92 -0.06
CA ILE A 209 52.88 3.50 0.77
C ILE A 209 51.66 3.24 -0.11
N GLU A 210 51.44 4.07 -1.12
CA GLU A 210 50.29 3.89 -2.00
C GLU A 210 50.33 2.57 -2.76
N ARG A 211 51.48 2.21 -3.33
CA ARG A 211 51.58 1.01 -4.16
C ARG A 211 51.52 -0.28 -3.35
N ARG A 212 51.64 -0.20 -2.02
CA ARG A 212 51.49 -1.36 -1.16
C ARG A 212 52.58 -2.40 -1.42
N ASN A 213 53.83 -1.96 -1.31
CA ASN A 213 55.00 -2.83 -1.44
C ASN A 213 55.83 -2.71 -0.17
N MET A 214 55.79 -3.75 0.66
CA MET A 214 56.53 -3.73 1.92
C MET A 214 58.03 -3.68 1.68
N THR A 215 58.52 -4.48 0.74
CA THR A 215 59.97 -4.57 0.54
C THR A 215 60.54 -3.21 0.16
N LEU A 216 59.91 -2.51 -0.77
CA LEU A 216 60.39 -1.20 -1.19
C LEU A 216 60.29 -0.20 -0.04
N VAL A 217 59.24 -0.30 0.77
CA VAL A 217 59.09 0.61 1.89
C VAL A 217 60.25 0.44 2.86
N THR A 218 60.58 -0.82 3.18
CA THR A 218 61.70 -1.08 4.09
C THR A 218 63.01 -0.59 3.49
N LEU A 219 63.24 -0.88 2.20
CA LEU A 219 64.49 -0.48 1.57
C LEU A 219 64.62 1.04 1.57
N LEU A 220 63.53 1.76 1.28
CA LEU A 220 63.59 3.21 1.29
C LEU A 220 63.78 3.74 2.70
N VAL A 221 63.18 3.10 3.70
CA VAL A 221 63.38 3.52 5.07
C VAL A 221 64.81 3.28 5.53
N GLU A 222 65.52 2.35 4.90
CA GLU A 222 66.92 2.13 5.25
C GLU A 222 67.74 3.40 5.10
N ASN A 223 67.52 4.15 4.02
CA ASN A 223 68.30 5.36 3.77
C ASN A 223 68.07 6.42 4.83
N GLY A 224 66.95 6.37 5.54
CA GLY A 224 66.64 7.35 6.56
C GLY A 224 65.76 8.50 6.12
N ALA A 225 65.01 8.35 5.04
CA ALA A 225 64.13 9.42 4.58
C ALA A 225 63.13 9.80 5.67
N ASP A 226 62.95 11.10 5.85
CA ASP A 226 62.06 11.59 6.90
C ASP A 226 60.64 11.08 6.67
N VAL A 227 60.00 10.65 7.76
CA VAL A 227 58.66 10.09 7.72
C VAL A 227 57.63 11.09 8.27
N GLN A 228 57.90 12.38 8.16
CA GLN A 228 57.01 13.41 8.65
C GLN A 228 56.74 14.49 7.60
N ALA A 229 57.12 14.25 6.36
CA ALA A 229 56.86 15.21 5.30
C ALA A 229 55.35 15.33 5.06
N ALA A 230 54.89 16.57 4.89
CA ALA A 230 53.48 16.86 4.68
C ALA A 230 53.26 17.22 3.23
N ALA A 231 52.34 16.51 2.58
CA ALA A 231 51.99 16.76 1.18
C ALA A 231 50.92 17.83 1.13
N ASN A 232 51.32 19.04 0.72
CA ASN A 232 50.41 20.18 0.66
C ASN A 232 49.85 20.41 -0.74
N GLY A 233 50.07 19.48 -1.67
CA GLY A 233 49.57 19.67 -3.01
C GLY A 233 48.06 19.76 -3.05
N ASP A 234 47.56 20.53 -4.02
CA ASP A 234 46.11 20.72 -4.14
C ASP A 234 45.39 19.41 -4.38
N PHE A 235 46.02 18.44 -5.05
CA PHE A 235 45.40 17.14 -5.21
C PHE A 235 45.16 16.49 -3.85
N PHE A 236 46.04 16.75 -2.89
CA PHE A 236 45.92 16.23 -1.54
C PHE A 236 45.09 17.14 -0.63
N LYS A 237 44.56 18.24 -1.15
CA LYS A 237 43.72 19.12 -0.36
C LYS A 237 42.30 18.59 -0.28
N LYS A 238 41.48 19.24 0.54
CA LYS A 238 40.14 18.74 0.84
C LYS A 238 39.27 18.68 -0.41
N THR A 239 38.97 19.84 -1.01
CA THR A 239 38.05 19.89 -2.14
C THR A 239 38.50 20.90 -3.19
N LYS A 240 39.81 21.09 -3.35
CA LYS A 240 40.34 22.01 -4.36
C LYS A 240 40.23 21.31 -5.72
N GLY A 241 39.02 21.33 -6.26
CA GLY A 241 38.74 20.69 -7.54
C GLY A 241 38.18 19.30 -7.37
N ARG A 242 37.48 18.83 -8.40
CA ARG A 242 36.88 17.50 -8.36
C ARG A 242 37.93 16.42 -8.15
N PRO A 243 39.08 16.43 -8.82
CA PRO A 243 40.11 15.43 -8.52
C PRO A 243 40.78 15.75 -7.19
N GLY A 244 41.02 14.71 -6.41
CA GLY A 244 41.70 14.87 -5.14
C GLY A 244 41.31 13.76 -4.18
N PHE A 245 42.10 13.66 -3.11
CA PHE A 245 41.84 12.66 -2.08
C PHE A 245 42.48 13.16 -0.79
N TYR A 246 41.66 13.53 0.18
CA TYR A 246 42.16 13.96 1.49
C TYR A 246 42.47 12.74 2.35
N PHE A 247 43.66 12.71 2.92
CA PHE A 247 44.06 11.59 3.79
C PHE A 247 44.78 12.05 5.04
N GLY A 248 44.86 13.36 5.30
CA GLY A 248 45.50 13.88 6.49
C GLY A 248 46.85 14.52 6.26
N GLU A 249 47.45 14.33 5.09
CA GLU A 249 48.71 14.97 4.70
C GLU A 249 49.92 14.40 5.43
N LEU A 250 49.89 13.13 5.83
CA LEU A 250 51.04 12.50 6.46
C LEU A 250 51.13 11.04 6.06
N PRO A 251 52.33 10.46 6.05
CA PRO A 251 52.45 9.04 5.71
C PRO A 251 51.70 8.13 6.66
N LEU A 252 51.70 8.47 7.95
CA LEU A 252 50.96 7.67 8.93
C LEU A 252 49.47 7.68 8.60
N SER A 253 48.92 8.85 8.30
CA SER A 253 47.50 8.94 7.97
C SER A 253 47.22 8.25 6.64
N LEU A 254 48.11 8.39 5.66
CA LEU A 254 47.93 7.71 4.39
C LEU A 254 47.86 6.20 4.58
N ALA A 255 48.75 5.66 5.41
CA ALA A 255 48.70 4.22 5.69
C ALA A 255 47.41 3.85 6.43
N ALA A 256 46.99 4.69 7.39
CA ALA A 256 45.80 4.36 8.17
C ALA A 256 44.55 4.35 7.28
N CYS A 257 44.50 5.22 6.28
CA CYS A 257 43.29 5.43 5.49
C CYS A 257 43.21 4.58 4.23
N THR A 258 44.14 3.64 4.02
CA THR A 258 44.20 2.89 2.78
C THR A 258 44.48 1.42 3.02
N ASN A 259 43.91 0.83 4.08
CA ASN A 259 44.03 -0.60 4.33
C ASN A 259 45.48 -1.04 4.52
N GLN A 260 46.31 -0.20 5.12
CA GLN A 260 47.71 -0.53 5.37
C GLN A 260 47.94 -0.65 6.88
N LEU A 261 47.67 -1.83 7.41
CA LEU A 261 47.88 -2.10 8.83
C LEU A 261 49.33 -2.48 9.11
N ALA A 262 49.90 -3.35 8.28
CA ALA A 262 51.30 -3.70 8.44
C ALA A 262 52.19 -2.48 8.29
N ILE A 263 51.84 -1.57 7.37
CA ILE A 263 52.66 -0.39 7.15
C ILE A 263 52.64 0.52 8.37
N VAL A 264 51.47 0.73 8.98
CA VAL A 264 51.40 1.60 10.15
C VAL A 264 52.08 0.92 11.35
N LYS A 265 51.93 -0.40 11.48
CA LYS A 265 52.70 -1.13 12.48
C LYS A 265 54.20 -0.88 12.31
N PHE A 266 54.69 -1.01 11.08
CA PHE A 266 56.11 -0.77 10.83
C PHE A 266 56.50 0.66 11.20
N LEU A 267 55.76 1.64 10.70
CA LEU A 267 56.11 3.03 10.94
C LEU A 267 56.11 3.36 12.42
N LEU A 268 55.26 2.69 13.20
CA LEU A 268 55.23 2.91 14.64
C LEU A 268 56.19 1.99 15.40
N GLN A 269 56.83 1.04 14.72
CA GLN A 269 57.75 0.10 15.35
C GLN A 269 59.06 -0.01 14.58
N ASN A 270 59.56 1.11 14.05
CA ASN A 270 60.83 1.14 13.33
C ASN A 270 61.87 1.86 14.18
N SER A 271 63.05 1.25 14.30
CA SER A 271 64.08 1.80 15.17
C SER A 271 64.75 3.03 14.57
N TRP A 272 64.90 3.07 13.25
CA TRP A 272 65.62 4.17 12.62
C TRP A 272 64.93 5.51 12.87
N GLN A 273 63.61 5.54 12.75
CA GLN A 273 62.88 6.78 12.97
C GLN A 273 61.42 6.47 13.28
N PRO A 274 61.07 6.24 14.55
CA PRO A 274 59.68 5.92 14.88
C PRO A 274 58.72 7.01 14.46
N ALA A 275 57.54 6.62 14.02
CA ALA A 275 56.54 7.55 13.53
C ALA A 275 55.78 8.17 14.69
N ASP A 276 55.64 9.50 14.66
CA ASP A 276 54.89 10.19 15.70
C ASP A 276 53.41 9.91 15.56
N ILE A 277 52.72 9.78 16.70
CA ILE A 277 51.31 9.43 16.70
C ILE A 277 50.40 10.64 16.95
N SER A 278 50.91 11.71 17.53
CA SER A 278 50.12 12.91 17.82
C SER A 278 50.30 13.99 16.77
N ALA A 279 50.96 13.70 15.66
CA ALA A 279 51.25 14.73 14.67
C ALA A 279 49.97 15.34 14.12
N ARG A 280 50.00 16.65 13.91
CA ARG A 280 48.88 17.41 13.38
C ARG A 280 49.27 18.02 12.04
N ASP A 281 48.37 17.94 11.07
CA ASP A 281 48.64 18.46 9.74
C ASP A 281 48.36 19.96 9.70
N SER A 282 48.33 20.53 8.49
CA SER A 282 48.05 21.95 8.35
C SER A 282 46.65 22.30 8.85
N VAL A 283 45.66 21.47 8.52
CA VAL A 283 44.30 21.72 8.97
C VAL A 283 44.15 21.49 10.46
N GLY A 284 45.09 20.79 11.09
CA GLY A 284 45.01 20.45 12.50
C GLY A 284 44.55 19.04 12.78
N ASN A 285 44.23 18.27 11.76
CA ASN A 285 43.71 16.92 11.97
C ASN A 285 44.84 15.93 12.23
N THR A 286 44.62 15.05 13.21
CA THR A 286 45.51 13.92 13.46
C THR A 286 45.01 12.70 12.70
N VAL A 287 45.64 11.55 13.00
CA VAL A 287 45.27 10.32 12.30
C VAL A 287 43.82 9.96 12.57
N LEU A 288 43.37 10.10 13.83
CA LEU A 288 41.97 9.82 14.14
C LEU A 288 41.04 10.81 13.46
N HIS A 289 41.43 12.07 13.41
CA HIS A 289 40.62 13.07 12.70
C HIS A 289 40.48 12.70 11.23
N ALA A 290 41.58 12.30 10.59
CA ALA A 290 41.53 11.91 9.19
C ALA A 290 40.66 10.68 9.00
N LEU A 291 40.76 9.71 9.91
CA LEU A 291 39.92 8.52 9.82
C LEU A 291 38.45 8.89 9.90
N VAL A 292 38.10 9.82 10.79
CA VAL A 292 36.72 10.31 10.85
C VAL A 292 36.35 10.99 9.53
N GLU A 293 37.28 11.75 8.96
CA GLU A 293 36.99 12.49 7.73
C GLU A 293 36.67 11.54 6.58
N VAL A 294 37.44 10.46 6.45
CA VAL A 294 37.27 9.57 5.30
C VAL A 294 36.06 8.66 5.41
N ALA A 295 35.39 8.62 6.56
CA ALA A 295 34.19 7.81 6.70
C ALA A 295 33.05 8.40 5.88
N ASP A 296 32.28 7.53 5.21
CA ASP A 296 31.19 7.96 4.35
C ASP A 296 29.92 7.15 4.57
N ASN A 297 29.80 6.43 5.69
CA ASN A 297 28.59 5.70 6.05
C ASN A 297 28.29 4.58 5.05
N THR A 298 29.28 3.71 4.85
CA THR A 298 29.12 2.49 4.08
C THR A 298 29.59 1.31 4.91
N VAL A 299 28.96 0.14 4.69
CA VAL A 299 29.17 -0.99 5.59
C VAL A 299 30.65 -1.37 5.66
N ASP A 300 31.26 -1.59 4.49
CA ASP A 300 32.67 -1.95 4.47
C ASP A 300 33.55 -0.79 4.93
N ASN A 301 33.24 0.42 4.45
CA ASN A 301 34.01 1.59 4.86
C ASN A 301 33.90 1.80 6.37
N THR A 302 32.68 1.68 6.91
CA THR A 302 32.51 1.85 8.34
C THR A 302 33.26 0.78 9.12
N LYS A 303 33.18 -0.47 8.66
CA LYS A 303 33.89 -1.55 9.33
C LYS A 303 35.39 -1.28 9.40
N PHE A 304 35.98 -0.93 8.24
CA PHE A 304 37.40 -0.61 8.24
C PHE A 304 37.74 0.59 9.10
N VAL A 305 36.94 1.66 9.01
CA VAL A 305 37.30 2.86 9.76
C VAL A 305 37.28 2.57 11.24
N THR A 306 36.25 1.88 11.72
CA THR A 306 36.18 1.55 13.14
C THR A 306 37.31 0.62 13.55
N SER A 307 37.63 -0.38 12.71
CA SER A 307 38.70 -1.32 13.05
C SER A 307 40.03 -0.59 13.19
N MET A 308 40.36 0.26 12.22
CA MET A 308 41.62 0.99 12.30
C MET A 308 41.63 1.96 13.47
N TYR A 309 40.49 2.61 13.73
CA TYR A 309 40.39 3.46 14.90
C TYR A 309 40.76 2.70 16.16
N ASN A 310 40.15 1.53 16.36
CA ASN A 310 40.41 0.74 17.56
C ASN A 310 41.87 0.30 17.63
N GLU A 311 42.42 -0.17 16.50
CA GLU A 311 43.79 -0.66 16.51
C GLU A 311 44.77 0.46 16.83
N ILE A 312 44.59 1.64 16.22
CA ILE A 312 45.48 2.75 16.49
C ILE A 312 45.35 3.21 17.93
N LEU A 313 44.13 3.21 18.46
CA LEU A 313 43.94 3.59 19.86
C LEU A 313 44.71 2.66 20.78
N ILE A 314 44.60 1.35 20.54
CA ILE A 314 45.29 0.38 21.38
C ILE A 314 46.80 0.56 21.26
N LEU A 315 47.29 0.76 20.04
CA LEU A 315 48.72 0.93 19.84
C LEU A 315 49.22 2.19 20.55
N GLY A 316 48.45 3.27 20.47
CA GLY A 316 48.84 4.48 21.17
C GLY A 316 48.88 4.29 22.67
N ALA A 317 47.94 3.50 23.20
CA ALA A 317 47.99 3.17 24.62
C ALA A 317 49.26 2.38 24.94
N LYS A 318 49.62 1.44 24.08
CA LYS A 318 50.79 0.60 24.35
C LYS A 318 52.08 1.42 24.33
N LEU A 319 52.31 2.19 23.28
CA LEU A 319 53.57 2.94 23.18
C LEU A 319 53.60 4.10 24.16
N HIS A 320 52.50 4.84 24.27
CA HIS A 320 52.43 6.04 25.09
C HIS A 320 51.24 5.92 26.03
N PRO A 321 51.40 5.20 27.15
CA PRO A 321 50.28 5.08 28.09
C PRO A 321 49.81 6.41 28.65
N THR A 322 50.73 7.36 28.86
CA THR A 322 50.33 8.66 29.40
C THR A 322 49.47 9.43 28.41
N LEU A 323 49.83 9.39 27.13
CA LEU A 323 49.14 10.21 26.14
C LEU A 323 47.72 9.71 25.91
N LYS A 324 46.81 10.65 25.68
CA LYS A 324 45.43 10.35 25.34
C LYS A 324 45.10 11.07 24.03
N LEU A 325 44.94 10.31 22.96
CA LEU A 325 44.73 10.89 21.64
C LEU A 325 43.34 11.47 21.48
N GLU A 326 42.37 11.01 22.27
CA GLU A 326 40.99 11.40 22.08
C GLU A 326 40.75 12.88 22.38
N GLU A 327 41.67 13.54 23.07
CA GLU A 327 41.50 14.93 23.46
C GLU A 327 42.16 15.90 22.48
N ILE A 328 42.96 15.42 21.54
CA ILE A 328 43.62 16.31 20.60
C ILE A 328 42.57 16.95 19.71
N THR A 329 42.56 18.29 19.69
CA THR A 329 41.55 19.05 18.97
C THR A 329 42.18 19.75 17.78
N ASN A 330 41.52 19.65 16.63
CA ASN A 330 42.06 20.23 15.41
C ASN A 330 41.98 21.76 15.48
N ARG A 331 42.46 22.41 14.41
CA ARG A 331 42.47 23.86 14.37
C ARG A 331 41.08 24.46 14.45
N LYS A 332 40.04 23.68 14.10
CA LYS A 332 38.67 24.14 14.17
C LYS A 332 38.13 24.14 15.60
N GLY A 333 38.85 23.54 16.54
CA GLY A 333 38.37 23.46 17.91
C GLY A 333 37.41 22.32 18.17
N LEU A 334 37.59 21.20 17.47
CA LEU A 334 36.72 20.03 17.60
C LEU A 334 37.56 18.78 17.86
N THR A 335 37.13 17.98 18.82
CA THR A 335 37.68 16.66 19.05
C THR A 335 37.12 15.69 18.02
N PRO A 336 37.76 14.53 17.83
CA PRO A 336 37.24 13.60 16.81
C PRO A 336 35.79 13.19 17.05
N LEU A 337 35.37 13.05 18.31
CA LEU A 337 33.97 12.74 18.59
C LEU A 337 33.07 13.89 18.16
N ALA A 338 33.47 15.13 18.46
CA ALA A 338 32.69 16.28 18.03
C ALA A 338 32.67 16.38 16.51
N LEU A 339 33.80 16.08 15.86
CA LEU A 339 33.84 16.08 14.40
C LEU A 339 32.88 15.05 13.83
N ALA A 340 32.84 13.85 14.41
CA ALA A 340 31.93 12.82 13.93
C ALA A 340 30.48 13.24 14.12
N ALA A 341 30.18 13.88 15.25
CA ALA A 341 28.81 14.34 15.49
C ALA A 341 28.41 15.43 14.51
N SER A 342 29.32 16.36 14.22
CA SER A 342 28.99 17.47 13.33
C SER A 342 28.89 17.01 11.88
N SER A 343 29.79 16.13 11.46
CA SER A 343 29.86 15.74 10.06
C SER A 343 28.74 14.79 9.65
N GLY A 344 28.02 14.21 10.61
CA GLY A 344 26.97 13.26 10.29
C GLY A 344 27.43 11.83 10.16
N LYS A 345 28.59 11.48 10.73
CA LYS A 345 29.14 10.14 10.61
C LYS A 345 28.49 9.26 11.66
N ILE A 346 27.40 8.59 11.27
CA ILE A 346 26.60 7.82 12.22
C ILE A 346 27.38 6.59 12.71
N GLY A 347 28.06 5.89 11.80
CA GLY A 347 28.74 4.66 12.19
C GLY A 347 29.87 4.91 13.18
N VAL A 348 30.69 5.94 12.91
CA VAL A 348 31.80 6.25 13.81
C VAL A 348 31.27 6.66 15.17
N LEU A 349 30.23 7.49 15.20
CA LEU A 349 29.66 7.91 16.48
C LEU A 349 29.11 6.72 17.25
N ALA A 350 28.39 5.83 16.57
CA ALA A 350 27.84 4.66 17.24
C ALA A 350 28.95 3.79 17.81
N TYR A 351 30.01 3.57 17.03
CA TYR A 351 31.12 2.77 17.54
C TYR A 351 31.78 3.42 18.74
N ILE A 352 32.03 4.73 18.67
CA ILE A 352 32.75 5.41 19.74
C ILE A 352 31.95 5.39 21.03
N LEU A 353 30.64 5.68 20.95
CA LEU A 353 29.87 5.91 22.16
C LEU A 353 29.76 4.65 23.01
N GLN A 354 29.97 3.48 22.41
CA GLN A 354 29.77 2.22 23.14
C GLN A 354 30.86 1.20 22.86
N ARG A 355 32.12 1.64 22.85
CA ARG A 355 33.23 0.73 22.61
C ARG A 355 33.62 0.02 23.89
N GLU A 356 34.07 -1.23 23.76
CA GLU A 356 34.54 -2.03 24.88
C GLU A 356 35.91 -2.61 24.55
N ILE A 357 36.80 -2.61 25.53
CA ILE A 357 38.17 -3.08 25.37
C ILE A 357 38.43 -4.13 26.43
N HIS A 358 39.01 -5.26 26.02
CA HIS A 358 39.23 -6.41 26.89
C HIS A 358 40.65 -6.94 26.75
N GLU A 359 41.64 -6.07 26.84
CA GLU A 359 43.04 -6.46 26.81
C GLU A 359 43.79 -5.82 27.97
N PRO A 360 44.93 -6.40 28.37
CA PRO A 360 45.65 -5.87 29.53
C PRO A 360 46.13 -4.46 29.31
N GLU A 361 46.16 -3.70 30.42
CA GLU A 361 46.67 -2.33 30.49
C GLU A 361 46.07 -1.40 29.45
N CYS A 362 44.96 -1.79 28.81
CA CYS A 362 44.28 -0.88 27.89
C CYS A 362 42.77 -1.01 28.00
N ARG A 363 42.25 -1.49 29.14
CA ARG A 363 40.82 -1.53 29.38
C ARG A 363 40.25 -0.16 29.74
N HIS A 364 41.10 0.77 30.18
CA HIS A 364 40.62 2.09 30.55
C HIS A 364 40.09 2.87 29.35
N LEU A 365 40.46 2.47 28.13
CA LEU A 365 40.00 3.18 26.94
C LEU A 365 38.51 2.98 26.69
N SER A 366 37.94 1.91 27.21
CA SER A 366 36.55 1.58 26.89
C SER A 366 35.60 2.65 27.44
N ARG A 367 34.44 2.75 26.80
CA ARG A 367 33.43 3.73 27.17
C ARG A 367 32.21 3.07 27.81
N LYS A 368 31.83 1.87 27.36
CA LYS A 368 30.82 1.10 28.05
C LYS A 368 31.47 0.10 28.99
N PHE A 369 30.76 -0.20 30.09
CA PHE A 369 31.29 -1.09 31.12
C PHE A 369 30.19 -2.06 31.52
N THR A 370 30.45 -2.86 32.56
CA THR A 370 29.48 -3.82 33.06
C THR A 370 29.58 -3.83 34.58
N GLU A 371 28.66 -3.12 35.23
CA GLU A 371 28.73 -2.97 36.69
C GLU A 371 28.58 -4.32 37.39
N TRP A 372 27.62 -5.13 36.96
CA TRP A 372 27.42 -6.44 37.57
C TRP A 372 26.54 -7.30 36.68
N ALA A 373 26.66 -8.61 36.84
CA ALA A 373 25.87 -9.58 36.10
C ALA A 373 25.34 -10.63 37.06
N TYR A 374 24.07 -10.99 36.90
CA TYR A 374 23.43 -12.01 37.75
C TYR A 374 22.43 -12.76 36.89
N GLY A 375 22.66 -14.06 36.69
CA GLY A 375 21.79 -14.85 35.87
C GLY A 375 21.76 -14.32 34.44
N PRO A 376 20.56 -14.07 33.91
CA PRO A 376 20.45 -13.52 32.54
C PRO A 376 20.46 -12.01 32.44
N VAL A 377 20.54 -11.29 33.56
CA VAL A 377 20.42 -9.83 33.56
C VAL A 377 21.73 -9.24 34.05
N HIS A 378 22.25 -8.26 33.30
CA HIS A 378 23.48 -7.57 33.65
C HIS A 378 23.29 -6.08 33.44
N SER A 379 23.98 -5.29 34.25
CA SER A 379 23.88 -3.84 34.22
C SER A 379 25.11 -3.27 33.56
N SER A 380 24.91 -2.37 32.59
CA SER A 380 25.99 -1.73 31.87
C SER A 380 26.01 -0.24 32.16
N LEU A 381 27.20 0.35 32.08
CA LEU A 381 27.40 1.76 32.39
C LEU A 381 27.96 2.46 31.16
N TYR A 382 27.39 3.63 30.84
CA TYR A 382 27.83 4.44 29.72
C TYR A 382 28.48 5.72 30.22
N ASP A 383 29.57 6.10 29.59
CA ASP A 383 30.34 7.27 30.00
C ASP A 383 29.74 8.51 29.37
N LEU A 384 29.22 9.41 30.20
CA LEU A 384 28.65 10.66 29.72
C LEU A 384 29.65 11.78 29.65
N SER A 385 30.94 11.51 29.56
CA SER A 385 31.94 12.58 29.49
C SER A 385 31.84 13.28 28.15
N CYS A 386 31.46 14.56 28.19
CA CYS A 386 31.40 15.41 26.99
C CYS A 386 30.32 14.94 26.01
N ILE A 387 29.12 14.66 26.53
CA ILE A 387 27.96 14.33 25.70
C ILE A 387 26.81 15.32 25.93
N ASP A 388 26.54 15.67 27.19
CA ASP A 388 25.44 16.56 27.49
C ASP A 388 25.89 17.91 28.02
N THR A 389 27.00 17.95 28.77
CA THR A 389 27.57 19.21 29.25
C THR A 389 29.08 19.18 29.06
N CYS A 390 29.59 20.12 28.27
CA CYS A 390 31.02 20.28 28.05
C CYS A 390 31.48 21.73 28.13
N GLU A 391 30.58 22.70 28.10
CA GLU A 391 30.88 24.12 28.26
C GLU A 391 31.58 24.73 27.05
N LYS A 392 31.94 23.91 26.06
CA LYS A 392 32.35 24.45 24.77
C LYS A 392 31.55 23.86 23.61
N ASN A 393 31.40 22.53 23.58
CA ASN A 393 30.56 21.87 22.60
C ASN A 393 30.44 20.40 22.97
N SER A 394 29.22 19.87 22.89
CA SER A 394 28.94 18.50 23.31
C SER A 394 28.14 17.81 22.20
N VAL A 395 28.03 16.49 22.33
CA VAL A 395 27.36 15.71 21.29
C VAL A 395 25.92 16.16 21.13
N LEU A 396 25.20 16.35 22.24
CA LEU A 396 23.79 16.67 22.16
C LEU A 396 23.55 18.02 21.50
N GLU A 397 24.25 19.06 21.97
CA GLU A 397 23.99 20.39 21.42
C GLU A 397 24.59 20.55 20.03
N VAL A 398 25.65 19.79 19.73
CA VAL A 398 26.20 19.80 18.37
C VAL A 398 25.21 19.17 17.40
N ILE A 399 24.58 18.07 17.80
CA ILE A 399 23.62 17.40 16.91
C ILE A 399 22.37 18.25 16.77
N ALA A 400 21.84 18.77 17.89
CA ALA A 400 20.55 19.43 17.86
C ALA A 400 20.61 20.73 17.07
N TYR A 401 21.66 21.53 17.27
CA TYR A 401 21.78 22.83 16.64
C TYR A 401 22.53 22.78 15.32
N SER A 402 22.81 21.59 14.80
CA SER A 402 23.46 21.48 13.50
C SER A 402 22.51 21.96 12.41
N SER A 403 23.04 22.70 11.45
CA SER A 403 22.24 23.16 10.33
C SER A 403 21.64 21.97 9.59
N SER A 404 20.63 22.26 8.77
CA SER A 404 19.99 21.20 8.00
C SER A 404 20.93 20.57 6.99
N GLU A 405 22.07 21.21 6.71
CA GLU A 405 23.01 20.67 5.75
C GLU A 405 23.58 19.32 6.20
N THR A 406 23.67 19.07 7.50
CA THR A 406 24.27 17.85 7.99
C THR A 406 23.44 16.65 7.52
N PRO A 407 24.08 15.55 7.06
CA PRO A 407 23.31 14.46 6.46
C PRO A 407 22.30 13.79 7.38
N ASN A 408 22.75 13.23 8.51
CA ASN A 408 21.92 12.32 9.31
C ASN A 408 21.55 12.92 10.66
N ARG A 409 21.15 14.20 10.67
CA ARG A 409 20.80 14.85 11.93
C ARG A 409 19.61 14.20 12.60
N HIS A 410 18.65 13.69 11.81
CA HIS A 410 17.47 13.07 12.39
C HIS A 410 17.80 11.72 13.03
N ASP A 411 18.56 10.88 12.33
CA ASP A 411 18.85 9.54 12.79
C ASP A 411 19.93 9.48 13.84
N MET A 412 20.60 10.60 14.12
CA MET A 412 21.76 10.57 14.98
C MET A 412 21.38 10.26 16.42
N LEU A 413 20.19 10.69 16.85
CA LEU A 413 19.78 10.53 18.24
C LEU A 413 19.27 9.13 18.54
N LEU A 414 19.13 8.27 17.54
CA LEU A 414 18.64 6.91 17.77
C LEU A 414 19.67 6.01 18.44
N VAL A 415 20.91 6.46 18.57
CA VAL A 415 21.91 5.68 19.29
C VAL A 415 21.51 5.61 20.76
N GLU A 416 21.60 4.40 21.33
CA GLU A 416 20.96 4.03 22.60
C GLU A 416 21.17 5.06 23.72
N PRO A 417 22.42 5.33 24.12
CA PRO A 417 22.62 6.20 25.28
C PRO A 417 21.97 7.56 25.12
N LEU A 418 21.97 8.12 23.92
CA LEU A 418 21.41 9.44 23.71
C LEU A 418 19.90 9.45 23.90
N ASN A 419 19.22 8.45 23.34
CA ASN A 419 17.77 8.34 23.55
C ASN A 419 17.44 8.15 25.03
N ARG A 420 18.18 7.30 25.72
CA ARG A 420 17.94 7.11 27.14
C ARG A 420 18.14 8.41 27.91
N LEU A 421 19.21 9.15 27.60
CA LEU A 421 19.45 10.43 28.27
C LEU A 421 18.32 11.40 28.04
N LEU A 422 17.88 11.56 26.80
CA LEU A 422 16.84 12.54 26.51
C LEU A 422 15.56 12.18 27.24
N GLN A 423 15.17 10.90 27.20
CA GLN A 423 13.96 10.49 27.91
C GLN A 423 14.10 10.71 29.41
N ASP A 424 15.26 10.40 29.98
CA ASP A 424 15.46 10.59 31.41
C ASP A 424 15.32 12.05 31.80
N LYS A 425 15.98 12.95 31.06
CA LYS A 425 15.90 14.37 31.37
C LYS A 425 14.46 14.87 31.25
N TRP A 426 13.78 14.45 30.20
CA TRP A 426 12.39 14.84 29.99
C TRP A 426 11.61 14.50 31.25
N ASP A 427 11.53 13.19 31.54
CA ASP A 427 10.73 12.70 32.66
C ASP A 427 11.14 13.36 33.97
N ARG A 428 12.43 13.68 34.13
CA ARG A 428 12.89 14.30 35.36
C ARG A 428 12.24 15.66 35.57
N PHE A 429 12.54 16.63 34.67
CA PHE A 429 12.03 17.98 34.92
C PHE A 429 11.44 18.69 33.71
N VAL A 430 11.78 18.29 32.49
CA VAL A 430 11.41 19.13 31.36
C VAL A 430 9.92 19.02 31.11
N LYS A 431 9.33 17.88 31.42
CA LYS A 431 7.90 17.70 31.20
C LYS A 431 7.09 18.70 32.02
N ARG A 432 7.44 18.87 33.30
CA ARG A 432 6.73 19.82 34.15
C ARG A 432 6.98 21.25 33.69
N ILE A 433 8.24 21.58 33.34
CA ILE A 433 8.49 22.95 32.88
C ILE A 433 7.67 23.25 31.63
N PHE A 434 7.63 22.31 30.69
CA PHE A 434 6.89 22.49 29.45
C PHE A 434 5.40 22.64 29.71
N TYR A 435 4.86 21.82 30.62
CA TYR A 435 3.44 21.94 30.94
C TYR A 435 3.10 23.31 31.52
N PHE A 436 3.96 23.82 32.40
CA PHE A 436 3.71 25.14 32.95
C PHE A 436 3.72 26.20 31.86
N ASN A 437 4.69 26.12 30.94
CA ASN A 437 4.74 27.09 29.85
C ASN A 437 3.48 27.02 28.99
N PHE A 438 3.02 25.80 28.69
CA PHE A 438 1.81 25.65 27.90
C PHE A 438 0.62 26.28 28.59
N PHE A 439 0.49 26.05 29.90
CA PHE A 439 -0.62 26.63 30.65
C PHE A 439 -0.58 28.16 30.60
N VAL A 440 0.61 28.74 30.78
CA VAL A 440 0.72 30.19 30.78
C VAL A 440 0.35 30.75 29.41
N TYR A 441 0.78 30.08 28.34
CA TYR A 441 0.42 30.55 27.01
C TYR A 441 -1.08 30.49 26.78
N CYS A 442 -1.73 29.42 27.25
CA CYS A 442 -3.18 29.33 27.12
C CYS A 442 -3.86 30.48 27.84
N LEU A 443 -3.42 30.79 29.07
CA LEU A 443 -4.02 31.92 29.78
C LEU A 443 -3.81 33.23 29.02
N TYR A 444 -2.61 33.43 28.48
CA TYR A 444 -2.34 34.67 27.75
C TYR A 444 -3.25 34.80 26.54
N MET A 445 -3.43 33.71 25.78
CA MET A 445 -4.28 33.78 24.61
C MET A 445 -5.73 34.03 24.99
N ILE A 446 -6.20 33.42 26.09
CA ILE A 446 -7.57 33.67 26.54
C ILE A 446 -7.76 35.14 26.92
N ILE A 447 -6.80 35.71 27.63
CA ILE A 447 -6.91 37.12 28.01
C ILE A 447 -6.92 38.00 26.78
N PHE A 448 -6.05 37.72 25.81
CA PHE A 448 -6.00 38.50 24.58
C PHE A 448 -7.32 38.41 23.82
N THR A 449 -7.89 37.21 23.72
CA THR A 449 -9.17 37.06 23.04
C THR A 449 -10.26 37.86 23.74
N ALA A 450 -10.33 37.77 25.07
CA ALA A 450 -11.37 38.49 25.78
C ALA A 450 -11.22 39.99 25.61
N ALA A 451 -9.99 40.50 25.66
CA ALA A 451 -9.77 41.92 25.49
C ALA A 451 -10.16 42.38 24.09
N ALA A 452 -9.79 41.60 23.07
CA ALA A 452 -10.10 42.01 21.70
C ALA A 452 -11.58 41.92 21.39
N TYR A 453 -12.28 40.95 21.99
CA TYR A 453 -13.70 40.76 21.69
C TYR A 453 -14.53 41.94 22.15
N TYR A 454 -14.05 42.68 23.16
CA TYR A 454 -14.80 43.75 23.79
C TYR A 454 -14.23 45.13 23.48
N ARG A 455 -13.63 45.32 22.31
CA ARG A 455 -13.09 46.62 21.98
C ARG A 455 -14.23 47.64 21.90
N PRO A 456 -13.96 48.92 22.17
CA PRO A 456 -15.05 49.86 22.41
C PRO A 456 -15.78 50.35 21.17
N VAL A 457 -15.21 50.12 19.98
CA VAL A 457 -15.81 50.55 18.72
C VAL A 457 -16.52 51.89 18.57
N GLU A 458 -15.84 52.96 18.96
CA GLU A 458 -16.38 54.32 18.85
C GLU A 458 -15.84 55.29 17.82
N GLY A 459 -14.65 55.07 17.28
CA GLY A 459 -14.09 55.92 16.25
C GLY A 459 -12.83 56.65 16.69
N LEU A 460 -11.84 56.61 15.80
CA LEU A 460 -10.61 57.38 15.94
C LEU A 460 -9.96 57.19 17.31
N PRO A 461 -9.30 56.07 17.56
CA PRO A 461 -8.62 55.87 18.86
C PRO A 461 -7.60 56.97 19.10
N PRO A 462 -7.04 57.05 20.32
CA PRO A 462 -7.26 56.19 21.49
C PRO A 462 -8.61 56.44 22.16
N TYR A 463 -9.01 55.56 23.06
CA TYR A 463 -10.30 55.63 23.73
C TYR A 463 -10.12 55.97 25.21
N LYS A 464 -11.11 56.66 25.76
CA LYS A 464 -11.06 57.10 27.14
C LYS A 464 -11.40 55.93 28.07
N LEU A 465 -11.15 56.12 29.36
CA LEU A 465 -11.33 55.08 30.36
C LEU A 465 -12.59 55.41 31.16
N LYS A 466 -13.69 54.74 30.84
CA LYS A 466 -14.92 54.92 31.60
C LYS A 466 -14.76 54.32 33.00
N ASN A 467 -15.38 54.99 33.98
CA ASN A 467 -15.26 54.58 35.38
C ASN A 467 -16.22 53.43 35.64
N THR A 468 -15.81 52.24 35.23
CA THR A 468 -16.60 51.03 35.45
C THR A 468 -15.65 49.85 35.56
N VAL A 469 -16.14 48.77 36.18
CA VAL A 469 -15.31 47.60 36.41
C VAL A 469 -14.91 46.96 35.07
N GLY A 470 -15.87 46.83 34.15
CA GLY A 470 -15.58 46.17 32.89
C GLY A 470 -14.50 46.89 32.09
N ASP A 471 -14.57 48.22 32.07
CA ASP A 471 -13.57 48.99 31.33
C ASP A 471 -12.19 48.83 31.95
N TYR A 472 -12.12 48.80 33.28
CA TYR A 472 -10.85 48.58 33.96
C TYR A 472 -10.28 47.22 33.60
N PHE A 473 -11.13 46.19 33.61
CA PHE A 473 -10.66 44.86 33.24
C PHE A 473 -10.18 44.83 31.80
N ARG A 474 -10.89 45.51 30.90
CA ARG A 474 -10.47 45.53 29.50
C ARG A 474 -9.11 46.20 29.34
N VAL A 475 -8.90 47.32 30.03
CA VAL A 475 -7.62 48.00 29.97
C VAL A 475 -6.50 47.09 30.49
N THR A 476 -6.76 46.42 31.62
CA THR A 476 -5.76 45.49 32.15
C THR A 476 -5.45 44.37 31.14
N GLY A 477 -6.48 43.83 30.50
CA GLY A 477 -6.27 42.77 29.54
C GLY A 477 -5.43 43.21 28.36
N GLU A 478 -5.70 44.41 27.83
CA GLU A 478 -4.93 44.86 26.69
C GLU A 478 -3.49 45.19 27.08
N ILE A 479 -3.27 45.72 28.29
CA ILE A 479 -1.90 45.93 28.73
C ILE A 479 -1.16 44.60 28.82
N LEU A 480 -1.81 43.58 29.38
CA LEU A 480 -1.17 42.27 29.49
C LEU A 480 -0.86 41.69 28.12
N SER A 481 -1.78 41.85 27.17
CA SER A 481 -1.54 41.33 25.83
C SER A 481 -0.35 42.02 25.16
N VAL A 482 -0.26 43.34 25.31
CA VAL A 482 0.88 44.06 24.74
C VAL A 482 2.17 43.62 25.40
N SER A 483 2.15 43.38 26.71
CA SER A 483 3.34 42.89 27.40
C SER A 483 3.78 41.55 26.84
N GLY A 484 2.84 40.63 26.63
CA GLY A 484 3.18 39.36 26.01
C GLY A 484 3.77 39.53 24.62
N GLY A 485 3.20 40.44 23.84
CA GLY A 485 3.72 40.67 22.50
C GLY A 485 5.15 41.15 22.51
N VAL A 486 5.47 42.11 23.39
CA VAL A 486 6.84 42.60 23.44
C VAL A 486 7.78 41.52 23.96
N TYR A 487 7.32 40.69 24.90
CA TYR A 487 8.16 39.60 25.39
C TYR A 487 8.52 38.66 24.26
N PHE A 488 7.54 38.30 23.43
CA PHE A 488 7.83 37.40 22.31
C PHE A 488 8.75 38.07 21.29
N PHE A 489 8.57 39.37 21.07
CA PHE A 489 9.45 40.09 20.14
C PHE A 489 10.90 40.04 20.60
N PHE A 490 11.13 40.31 21.89
CA PHE A 490 12.49 40.26 22.42
C PHE A 490 13.05 38.84 22.39
N ARG A 491 12.23 37.85 22.70
CA ARG A 491 12.70 36.47 22.62
C ARG A 491 13.15 36.12 21.22
N GLY A 492 12.37 36.50 20.21
CA GLY A 492 12.78 36.24 18.84
C GLY A 492 14.07 36.96 18.49
N ILE A 493 14.20 38.21 18.92
CA ILE A 493 15.42 38.96 18.64
C ILE A 493 16.63 38.23 19.20
N GLN A 494 16.58 37.82 20.47
CA GLN A 494 17.76 37.21 21.06
C GLN A 494 18.01 35.83 20.46
N TYR A 495 16.95 35.12 20.09
CA TYR A 495 17.15 33.86 19.38
C TYR A 495 17.94 34.08 18.09
N PHE A 496 17.53 35.07 17.30
CA PHE A 496 18.21 35.31 16.03
C PHE A 496 19.65 35.72 16.27
N LEU A 497 19.88 36.56 17.28
CA LEU A 497 21.25 36.99 17.58
C LEU A 497 22.12 35.80 18.01
N GLN A 498 21.58 34.91 18.83
CA GLN A 498 22.39 33.82 19.37
C GLN A 498 22.65 32.76 18.30
N ARG A 499 21.59 32.17 17.75
CA ARG A 499 21.78 31.13 16.74
C ARG A 499 22.47 31.70 15.51
N ARG A 500 22.12 32.93 15.12
CA ARG A 500 22.68 33.58 13.95
C ARG A 500 22.59 32.64 12.75
N PRO A 501 21.39 32.33 12.27
CA PRO A 501 21.25 31.44 11.11
C PRO A 501 22.01 31.99 9.91
N SER A 502 22.19 31.13 8.91
CA SER A 502 22.96 31.45 7.72
C SER A 502 22.17 32.25 6.70
N LEU A 503 21.02 32.79 7.08
CA LEU A 503 20.13 33.58 6.23
C LEU A 503 19.39 32.71 5.21
N LYS A 504 19.67 31.42 5.16
CA LYS A 504 18.94 30.48 4.31
C LYS A 504 18.18 29.42 5.09
N SER A 505 18.71 28.99 6.24
CA SER A 505 17.94 28.10 7.10
C SER A 505 16.74 28.81 7.73
N LEU A 506 16.68 30.14 7.65
CA LEU A 506 15.50 30.85 8.12
C LEU A 506 14.25 30.37 7.38
N PHE A 507 14.38 30.13 6.08
CA PHE A 507 13.28 29.63 5.28
C PHE A 507 13.22 28.10 5.26
N VAL A 508 14.13 27.42 5.95
CA VAL A 508 14.16 25.97 5.97
C VAL A 508 14.09 25.39 7.38
N ASP A 509 14.53 26.12 8.40
CA ASP A 509 14.48 25.66 9.78
C ASP A 509 14.01 26.80 10.67
N SER A 510 13.59 26.46 11.89
CA SER A 510 13.06 27.45 12.86
C SER A 510 11.77 28.07 12.32
N TYR A 511 10.79 27.29 11.88
CA TYR A 511 9.49 27.83 11.50
C TYR A 511 8.73 28.39 12.70
N SER A 512 8.78 27.69 13.83
CA SER A 512 8.06 28.15 15.02
C SER A 512 8.57 29.52 15.47
N GLU A 513 9.90 29.70 15.47
CA GLU A 513 10.46 30.95 15.93
C GLU A 513 10.03 32.10 15.04
N ILE A 514 10.07 31.92 13.72
CA ILE A 514 9.69 32.99 12.82
C ILE A 514 8.19 33.27 12.93
N LEU A 515 7.38 32.24 13.15
CA LEU A 515 5.94 32.47 13.30
C LEU A 515 5.64 33.27 14.56
N PHE A 516 6.27 32.92 15.68
CA PHE A 516 6.07 33.69 16.91
C PHE A 516 6.55 35.12 16.75
N PHE A 517 7.68 35.31 16.07
CA PHE A 517 8.19 36.65 15.83
C PHE A 517 7.22 37.45 14.97
N VAL A 518 6.61 36.84 13.97
CA VAL A 518 5.68 37.56 13.10
C VAL A 518 4.42 37.93 13.88
N GLN A 519 3.94 37.04 14.75
CA GLN A 519 2.84 37.41 15.64
C GLN A 519 3.19 38.65 16.44
N SER A 520 4.38 38.66 17.04
CA SER A 520 4.78 39.82 17.84
C SER A 520 4.87 41.08 16.98
N LEU A 521 5.36 40.95 15.76
CA LEU A 521 5.45 42.11 14.86
C LEU A 521 4.06 42.67 14.57
N PHE A 522 3.09 41.79 14.32
CA PHE A 522 1.73 42.26 14.09
C PHE A 522 1.20 43.00 15.32
N MET A 523 1.46 42.46 16.51
CA MET A 523 0.97 43.12 17.73
C MET A 523 1.60 44.51 17.88
N LEU A 524 2.90 44.62 17.63
CA LEU A 524 3.56 45.91 17.80
C LEU A 524 3.09 46.93 16.77
N VAL A 525 2.92 46.50 15.52
CA VAL A 525 2.37 47.40 14.50
C VAL A 525 0.96 47.84 14.90
N SER A 526 0.19 46.92 15.48
CA SER A 526 -1.14 47.28 15.95
C SER A 526 -1.08 48.37 17.01
N VAL A 527 -0.16 48.25 17.96
CA VAL A 527 -0.06 49.26 19.01
C VAL A 527 0.32 50.60 18.40
N VAL A 528 1.31 50.60 17.50
CA VAL A 528 1.75 51.86 16.90
C VAL A 528 0.61 52.53 16.15
N LEU A 529 -0.14 51.75 15.35
CA LEU A 529 -1.29 52.31 14.64
C LEU A 529 -2.33 52.82 15.61
N TYR A 530 -2.56 52.10 16.71
CA TYR A 530 -3.58 52.51 17.66
C TYR A 530 -3.28 53.87 18.24
N PHE A 531 -2.02 54.10 18.64
CA PHE A 531 -1.70 55.39 19.24
C PHE A 531 -1.53 56.49 18.20
N SER A 532 -1.58 56.16 16.92
CA SER A 532 -1.50 57.13 15.84
C SER A 532 -2.87 57.54 15.31
N GLN A 533 -3.95 57.16 15.99
CA GLN A 533 -5.30 57.54 15.61
C GLN A 533 -5.68 56.98 14.23
N ARG A 534 -5.65 55.66 14.13
CA ARG A 534 -6.01 54.96 12.91
C ARG A 534 -6.84 53.73 13.25
N LYS A 535 -7.68 53.31 12.31
CA LYS A 535 -8.53 52.14 12.50
C LYS A 535 -7.88 50.84 12.05
N GLU A 536 -6.76 50.90 11.33
CA GLU A 536 -6.11 49.69 10.85
C GLU A 536 -5.48 48.87 11.97
N TYR A 537 -5.40 49.45 13.18
CA TYR A 537 -4.93 48.65 14.30
C TYR A 537 -5.81 47.44 14.52
N VAL A 538 -7.11 47.54 14.19
CA VAL A 538 -7.99 46.39 14.31
C VAL A 538 -7.58 45.29 13.34
N ALA A 539 -7.23 45.66 12.11
CA ALA A 539 -6.79 44.66 11.14
C ALA A 539 -5.51 43.98 11.62
N SER A 540 -4.55 44.77 12.09
CA SER A 540 -3.30 44.18 12.59
C SER A 540 -3.57 43.25 13.76
N MET A 541 -4.43 43.66 14.69
CA MET A 541 -4.64 42.84 15.88
C MET A 541 -5.42 41.57 15.57
N VAL A 542 -6.34 41.60 14.59
CA VAL A 542 -7.03 40.37 14.23
C VAL A 542 -6.06 39.41 13.55
N PHE A 543 -5.16 39.92 12.71
CA PHE A 543 -4.14 39.05 12.14
C PHE A 543 -3.30 38.41 13.24
N SER A 544 -2.89 39.22 14.22
CA SER A 544 -2.09 38.70 15.32
C SER A 544 -2.86 37.65 16.12
N LEU A 545 -4.16 37.89 16.36
CA LEU A 545 -4.98 36.96 17.12
C LEU A 545 -5.08 35.60 16.43
N ALA A 546 -5.36 35.62 15.12
CA ALA A 546 -5.43 34.37 14.38
C ALA A 546 -4.08 33.66 14.38
N MET A 547 -3.00 34.41 14.19
CA MET A 547 -1.67 33.79 14.21
C MET A 547 -1.38 33.16 15.56
N GLY A 548 -1.75 33.82 16.65
CA GLY A 548 -1.51 33.24 17.96
C GLY A 548 -2.31 31.97 18.21
N TRP A 549 -3.58 31.98 17.81
CA TRP A 549 -4.39 30.78 18.01
C TRP A 549 -3.85 29.62 17.18
N THR A 550 -3.32 29.89 15.98
CA THR A 550 -2.67 28.82 15.22
C THR A 550 -1.36 28.38 15.84
N ASN A 551 -0.55 29.32 16.34
CA ASN A 551 0.70 28.98 17.01
C ASN A 551 0.49 28.16 18.27
N MET A 552 -0.72 28.19 18.82
CA MET A 552 -1.06 27.26 19.89
C MET A 552 -0.63 25.82 19.56
N LEU A 553 -0.52 25.50 18.27
CA LEU A 553 -0.20 24.14 17.84
C LEU A 553 1.25 23.77 18.12
N TYR A 554 2.10 24.73 18.48
CA TYR A 554 3.50 24.43 18.77
C TYR A 554 3.63 23.49 19.95
N TYR A 555 2.83 23.69 21.00
CA TYR A 555 2.89 22.89 22.20
C TYR A 555 2.35 21.48 21.99
N THR A 556 1.97 21.13 20.77
CA THR A 556 1.54 19.77 20.48
C THR A 556 2.68 18.78 20.73
N ARG A 557 3.93 19.23 20.62
CA ARG A 557 5.06 18.41 21.02
C ARG A 557 5.06 18.25 22.54
N GLY A 558 5.66 17.17 23.00
CA GLY A 558 5.46 16.73 24.37
C GLY A 558 4.41 15.67 24.51
N PHE A 559 3.61 15.44 23.47
CA PHE A 559 2.69 14.32 23.38
C PHE A 559 2.97 13.59 22.07
N GLN A 560 3.24 12.30 22.15
CA GLN A 560 3.79 11.59 20.99
C GLN A 560 2.86 11.65 19.80
N GLN A 561 1.61 11.20 19.97
CA GLN A 561 0.70 11.08 18.83
C GLN A 561 0.43 12.43 18.20
N MET A 562 0.12 13.44 19.02
CA MET A 562 -0.16 14.77 18.49
C MET A 562 1.09 15.38 17.86
N GLY A 563 2.27 15.12 18.43
CA GLY A 563 3.48 15.60 17.80
C GLY A 563 3.71 15.02 16.42
N ILE A 564 3.48 13.72 16.28
CA ILE A 564 3.60 13.09 14.97
C ILE A 564 2.61 13.72 13.99
N TYR A 565 1.38 13.94 14.45
CA TYR A 565 0.37 14.55 13.61
C TYR A 565 0.79 15.94 13.13
N ALA A 566 1.35 16.75 14.03
CA ALA A 566 1.78 18.09 13.65
C ALA A 566 2.95 18.04 12.67
N VAL A 567 3.89 17.12 12.88
CA VAL A 567 4.99 16.99 11.93
C VAL A 567 4.46 16.62 10.56
N MET A 568 3.47 15.72 10.50
CA MET A 568 2.87 15.37 9.23
C MET A 568 2.22 16.58 8.57
N ILE A 569 1.52 17.40 9.36
CA ILE A 569 0.94 18.63 8.80
C ILE A 569 2.02 19.49 8.17
N GLU A 570 3.17 19.62 8.86
CA GLU A 570 4.24 20.48 8.38
C GLU A 570 4.79 19.97 7.04
N LYS A 571 5.04 18.66 6.95
CA LYS A 571 5.50 18.08 5.69
C LYS A 571 4.48 18.28 4.57
N MET A 572 3.21 18.03 4.86
CA MET A 572 2.17 18.15 3.84
C MET A 572 2.10 19.57 3.31
N ILE A 573 2.10 20.55 4.21
CA ILE A 573 2.10 21.94 3.80
C ILE A 573 3.29 22.23 2.90
N LEU A 574 4.48 21.73 3.28
CA LEU A 574 5.66 22.07 2.49
C LEU A 574 5.58 21.52 1.07
N ARG A 575 5.14 20.26 0.91
CA ARG A 575 5.20 19.64 -0.43
C ARG A 575 3.89 19.74 -1.21
N ASP A 576 2.84 19.10 -0.70
CA ASP A 576 1.69 18.79 -1.55
C ASP A 576 0.85 20.04 -1.79
N LEU A 577 0.60 20.81 -0.73
CA LEU A 577 -0.19 22.01 -0.87
C LEU A 577 0.51 23.00 -1.79
N CYS A 578 1.83 23.11 -1.71
CA CYS A 578 2.55 24.05 -2.56
C CYS A 578 2.41 23.68 -4.04
N ARG A 579 2.70 22.43 -4.39
CA ARG A 579 2.59 22.07 -5.81
C ARG A 579 1.14 22.21 -6.30
N PHE A 580 0.19 21.71 -5.50
CA PHE A 580 -1.21 21.81 -5.88
C PHE A 580 -1.62 23.26 -6.07
N MET A 581 -1.16 24.15 -5.18
CA MET A 581 -1.56 25.54 -5.26
C MET A 581 -1.02 26.19 -6.52
N PHE A 582 0.23 25.90 -6.87
CA PHE A 582 0.75 26.49 -8.11
C PHE A 582 -0.11 26.10 -9.30
N VAL A 583 -0.34 24.80 -9.49
CA VAL A 583 -1.09 24.37 -10.67
C VAL A 583 -2.52 24.91 -10.63
N TYR A 584 -3.15 24.84 -9.46
CA TYR A 584 -4.53 25.28 -9.33
C TYR A 584 -4.68 26.76 -9.60
N LEU A 585 -3.75 27.58 -9.11
CA LEU A 585 -3.82 29.02 -9.38
C LEU A 585 -3.67 29.29 -10.86
N VAL A 586 -2.77 28.59 -11.53
CA VAL A 586 -2.64 28.79 -12.97
C VAL A 586 -3.98 28.54 -13.67
N PHE A 587 -4.58 27.38 -13.37
CA PHE A 587 -5.84 27.03 -14.05
C PHE A 587 -6.94 28.03 -13.72
N LEU A 588 -7.07 28.39 -12.44
CA LEU A 588 -8.14 29.30 -12.02
C LEU A 588 -7.99 30.65 -12.70
N PHE A 589 -6.78 31.20 -12.72
CA PHE A 589 -6.57 32.50 -13.35
C PHE A 589 -6.87 32.44 -14.84
N GLY A 590 -6.41 31.40 -15.53
CA GLY A 590 -6.67 31.32 -16.96
C GLY A 590 -8.15 31.29 -17.28
N PHE A 591 -8.89 30.41 -16.60
CA PHE A 591 -10.31 30.29 -16.90
C PHE A 591 -11.09 31.51 -16.44
N SER A 592 -10.66 32.15 -15.34
CA SER A 592 -11.32 33.38 -14.92
C SER A 592 -11.14 34.48 -15.96
N THR A 593 -9.94 34.61 -16.51
CA THR A 593 -9.73 35.62 -17.56
C THR A 593 -10.60 35.34 -18.77
N ALA A 594 -10.66 34.07 -19.19
CA ALA A 594 -11.51 33.75 -20.33
C ALA A 594 -12.96 34.12 -20.07
N VAL A 595 -13.49 33.72 -18.90
CA VAL A 595 -14.89 33.97 -18.60
C VAL A 595 -15.18 35.45 -18.53
N VAL A 596 -14.31 36.22 -17.84
CA VAL A 596 -14.58 37.65 -17.67
C VAL A 596 -14.44 38.38 -18.98
N THR A 597 -13.57 37.91 -19.88
CA THR A 597 -13.52 38.47 -21.23
C THR A 597 -14.83 38.21 -21.97
N LEU A 598 -15.39 37.01 -21.80
CA LEU A 598 -16.66 36.71 -22.47
C LEU A 598 -17.78 37.64 -22.03
N ILE A 599 -17.86 37.93 -20.73
CA ILE A 599 -18.97 38.71 -20.20
C ILE A 599 -18.93 40.13 -20.77
N GLU A 600 -20.11 40.67 -21.09
CA GLU A 600 -20.21 42.01 -21.67
C GLU A 600 -20.17 43.08 -20.59
N ASP A 601 -21.13 43.06 -19.67
CA ASP A 601 -21.19 44.04 -18.59
C ASP A 601 -22.05 43.47 -17.47
N GLY A 602 -22.00 44.13 -16.33
CA GLY A 602 -22.82 43.78 -15.20
C GLY A 602 -22.01 43.74 -13.93
N LYS A 603 -22.54 43.03 -12.94
CA LYS A 603 -21.85 42.92 -11.66
C LYS A 603 -20.55 42.13 -11.80
N TYR A 604 -20.56 41.06 -12.59
CA TYR A 604 -19.42 40.16 -12.70
C TYR A 604 -18.49 40.52 -13.85
N ASN A 605 -18.44 41.78 -14.26
CA ASN A 605 -17.53 42.19 -15.30
C ASN A 605 -16.14 42.53 -14.77
N SER A 606 -15.90 42.36 -13.47
CA SER A 606 -14.61 42.60 -12.86
C SER A 606 -13.88 41.27 -12.67
N LEU A 607 -12.55 41.34 -12.71
CA LEU A 607 -11.75 40.14 -12.54
C LEU A 607 -11.93 39.53 -11.17
N TYR A 608 -12.03 40.36 -10.14
CA TYR A 608 -12.16 39.84 -8.77
C TYR A 608 -13.47 39.07 -8.59
N SER A 609 -14.58 39.62 -9.07
CA SER A 609 -15.87 38.97 -8.90
C SER A 609 -15.90 37.61 -9.59
N THR A 610 -15.39 37.54 -10.82
CA THR A 610 -15.40 36.29 -11.55
C THR A 610 -14.43 35.29 -10.94
N CYS A 611 -13.29 35.76 -10.43
CA CYS A 611 -12.38 34.84 -9.75
C CYS A 611 -13.02 34.25 -8.52
N LEU A 612 -13.74 35.06 -7.75
CA LEU A 612 -14.44 34.54 -6.58
C LEU A 612 -15.52 33.55 -6.97
N GLU A 613 -16.27 33.84 -8.03
CA GLU A 613 -17.30 32.92 -8.49
C GLU A 613 -16.70 31.59 -8.93
N LEU A 614 -15.59 31.63 -9.66
CA LEU A 614 -14.92 30.40 -10.07
C LEU A 614 -14.39 29.64 -8.86
N PHE A 615 -13.86 30.35 -7.87
CA PHE A 615 -13.35 29.69 -6.68
C PHE A 615 -14.46 29.00 -5.90
N LYS A 616 -15.66 29.56 -5.91
CA LYS A 616 -16.75 28.96 -5.13
C LYS A 616 -17.01 27.52 -5.53
N PHE A 617 -16.66 27.13 -6.76
CA PHE A 617 -16.84 25.74 -7.17
C PHE A 617 -16.01 24.80 -6.32
N THR A 618 -14.82 25.22 -5.92
CA THR A 618 -13.92 24.34 -5.18
C THR A 618 -14.49 23.95 -3.83
N ILE A 619 -15.31 24.80 -3.23
CA ILE A 619 -15.83 24.56 -1.89
C ILE A 619 -17.26 24.02 -1.95
N GLY A 620 -17.67 23.46 -3.08
CA GLY A 620 -19.01 22.91 -3.21
C GLY A 620 -20.12 23.92 -3.18
N MET A 621 -19.90 25.09 -3.79
CA MET A 621 -20.94 26.12 -3.84
C MET A 621 -21.01 26.81 -5.20
N GLY A 622 -20.55 26.15 -6.27
CA GLY A 622 -20.57 26.78 -7.57
C GLY A 622 -21.97 26.83 -8.18
N ASP A 623 -22.23 27.88 -8.94
CA ASP A 623 -23.59 28.17 -9.38
C ASP A 623 -23.89 27.70 -10.80
N LEU A 624 -22.95 27.82 -11.73
CA LEU A 624 -23.14 27.41 -13.13
C LEU A 624 -24.12 28.31 -13.88
N GLU A 625 -24.76 29.24 -13.18
CA GLU A 625 -25.64 30.21 -13.83
C GLU A 625 -25.53 31.59 -13.19
N PHE A 626 -24.36 31.94 -12.65
CA PHE A 626 -24.26 33.15 -11.84
C PHE A 626 -24.45 34.42 -12.63
N THR A 627 -24.43 34.36 -13.97
CA THR A 627 -24.63 35.54 -14.79
C THR A 627 -25.26 35.13 -16.11
N GLU A 628 -25.79 36.14 -16.82
CA GLU A 628 -26.37 35.93 -18.14
C GLU A 628 -25.97 37.02 -19.14
N ASN A 629 -25.06 37.92 -18.75
CA ASN A 629 -24.67 39.03 -19.61
C ASN A 629 -23.55 38.58 -20.56
N TYR A 630 -23.95 37.78 -21.53
CA TYR A 630 -23.03 37.31 -22.56
C TYR A 630 -23.83 37.05 -23.83
N ASP A 631 -23.11 36.99 -24.94
CA ASP A 631 -23.75 36.75 -26.23
C ASP A 631 -23.91 35.27 -26.55
N PHE A 632 -23.05 34.40 -26.01
CA PHE A 632 -23.03 33.00 -26.37
C PHE A 632 -23.12 32.15 -25.10
N LYS A 633 -24.21 31.40 -24.96
CA LYS A 633 -24.40 30.54 -23.80
C LYS A 633 -23.58 29.27 -23.91
N ALA A 634 -23.42 28.74 -25.12
CA ALA A 634 -22.66 27.51 -25.30
C ALA A 634 -21.21 27.70 -24.89
N VAL A 635 -20.60 28.82 -25.25
CA VAL A 635 -19.21 29.08 -24.88
C VAL A 635 -19.09 29.17 -23.37
N PHE A 636 -20.01 29.87 -22.72
CA PHE A 636 -20.00 29.99 -21.27
C PHE A 636 -20.07 28.62 -20.60
N ILE A 637 -21.02 27.80 -21.02
CA ILE A 637 -21.20 26.48 -20.41
C ILE A 637 -19.99 25.60 -20.66
N ILE A 638 -19.44 25.64 -21.87
CA ILE A 638 -18.28 24.80 -22.18
C ILE A 638 -17.09 25.21 -21.32
N LEU A 639 -16.86 26.51 -21.17
CA LEU A 639 -15.76 26.97 -20.33
C LEU A 639 -15.94 26.51 -18.89
N LEU A 640 -17.14 26.68 -18.35
CA LEU A 640 -17.37 26.31 -16.95
C LEU A 640 -17.21 24.80 -16.75
N LEU A 641 -17.76 24.00 -17.67
CA LEU A 641 -17.66 22.56 -17.55
C LEU A 641 -16.20 22.10 -17.66
N ALA A 642 -15.44 22.71 -18.56
CA ALA A 642 -14.03 22.35 -18.67
C ALA A 642 -13.29 22.68 -17.38
N TYR A 643 -13.54 23.85 -16.81
CA TYR A 643 -12.87 24.21 -15.56
C TYR A 643 -13.24 23.24 -14.45
N VAL A 644 -14.53 22.87 -14.36
CA VAL A 644 -14.95 21.95 -13.31
C VAL A 644 -14.28 20.60 -13.50
N ILE A 645 -14.34 20.04 -14.70
CA ILE A 645 -13.75 18.73 -14.93
C ILE A 645 -12.25 18.74 -14.65
N LEU A 646 -11.58 19.85 -14.99
CA LEU A 646 -10.13 19.90 -14.84
C LEU A 646 -9.72 20.04 -13.38
N THR A 647 -10.43 20.87 -12.61
CA THR A 647 -10.03 21.06 -11.21
C THR A 647 -10.78 20.13 -10.26
N TYR A 648 -12.10 20.28 -10.18
CA TYR A 648 -12.88 19.67 -9.11
C TYR A 648 -12.79 18.15 -9.17
N ILE A 649 -12.89 17.58 -10.37
CA ILE A 649 -12.96 16.12 -10.48
C ILE A 649 -11.56 15.51 -10.56
N LEU A 650 -10.61 16.23 -11.16
CA LEU A 650 -9.30 15.65 -11.40
C LEU A 650 -8.29 16.02 -10.31
N LEU A 651 -8.02 17.32 -10.13
CA LEU A 651 -6.89 17.74 -9.31
C LEU A 651 -7.13 17.46 -7.84
N LEU A 652 -8.34 17.72 -7.33
CA LEU A 652 -8.60 17.48 -5.92
C LEU A 652 -8.44 16.01 -5.56
N ASN A 653 -8.98 15.13 -6.41
CA ASN A 653 -8.86 13.70 -6.14
C ASN A 653 -7.41 13.24 -6.29
N MET A 654 -6.68 13.79 -7.25
CA MET A 654 -5.27 13.44 -7.35
C MET A 654 -4.50 13.93 -6.13
N LEU A 655 -4.89 15.08 -5.59
CA LEU A 655 -4.28 15.55 -4.34
C LEU A 655 -4.53 14.58 -3.21
N ILE A 656 -5.76 14.06 -3.12
CA ILE A 656 -6.04 13.05 -2.09
C ILE A 656 -5.13 11.84 -2.28
N ALA A 657 -4.98 11.39 -3.52
CA ALA A 657 -4.14 10.22 -3.79
C ALA A 657 -2.69 10.47 -3.41
N LEU A 658 -2.16 11.65 -3.77
CA LEU A 658 -0.76 11.93 -3.46
C LEU A 658 -0.55 12.13 -1.97
N MET A 659 -1.54 12.70 -1.28
CA MET A 659 -1.48 12.77 0.17
C MET A 659 -1.42 11.38 0.78
N GLY A 660 -2.22 10.45 0.24
CA GLY A 660 -2.15 9.08 0.73
C GLY A 660 -0.77 8.47 0.53
N GLU A 661 -0.19 8.68 -0.65
CA GLU A 661 1.16 8.16 -0.89
C GLU A 661 2.16 8.74 0.10
N THR A 662 2.14 10.06 0.28
CA THR A 662 3.08 10.70 1.19
C THR A 662 2.90 10.17 2.61
N VAL A 663 1.65 10.07 3.07
CA VAL A 663 1.39 9.51 4.39
C VAL A 663 1.98 8.12 4.52
N ASN A 664 1.85 7.32 3.45
CA ASN A 664 2.45 5.99 3.47
C ASN A 664 3.97 6.06 3.59
N LYS A 665 4.59 7.13 3.10
CA LYS A 665 6.04 7.13 2.97
C LYS A 665 6.79 7.76 4.15
N ILE A 666 6.15 8.54 5.00
CA ILE A 666 6.89 9.41 5.92
C ILE A 666 6.62 9.13 7.39
N ALA A 667 6.34 7.88 7.77
CA ALA A 667 6.00 7.60 9.15
C ALA A 667 7.23 7.69 10.06
N GLN A 668 8.24 6.86 9.79
CA GLN A 668 9.43 6.86 10.65
C GLN A 668 10.15 8.19 10.60
N GLU A 669 10.18 8.84 9.43
CA GLU A 669 10.78 10.16 9.35
C GLU A 669 10.04 11.15 10.24
N SER A 670 8.72 11.09 10.27
CA SER A 670 7.95 11.96 11.15
C SER A 670 8.28 11.70 12.61
N LYS A 671 8.40 10.42 13.00
CA LYS A 671 8.74 10.13 14.39
C LYS A 671 10.14 10.64 14.74
N ASN A 672 11.10 10.48 13.83
CA ASN A 672 12.44 10.98 14.10
C ASN A 672 12.46 12.49 14.22
N ILE A 673 11.70 13.18 13.36
CA ILE A 673 11.67 14.64 13.41
C ILE A 673 11.01 15.10 14.71
N TRP A 674 9.98 14.38 15.17
CA TRP A 674 9.38 14.71 16.46
C TRP A 674 10.39 14.54 17.59
N LYS A 675 11.16 13.45 17.55
CA LYS A 675 12.18 13.24 18.57
C LYS A 675 13.20 14.37 18.58
N LEU A 676 13.61 14.83 17.39
CA LEU A 676 14.55 15.94 17.32
C LEU A 676 13.94 17.23 17.86
N GLN A 677 12.65 17.44 17.59
CA GLN A 677 11.92 18.64 18.07
C GLN A 677 11.86 18.63 19.59
N ARG A 678 11.66 17.47 20.21
CA ARG A 678 11.64 17.36 21.67
C ARG A 678 13.05 17.51 22.25
N ALA A 679 14.06 16.99 21.57
CA ALA A 679 15.43 17.16 22.04
C ALA A 679 15.82 18.64 22.06
N ILE A 680 15.45 19.37 21.02
CA ILE A 680 15.74 20.80 20.98
C ILE A 680 15.02 21.51 22.12
N THR A 681 13.76 21.12 22.38
CA THR A 681 13.04 21.72 23.49
C THR A 681 13.74 21.47 24.82
N ILE A 682 14.23 20.24 25.03
CA ILE A 682 14.90 19.91 26.28
C ILE A 682 16.17 20.74 26.43
N LEU A 683 16.96 20.84 25.35
CA LEU A 683 18.21 21.59 25.44
C LEU A 683 17.95 23.07 25.69
N ASP A 684 16.96 23.64 25.02
CA ASP A 684 16.62 25.04 25.25
C ASP A 684 16.15 25.26 26.68
N THR A 685 15.34 24.35 27.20
CA THR A 685 14.88 24.46 28.58
C THR A 685 16.05 24.44 29.55
N GLU A 686 17.03 23.56 29.32
CA GLU A 686 18.22 23.56 30.18
C GLU A 686 18.98 24.87 30.06
N LYS A 687 19.21 25.34 28.84
CA LYS A 687 20.02 26.54 28.64
C LYS A 687 19.37 27.79 29.22
N SER A 688 18.04 27.93 29.11
CA SER A 688 17.40 29.10 29.69
C SER A 688 17.60 29.15 31.20
N PHE A 689 17.80 28.00 31.83
CA PHE A 689 17.94 27.91 33.28
C PHE A 689 16.69 28.42 33.98
N ALA A 696 19.84 19.79 37.94
CA ALA A 696 19.94 18.68 37.00
C ALA A 696 21.40 18.43 36.63
N PHE A 697 21.77 17.15 36.58
CA PHE A 697 23.10 16.77 36.15
C PHE A 697 23.03 15.42 35.46
N ARG A 698 24.17 14.96 34.96
CA ARG A 698 24.25 13.79 34.11
C ARG A 698 23.66 12.55 34.77
N SER A 699 24.33 12.05 35.80
CA SER A 699 23.94 10.81 36.47
C SER A 699 24.86 10.65 37.67
N GLY A 700 24.77 9.52 38.36
CA GLY A 700 25.61 9.30 39.53
C GLY A 700 27.07 9.14 39.16
N LYS A 701 27.94 9.66 40.02
CA LYS A 701 29.36 9.37 39.93
C LYS A 701 29.62 7.92 40.33
N LEU A 702 30.55 7.26 39.63
CA LEU A 702 30.83 5.86 39.92
C LEU A 702 32.27 5.53 39.54
N LEU A 703 32.74 4.41 40.06
CA LEU A 703 34.05 3.85 39.76
C LEU A 703 33.91 2.65 38.83
N GLN A 704 34.75 2.61 37.81
CA GLN A 704 34.68 1.58 36.78
C GLN A 704 35.97 0.78 36.63
N VAL A 705 37.13 1.42 36.68
CA VAL A 705 38.39 0.74 36.50
C VAL A 705 39.18 0.63 37.80
N GLY A 706 39.07 1.61 38.70
CA GLY A 706 39.78 1.60 39.95
C GLY A 706 41.24 2.01 39.82
N PHE A 707 41.81 1.93 38.62
CA PHE A 707 43.17 2.35 38.37
C PHE A 707 43.33 2.68 36.90
N THR A 708 43.83 3.88 36.61
CA THR A 708 44.24 4.23 35.26
C THR A 708 45.64 3.65 35.06
N PRO A 709 46.28 3.84 33.91
CA PRO A 709 47.67 3.38 33.78
C PRO A 709 48.56 3.93 34.88
N ASP A 710 48.30 5.16 35.34
CA ASP A 710 48.99 5.71 36.48
C ASP A 710 48.38 5.17 37.77
N GLY A 711 48.93 5.61 38.90
CA GLY A 711 48.46 5.12 40.19
C GLY A 711 47.04 5.55 40.52
N LYS A 712 46.73 6.81 40.24
CA LYS A 712 45.44 7.36 40.66
C LYS A 712 44.31 6.73 39.85
N ASP A 713 43.12 6.75 40.44
CA ASP A 713 41.93 6.20 39.83
C ASP A 713 41.13 7.33 39.17
N ASP A 714 39.98 6.99 38.59
CA ASP A 714 39.18 7.98 37.88
C ASP A 714 37.70 7.66 37.99
N TYR A 715 36.90 8.73 37.91
CA TYR A 715 35.45 8.66 37.88
C TYR A 715 34.98 9.35 36.62
N ARG A 716 33.95 8.80 35.95
CA ARG A 716 33.56 9.35 34.66
C ARG A 716 32.05 9.46 34.49
N TRP A 717 31.32 9.77 35.56
CA TRP A 717 29.95 10.28 35.46
C TRP A 717 29.08 9.37 34.57
N CYS A 718 28.90 8.14 35.04
CA CYS A 718 28.29 7.11 34.21
C CYS A 718 26.75 7.14 34.32
N PHE A 719 26.11 6.49 33.35
CA PHE A 719 24.64 6.45 33.24
C PHE A 719 24.23 4.99 33.05
N ARG A 720 23.44 4.47 34.00
CA ARG A 720 23.20 3.04 34.06
C ARG A 720 22.12 2.59 33.09
N VAL A 721 22.27 1.39 32.55
CA VAL A 721 21.27 0.75 31.71
C VAL A 721 21.27 -0.74 32.04
N ASP A 722 20.07 -1.31 32.13
CA ASP A 722 19.88 -2.72 32.46
C ASP A 722 19.27 -3.45 31.28
N GLU A 723 19.87 -4.59 30.91
CA GLU A 723 19.38 -5.40 29.80
C GLU A 723 19.39 -6.86 30.19
N VAL A 724 18.53 -7.64 29.55
CA VAL A 724 18.32 -9.05 29.87
C VAL A 724 18.64 -9.88 28.63
N ASN A 725 19.44 -10.92 28.80
CA ASN A 725 19.82 -11.82 27.73
C ASN A 725 19.48 -13.25 28.14
N TRP A 726 18.94 -14.02 27.20
CA TRP A 726 18.52 -15.39 27.47
C TRP A 726 19.36 -16.44 26.76
N THR A 727 20.33 -16.02 25.94
CA THR A 727 21.25 -16.91 25.26
C THR A 727 22.68 -16.49 25.56
N THR A 728 23.63 -17.21 24.96
CA THR A 728 25.05 -16.94 25.16
C THR A 728 25.38 -16.72 26.63
N TRP A 729 25.23 -17.78 27.42
CA TRP A 729 25.55 -17.73 28.85
C TRP A 729 27.04 -17.64 29.07
N SER B 197 19.46 -6.93 54.24
CA SER B 197 18.06 -7.18 53.78
C SER B 197 18.00 -7.34 52.27
N TYR B 198 18.91 -6.66 51.57
CA TYR B 198 18.94 -6.69 50.11
C TYR B 198 19.36 -8.07 49.60
N TYR B 199 20.56 -8.51 49.95
CA TYR B 199 21.06 -9.81 49.53
C TYR B 199 20.82 -10.91 50.57
N LYS B 200 20.17 -10.57 51.68
CA LYS B 200 20.08 -11.51 52.79
C LYS B 200 19.24 -12.72 52.41
N GLY B 201 19.60 -13.87 52.95
CA GLY B 201 18.98 -15.14 52.62
C GLY B 201 19.78 -15.99 51.67
N GLN B 202 20.72 -15.41 50.93
CA GLN B 202 21.53 -16.19 50.00
C GLN B 202 22.45 -17.13 50.76
N THR B 203 22.68 -18.31 50.18
CA THR B 203 23.62 -19.29 50.71
C THR B 203 24.60 -19.66 49.60
N ALA B 204 25.65 -20.38 49.99
CA ALA B 204 26.70 -20.73 49.02
C ALA B 204 26.15 -21.61 47.91
N LEU B 205 25.05 -22.33 48.15
CA LEU B 205 24.45 -23.12 47.08
C LEU B 205 23.99 -22.24 45.93
N HIS B 206 23.40 -21.09 46.24
CA HIS B 206 22.93 -20.19 45.18
C HIS B 206 24.09 -19.72 44.31
N ILE B 207 25.19 -19.30 44.94
CA ILE B 207 26.35 -18.86 44.17
C ILE B 207 26.91 -20.01 43.34
N ALA B 208 27.01 -21.21 43.94
CA ALA B 208 27.54 -22.35 43.21
C ALA B 208 26.69 -22.67 41.99
N ILE B 209 25.36 -22.62 42.15
CA ILE B 209 24.47 -22.91 41.04
C ILE B 209 24.58 -21.84 39.97
N GLU B 210 24.69 -20.58 40.37
CA GLU B 210 24.79 -19.49 39.41
C GLU B 210 26.04 -19.60 38.54
N ARG B 211 27.20 -19.87 39.13
CA ARG B 211 28.45 -19.88 38.38
C ARG B 211 28.58 -21.08 37.46
N ARG B 212 27.71 -22.08 37.61
CA ARG B 212 27.68 -23.24 36.71
C ARG B 212 28.98 -24.04 36.80
N ASN B 213 29.30 -24.49 38.02
CA ASN B 213 30.47 -25.34 38.27
C ASN B 213 29.98 -26.61 38.97
N MET B 214 29.95 -27.71 38.22
CA MET B 214 29.47 -28.98 38.79
C MET B 214 30.37 -29.47 39.91
N THR B 215 31.69 -29.39 39.72
CA THR B 215 32.61 -29.92 40.72
C THR B 215 32.41 -29.25 42.07
N LEU B 216 32.33 -27.92 42.07
CA LEU B 216 32.15 -27.20 43.32
C LEU B 216 30.79 -27.50 43.94
N VAL B 217 29.76 -27.67 43.10
CA VAL B 217 28.44 -28.00 43.62
C VAL B 217 28.48 -29.33 44.34
N THR B 218 29.11 -30.34 43.73
CA THR B 218 29.22 -31.64 44.37
C THR B 218 30.02 -31.56 45.67
N LEU B 219 31.16 -30.85 45.63
CA LEU B 219 31.99 -30.76 46.82
C LEU B 219 31.23 -30.07 47.96
N LEU B 220 30.50 -29.01 47.65
CA LEU B 220 29.72 -28.32 48.67
C LEU B 220 28.59 -29.21 49.19
N VAL B 221 27.97 -29.99 48.31
CA VAL B 221 26.91 -30.89 48.74
C VAL B 221 27.47 -32.00 49.62
N GLU B 222 28.76 -32.30 49.51
CA GLU B 222 29.36 -33.31 50.38
C GLU B 222 29.18 -32.95 51.85
N ASN B 223 29.39 -31.68 52.19
CA ASN B 223 29.29 -31.26 53.59
C ASN B 223 27.89 -31.42 54.14
N GLY B 224 26.88 -31.46 53.29
CA GLY B 224 25.51 -31.61 53.74
C GLY B 224 24.73 -30.32 53.88
N ALA B 225 25.15 -29.24 53.22
CA ALA B 225 24.43 -27.97 53.31
C ALA B 225 23.00 -28.15 52.85
N ASP B 226 22.06 -27.57 53.61
CA ASP B 226 20.65 -27.69 53.28
C ASP B 226 20.36 -27.14 51.90
N VAL B 227 19.54 -27.85 51.14
CA VAL B 227 19.18 -27.48 49.78
C VAL B 227 17.75 -26.94 49.71
N GLN B 228 17.26 -26.35 50.79
CA GLN B 228 15.91 -25.80 50.84
C GLN B 228 15.89 -24.38 51.38
N ALA B 229 17.06 -23.74 51.49
CA ALA B 229 17.11 -22.36 51.95
C ALA B 229 16.44 -21.45 50.94
N ALA B 230 15.63 -20.51 51.44
CA ALA B 230 14.91 -19.56 50.60
C ALA B 230 15.58 -18.20 50.68
N ALA B 231 15.93 -17.64 49.52
CA ALA B 231 16.56 -16.33 49.44
C ALA B 231 15.45 -15.28 49.40
N ASN B 232 15.27 -14.56 50.50
CA ASN B 232 14.23 -13.54 50.61
C ASN B 232 14.76 -12.13 50.36
N GLY B 233 15.99 -12.01 49.89
CA GLY B 233 16.55 -10.69 49.64
C GLY B 233 15.75 -9.92 48.60
N ASP B 234 15.72 -8.60 48.76
CA ASP B 234 14.97 -7.76 47.84
C ASP B 234 15.47 -7.88 46.41
N PHE B 235 16.76 -8.17 46.22
CA PHE B 235 17.26 -8.40 44.86
C PHE B 235 16.58 -9.61 44.25
N PHE B 236 16.24 -10.60 45.08
CA PHE B 236 15.56 -11.80 44.64
C PHE B 236 14.04 -11.67 44.65
N LYS B 237 13.53 -10.48 45.01
CA LYS B 237 12.08 -10.27 45.01
C LYS B 237 11.61 -9.94 43.60
N LYS B 238 10.29 -9.85 43.45
CA LYS B 238 9.68 -9.71 42.13
C LYS B 238 10.10 -8.41 41.45
N THR B 239 9.72 -7.27 42.01
CA THR B 239 9.99 -5.98 41.38
C THR B 239 10.36 -4.91 42.40
N LYS B 240 11.03 -5.29 43.48
CA LYS B 240 11.47 -4.33 44.50
C LYS B 240 12.70 -3.61 43.94
N GLY B 241 12.44 -2.65 43.07
CA GLY B 241 13.51 -1.89 42.42
C GLY B 241 13.86 -2.44 41.07
N ARG B 242 14.45 -1.58 40.23
CA ARG B 242 14.84 -2.00 38.88
C ARG B 242 15.82 -3.17 38.90
N PRO B 243 16.85 -3.18 39.75
CA PRO B 243 17.70 -4.37 39.83
C PRO B 243 16.99 -5.50 40.53
N GLY B 244 17.15 -6.70 40.01
CA GLY B 244 16.56 -7.88 40.62
C GLY B 244 16.32 -8.95 39.58
N PHE B 245 16.06 -10.15 40.08
CA PHE B 245 15.79 -11.30 39.23
C PHE B 245 14.98 -12.30 40.04
N TYR B 246 13.71 -12.48 39.68
CA TYR B 246 12.87 -13.46 40.34
C TYR B 246 13.10 -14.83 39.74
N PHE B 247 13.35 -15.82 40.59
CA PHE B 247 13.58 -17.18 40.12
C PHE B 247 12.86 -18.22 40.97
N GLY B 248 12.01 -17.81 41.91
CA GLY B 248 11.26 -18.74 42.73
C GLY B 248 11.75 -18.87 44.17
N GLU B 249 12.94 -18.36 44.47
CA GLU B 249 13.50 -18.33 45.83
C GLU B 249 13.94 -19.70 46.32
N LEU B 250 14.33 -20.61 45.44
CA LEU B 250 14.84 -21.90 45.85
C LEU B 250 15.95 -22.37 44.92
N PRO B 251 16.88 -23.19 45.41
CA PRO B 251 17.95 -23.68 44.52
C PRO B 251 17.41 -24.50 43.36
N LEU B 252 16.37 -25.29 43.59
CA LEU B 252 15.78 -26.07 42.50
C LEU B 252 15.23 -25.15 41.42
N SER B 253 14.51 -24.10 41.82
CA SER B 253 13.97 -23.17 40.84
C SER B 253 15.08 -22.39 40.15
N LEU B 254 16.12 -22.01 40.90
CA LEU B 254 17.24 -21.29 40.31
C LEU B 254 17.91 -22.14 39.23
N ALA B 255 18.10 -23.45 39.50
CA ALA B 255 18.65 -24.33 38.49
C ALA B 255 17.72 -24.46 37.30
N ALA B 256 16.41 -24.58 37.56
CA ALA B 256 15.46 -24.77 36.47
C ALA B 256 15.41 -23.56 35.55
N CYS B 257 15.60 -22.36 36.10
CA CYS B 257 15.39 -21.13 35.36
C CYS B 257 16.65 -20.56 34.72
N THR B 258 17.76 -21.30 34.76
CA THR B 258 19.05 -20.76 34.29
C THR B 258 19.83 -21.80 33.49
N ASN B 259 19.15 -22.60 32.67
CA ASN B 259 19.81 -23.56 31.78
C ASN B 259 20.66 -24.58 32.54
N GLN B 260 20.22 -24.99 33.73
CA GLN B 260 20.95 -25.96 34.53
C GLN B 260 20.13 -27.24 34.61
N LEU B 261 20.27 -28.10 33.60
CA LEU B 261 19.58 -29.38 33.58
C LEU B 261 20.33 -30.44 34.37
N ALA B 262 21.65 -30.51 34.20
CA ALA B 262 22.44 -31.43 34.99
C ALA B 262 22.33 -31.13 36.48
N ILE B 263 22.29 -29.85 36.84
CA ILE B 263 22.20 -29.48 38.25
C ILE B 263 20.88 -29.93 38.86
N VAL B 264 19.77 -29.74 38.14
CA VAL B 264 18.48 -30.16 38.67
C VAL B 264 18.39 -31.69 38.72
N LYS B 265 18.94 -32.36 37.72
CA LYS B 265 19.06 -33.82 37.78
C LYS B 265 19.79 -34.25 39.04
N PHE B 266 20.94 -33.63 39.32
CA PHE B 266 21.71 -33.97 40.52
C PHE B 266 20.89 -33.72 41.77
N LEU B 267 20.30 -32.52 41.89
CA LEU B 267 19.57 -32.18 43.11
C LEU B 267 18.40 -33.13 43.33
N LEU B 268 17.80 -33.65 42.26
CA LEU B 268 16.71 -34.61 42.39
C LEU B 268 17.19 -36.05 42.47
N GLN B 269 18.49 -36.30 42.28
CA GLN B 269 19.04 -37.64 42.31
C GLN B 269 20.28 -37.73 43.20
N ASN B 270 20.28 -37.01 44.32
CA ASN B 270 21.40 -37.03 45.27
C ASN B 270 20.97 -37.79 46.52
N SER B 271 21.82 -38.71 46.96
CA SER B 271 21.46 -39.56 48.10
C SER B 271 21.54 -38.81 49.42
N TRP B 272 22.47 -37.88 49.56
CA TRP B 272 22.67 -37.20 50.84
C TRP B 272 21.42 -36.43 51.25
N GLN B 273 20.81 -35.71 50.30
CA GLN B 273 19.62 -34.94 50.61
C GLN B 273 18.83 -34.66 49.33
N PRO B 274 17.93 -35.56 48.93
CA PRO B 274 17.18 -35.33 47.68
C PRO B 274 16.38 -34.04 47.74
N ALA B 275 16.29 -33.38 46.59
CA ALA B 275 15.60 -32.09 46.51
C ALA B 275 14.10 -32.30 46.37
N ASP B 276 13.33 -31.57 47.18
CA ASP B 276 11.88 -31.66 47.11
C ASP B 276 11.37 -31.02 45.83
N ILE B 277 10.33 -31.62 45.25
CA ILE B 277 9.80 -31.15 43.98
C ILE B 277 8.52 -30.33 44.13
N SER B 278 7.80 -30.47 45.24
CA SER B 278 6.57 -29.74 45.48
C SER B 278 6.76 -28.51 46.35
N ALA B 279 8.00 -28.13 46.64
CA ALA B 279 8.26 -27.02 47.55
C ALA B 279 7.64 -25.73 47.02
N ARG B 280 7.09 -24.95 47.93
CA ARG B 280 6.46 -23.66 47.63
C ARG B 280 7.22 -22.56 48.33
N ASP B 281 7.45 -21.45 47.62
CA ASP B 281 8.20 -20.34 48.17
C ASP B 281 7.26 -19.44 48.99
N SER B 282 7.75 -18.25 49.36
CA SER B 282 6.93 -17.32 50.12
C SER B 282 5.70 -16.90 49.34
N VAL B 283 5.87 -16.61 48.04
CA VAL B 283 4.73 -16.19 47.22
C VAL B 283 3.78 -17.34 46.95
N GLY B 284 4.22 -18.58 47.16
CA GLY B 284 3.42 -19.76 46.88
C GLY B 284 3.77 -20.45 45.58
N ASN B 285 4.71 -19.93 44.81
CA ASN B 285 5.03 -20.50 43.52
C ASN B 285 5.97 -21.70 43.66
N THR B 286 5.69 -22.76 42.91
CA THR B 286 6.58 -23.91 42.79
C THR B 286 7.51 -23.72 41.60
N VAL B 287 8.24 -24.78 41.27
CA VAL B 287 9.19 -24.71 40.16
C VAL B 287 8.47 -24.41 38.84
N LEU B 288 7.33 -25.07 38.62
CA LEU B 288 6.56 -24.81 37.40
C LEU B 288 6.00 -23.40 37.39
N HIS B 289 5.54 -22.91 38.54
CA HIS B 289 5.07 -21.53 38.64
C HIS B 289 6.18 -20.55 38.29
N ALA B 290 7.39 -20.78 38.81
CA ALA B 290 8.51 -19.89 38.50
C ALA B 290 8.87 -19.96 37.02
N LEU B 291 8.83 -21.16 36.44
CA LEU B 291 9.10 -21.30 35.02
C LEU B 291 8.10 -20.50 34.19
N VAL B 292 6.82 -20.56 34.56
CA VAL B 292 5.82 -19.73 33.90
C VAL B 292 6.14 -18.25 34.09
N GLU B 293 6.58 -17.87 35.29
CA GLU B 293 6.86 -16.47 35.58
C GLU B 293 7.98 -15.92 34.70
N VAL B 294 9.05 -16.72 34.51
CA VAL B 294 10.22 -16.22 33.78
C VAL B 294 10.01 -16.19 32.27
N ALA B 295 8.92 -16.76 31.77
CA ALA B 295 8.66 -16.72 30.34
C ALA B 295 8.31 -15.30 29.90
N ASP B 296 8.84 -14.88 28.75
CA ASP B 296 8.63 -13.53 28.24
C ASP B 296 8.27 -13.51 26.75
N ASN B 297 7.85 -14.64 26.19
CA ASN B 297 7.39 -14.71 24.80
C ASN B 297 8.52 -14.39 23.82
N THR B 298 9.63 -15.12 23.95
CA THR B 298 10.72 -15.07 22.98
C THR B 298 11.05 -16.48 22.53
N VAL B 299 11.51 -16.60 21.28
CA VAL B 299 11.63 -17.91 20.66
C VAL B 299 12.54 -18.82 21.48
N ASP B 300 13.75 -18.35 21.78
CA ASP B 300 14.68 -19.15 22.56
C ASP B 300 14.19 -19.31 23.99
N ASN B 301 13.69 -18.23 24.60
CA ASN B 301 13.18 -18.31 25.95
C ASN B 301 12.00 -19.27 26.02
N THR B 302 11.08 -19.18 25.06
CA THR B 302 9.94 -20.09 25.05
C THR B 302 10.39 -21.53 24.86
N LYS B 303 11.33 -21.77 23.96
CA LYS B 303 11.83 -23.12 23.73
C LYS B 303 12.40 -23.71 25.01
N PHE B 304 13.28 -22.96 25.69
CA PHE B 304 13.84 -23.44 26.93
C PHE B 304 12.78 -23.65 28.00
N VAL B 305 11.86 -22.70 28.16
CA VAL B 305 10.89 -22.82 29.23
C VAL B 305 10.04 -24.07 29.03
N THR B 306 9.57 -24.29 27.79
CA THR B 306 8.77 -25.47 27.53
C THR B 306 9.58 -26.75 27.72
N SER B 307 10.84 -26.76 27.27
CA SER B 307 11.66 -27.96 27.42
C SER B 307 11.85 -28.32 28.87
N MET B 308 12.21 -27.33 29.70
CA MET B 308 12.41 -27.60 31.12
C MET B 308 11.10 -28.00 31.79
N TYR B 309 9.98 -27.36 31.40
CA TYR B 309 8.68 -27.77 31.91
C TYR B 309 8.45 -29.25 31.67
N ASN B 310 8.64 -29.69 30.42
CA ASN B 310 8.40 -31.09 30.07
C ASN B 310 9.34 -32.01 30.84
N GLU B 311 10.62 -31.66 30.92
CA GLU B 311 11.59 -32.52 31.59
C GLU B 311 11.25 -32.67 33.08
N ILE B 312 10.93 -31.55 33.74
CA ILE B 312 10.61 -31.61 35.16
C ILE B 312 9.33 -32.40 35.38
N LEU B 313 8.35 -32.24 34.47
CA LEU B 313 7.11 -33.00 34.62
C LEU B 313 7.39 -34.50 34.54
N ILE B 314 8.21 -34.91 33.56
CA ILE B 314 8.53 -36.32 33.41
C ILE B 314 9.28 -36.82 34.63
N LEU B 315 10.24 -36.04 35.12
CA LEU B 315 11.00 -36.47 36.29
C LEU B 315 10.09 -36.61 37.51
N GLY B 316 9.17 -35.68 37.69
CA GLY B 316 8.24 -35.78 38.80
C GLY B 316 7.36 -37.01 38.69
N ALA B 317 6.95 -37.36 37.48
CA ALA B 317 6.22 -38.59 37.29
C ALA B 317 7.07 -39.80 37.67
N LYS B 318 8.35 -39.78 37.29
CA LYS B 318 9.22 -40.92 37.58
C LYS B 318 9.44 -41.10 39.07
N LEU B 319 9.84 -40.04 39.78
CA LEU B 319 10.14 -40.17 41.21
C LEU B 319 8.87 -40.35 42.03
N HIS B 320 7.84 -39.58 41.73
CA HIS B 320 6.60 -39.56 42.50
C HIS B 320 5.43 -39.78 41.55
N PRO B 321 5.15 -41.03 41.18
CA PRO B 321 4.03 -41.29 40.27
C PRO B 321 2.69 -40.84 40.84
N THR B 322 2.50 -40.94 42.16
CA THR B 322 1.23 -40.52 42.75
C THR B 322 1.04 -39.02 42.65
N LEU B 323 2.10 -38.25 42.89
CA LEU B 323 1.96 -36.80 42.94
C LEU B 323 1.67 -36.23 41.56
N LYS B 324 0.84 -35.18 41.54
CA LYS B 324 0.54 -34.44 40.32
C LYS B 324 0.86 -32.97 40.57
N LEU B 325 1.91 -32.47 39.93
CA LEU B 325 2.37 -31.11 40.17
C LEU B 325 1.45 -30.07 39.54
N GLU B 326 0.68 -30.45 38.52
CA GLU B 326 -0.11 -29.48 37.78
C GLU B 326 -1.23 -28.88 38.61
N GLU B 327 -1.59 -29.50 39.73
CA GLU B 327 -2.69 -29.01 40.57
C GLU B 327 -2.23 -28.12 41.71
N ILE B 328 -0.92 -28.03 41.97
CA ILE B 328 -0.45 -27.19 43.06
C ILE B 328 -0.74 -25.73 42.72
N THR B 329 -1.45 -25.05 43.62
CA THR B 329 -1.90 -23.69 43.41
C THR B 329 -1.15 -22.75 44.34
N ASN B 330 -0.67 -21.64 43.79
CA ASN B 330 0.10 -20.69 44.58
C ASN B 330 -0.81 -19.96 45.56
N ARG B 331 -0.21 -19.06 46.35
CA ARG B 331 -0.96 -18.32 47.35
C ARG B 331 -2.05 -17.45 46.74
N LYS B 332 -1.91 -17.11 45.46
CA LYS B 332 -2.91 -16.32 44.76
C LYS B 332 -4.15 -17.13 44.37
N GLY B 333 -4.09 -18.45 44.50
CA GLY B 333 -5.19 -19.30 44.09
C GLY B 333 -5.23 -19.61 42.61
N LEU B 334 -4.06 -19.72 41.98
CA LEU B 334 -3.97 -19.99 40.55
C LEU B 334 -3.04 -21.17 40.30
N THR B 335 -3.47 -22.09 39.45
CA THR B 335 -2.61 -23.15 38.95
C THR B 335 -1.70 -22.61 37.87
N PRO B 336 -0.61 -23.32 37.55
CA PRO B 336 0.31 -22.79 36.53
C PRO B 336 -0.36 -22.50 35.20
N LEU B 337 -1.35 -23.32 34.80
CA LEU B 337 -2.06 -23.04 33.56
C LEU B 337 -2.86 -21.75 33.68
N ALA B 338 -3.54 -21.55 34.82
CA ALA B 338 -4.27 -20.31 35.04
C ALA B 338 -3.32 -19.12 35.09
N LEU B 339 -2.15 -19.31 35.71
CA LEU B 339 -1.15 -18.23 35.73
C LEU B 339 -0.70 -17.88 34.33
N ALA B 340 -0.46 -18.88 33.48
CA ALA B 340 -0.04 -18.61 32.12
C ALA B 340 -1.13 -17.89 31.35
N ALA B 341 -2.39 -18.28 31.55
CA ALA B 341 -3.50 -17.61 30.87
C ALA B 341 -3.63 -16.16 31.32
N SER B 342 -3.49 -15.90 32.62
CA SER B 342 -3.65 -14.56 33.14
C SER B 342 -2.49 -13.65 32.75
N SER B 343 -1.27 -14.18 32.80
CA SER B 343 -0.08 -13.36 32.58
C SER B 343 0.13 -13.01 31.11
N GLY B 344 -0.56 -13.68 30.20
CA GLY B 344 -0.37 -13.44 28.79
C GLY B 344 0.73 -14.24 28.15
N LYS B 345 1.12 -15.37 28.75
CA LYS B 345 2.21 -16.19 28.24
C LYS B 345 1.66 -17.11 27.16
N ILE B 346 1.73 -16.64 25.91
CA ILE B 346 1.11 -17.37 24.81
C ILE B 346 1.84 -18.68 24.53
N GLY B 347 3.18 -18.66 24.56
CA GLY B 347 3.93 -19.86 24.22
C GLY B 347 3.70 -20.99 25.21
N VAL B 348 3.75 -20.66 26.50
CA VAL B 348 3.55 -21.67 27.53
C VAL B 348 2.14 -22.25 27.43
N LEU B 349 1.13 -21.40 27.23
CA LEU B 349 -0.24 -21.88 27.11
C LEU B 349 -0.39 -22.79 25.90
N ALA B 350 0.18 -22.39 24.75
CA ALA B 350 0.10 -23.21 23.56
C ALA B 350 0.76 -24.56 23.78
N TYR B 351 1.93 -24.58 24.41
CA TYR B 351 2.60 -25.85 24.67
C TYR B 351 1.77 -26.72 25.60
N ILE B 352 1.23 -26.14 26.68
CA ILE B 352 0.52 -26.94 27.67
C ILE B 352 -0.75 -27.53 27.08
N LEU B 353 -1.50 -26.74 26.31
CA LEU B 353 -2.84 -27.18 25.91
C LEU B 353 -2.78 -28.38 24.97
N GLN B 354 -1.64 -28.61 24.32
CA GLN B 354 -1.55 -29.67 23.33
C GLN B 354 -0.25 -30.46 23.43
N ARG B 355 0.16 -30.81 24.65
CA ARG B 355 1.38 -31.58 24.84
C ARG B 355 1.11 -33.06 24.64
N GLU B 356 2.10 -33.78 24.11
CA GLU B 356 2.02 -35.22 23.91
C GLU B 356 3.26 -35.88 24.51
N ILE B 357 3.05 -37.01 25.17
CA ILE B 357 4.12 -37.74 25.85
C ILE B 357 4.11 -39.17 25.33
N HIS B 358 5.29 -39.68 24.98
CA HIS B 358 5.44 -40.99 24.36
C HIS B 358 6.55 -41.79 25.03
N GLU B 359 6.52 -41.89 26.36
CA GLU B 359 7.47 -42.69 27.11
C GLU B 359 6.73 -43.58 28.09
N PRO B 360 7.35 -44.67 28.53
CA PRO B 360 6.66 -45.61 29.42
C PRO B 360 6.27 -44.98 30.74
N GLU B 361 5.14 -45.43 31.28
CA GLU B 361 4.60 -45.06 32.58
C GLU B 361 4.49 -43.55 32.78
N CYS B 362 4.57 -42.76 31.70
CA CYS B 362 4.35 -41.32 31.82
C CYS B 362 3.56 -40.79 30.62
N ARG B 363 2.80 -41.63 29.93
CA ARG B 363 1.94 -41.17 28.85
C ARG B 363 0.67 -40.51 29.37
N HIS B 364 0.29 -40.77 30.62
CA HIS B 364 -0.91 -40.18 31.18
C HIS B 364 -0.79 -38.66 31.32
N LEU B 365 0.42 -38.12 31.32
CA LEU B 365 0.60 -36.68 31.47
C LEU B 365 0.12 -35.91 30.24
N SER B 366 0.06 -36.56 29.08
CA SER B 366 -0.25 -35.86 27.85
C SER B 366 -1.68 -35.31 27.88
N ARG B 367 -1.90 -34.25 27.11
CA ARG B 367 -3.19 -33.59 27.03
C ARG B 367 -3.88 -33.83 25.69
N LYS B 368 -3.13 -33.92 24.61
CA LYS B 368 -3.67 -34.34 23.33
C LYS B 368 -3.44 -35.83 23.12
N PHE B 369 -4.37 -36.48 22.41
CA PHE B 369 -4.31 -37.92 22.19
C PHE B 369 -4.63 -38.19 20.72
N THR B 370 -4.74 -39.47 20.37
CA THR B 370 -5.04 -39.88 19.00
C THR B 370 -6.01 -41.06 19.08
N GLU B 371 -7.29 -40.77 18.89
CA GLU B 371 -8.31 -41.82 19.05
C GLU B 371 -8.13 -42.92 18.02
N TRP B 372 -7.89 -42.57 16.76
CA TRP B 372 -7.69 -43.58 15.72
C TRP B 372 -7.07 -42.93 14.49
N ALA B 373 -6.41 -43.74 13.69
CA ALA B 373 -5.78 -43.31 12.45
C ALA B 373 -6.12 -44.30 11.34
N TYR B 374 -6.47 -43.78 10.17
CA TYR B 374 -6.81 -44.62 9.01
C TYR B 374 -6.34 -43.89 7.76
N GLY B 375 -5.38 -44.48 7.05
CA GLY B 375 -4.84 -43.86 5.87
C GLY B 375 -4.20 -42.53 6.20
N PRO B 376 -4.58 -41.47 5.50
CA PRO B 376 -4.02 -40.14 5.78
C PRO B 376 -4.77 -39.32 6.82
N VAL B 377 -5.87 -39.82 7.38
CA VAL B 377 -6.72 -39.07 8.29
C VAL B 377 -6.70 -39.74 9.65
N HIS B 378 -6.47 -38.93 10.69
CA HIS B 378 -6.45 -39.42 12.06
C HIS B 378 -7.22 -38.44 12.94
N SER B 379 -7.84 -38.98 13.98
CA SER B 379 -8.66 -38.20 14.90
C SER B 379 -7.90 -37.99 16.20
N SER B 380 -7.83 -36.74 16.66
CA SER B 380 -7.15 -36.38 17.88
C SER B 380 -8.15 -35.87 18.91
N LEU B 381 -7.82 -36.06 20.18
CA LEU B 381 -8.68 -35.69 21.29
C LEU B 381 -7.96 -34.69 22.18
N TYR B 382 -8.66 -33.63 22.56
CA TYR B 382 -8.12 -32.59 23.42
C TYR B 382 -8.83 -32.63 24.77
N ASP B 383 -8.06 -32.48 25.84
CA ASP B 383 -8.58 -32.56 27.20
C ASP B 383 -9.13 -31.20 27.59
N LEU B 384 -10.44 -31.15 27.84
CA LEU B 384 -11.10 -29.92 28.28
C LEU B 384 -11.15 -29.77 29.77
N SER B 385 -10.28 -30.43 30.53
CA SER B 385 -10.31 -30.31 31.99
C SER B 385 -9.84 -28.92 32.39
N CYS B 386 -10.75 -28.14 32.98
CA CYS B 386 -10.45 -26.81 33.51
C CYS B 386 -10.09 -25.83 32.41
N ILE B 387 -10.89 -25.80 31.35
CA ILE B 387 -10.75 -24.82 30.27
C ILE B 387 -12.02 -23.98 30.10
N ASP B 388 -13.19 -24.63 30.15
CA ASP B 388 -14.43 -23.91 29.95
C ASP B 388 -15.30 -23.85 31.21
N THR B 389 -15.26 -24.89 32.04
CA THR B 389 -15.97 -24.89 33.32
C THR B 389 -15.05 -25.44 34.40
N CYS B 390 -14.78 -24.63 35.42
CA CYS B 390 -13.99 -25.05 36.57
C CYS B 390 -14.60 -24.61 37.90
N GLU B 391 -15.56 -23.69 37.91
CA GLU B 391 -16.29 -23.25 39.09
C GLU B 391 -15.44 -22.38 40.01
N LYS B 392 -14.16 -22.21 39.72
CA LYS B 392 -13.39 -21.16 40.37
C LYS B 392 -12.69 -20.24 39.39
N ASN B 393 -12.04 -20.79 38.38
CA ASN B 393 -11.44 -20.00 37.30
C ASN B 393 -10.96 -20.94 36.22
N SER B 394 -11.23 -20.59 34.96
CA SER B 394 -10.91 -21.44 33.82
C SER B 394 -10.20 -20.60 32.77
N VAL B 395 -9.63 -21.28 31.78
CA VAL B 395 -8.85 -20.59 30.77
C VAL B 395 -9.73 -19.59 30.01
N LEU B 396 -10.93 -20.00 29.62
CA LEU B 396 -11.77 -19.14 28.81
C LEU B 396 -12.18 -17.88 29.56
N GLU B 397 -12.71 -18.04 30.78
CA GLU B 397 -13.19 -16.86 31.49
C GLU B 397 -12.04 -16.03 32.04
N VAL B 398 -10.89 -16.65 32.30
CA VAL B 398 -9.72 -15.89 32.70
C VAL B 398 -9.22 -15.02 31.54
N ILE B 399 -9.21 -15.58 30.33
CA ILE B 399 -8.75 -14.80 29.18
C ILE B 399 -9.75 -13.72 28.83
N ALA B 400 -11.04 -14.05 28.80
CA ALA B 400 -12.04 -13.12 28.31
C ALA B 400 -12.19 -11.92 29.25
N TYR B 401 -12.21 -12.16 30.56
CA TYR B 401 -12.45 -11.11 31.53
C TYR B 401 -11.15 -10.48 32.03
N SER B 402 -10.01 -10.82 31.43
CA SER B 402 -8.76 -10.20 31.83
C SER B 402 -8.77 -8.71 31.46
N SER B 403 -8.26 -7.89 32.36
CA SER B 403 -8.17 -6.46 32.08
C SER B 403 -7.34 -6.22 30.83
N SER B 404 -7.46 -5.01 30.29
CA SER B 404 -6.70 -4.66 29.09
C SER B 404 -5.20 -4.65 29.34
N GLU B 405 -4.79 -4.65 30.62
CA GLU B 405 -3.36 -4.63 30.94
C GLU B 405 -2.64 -5.87 30.42
N THR B 406 -3.34 -7.01 30.33
CA THR B 406 -2.69 -8.24 29.93
C THR B 406 -2.14 -8.11 28.51
N PRO B 407 -0.92 -8.59 28.23
CA PRO B 407 -0.32 -8.33 26.92
C PRO B 407 -1.09 -8.89 25.72
N ASN B 408 -1.30 -10.20 25.67
CA ASN B 408 -1.77 -10.87 24.45
C ASN B 408 -3.18 -11.41 24.59
N ARG B 409 -4.09 -10.61 25.17
CA ARG B 409 -5.46 -11.07 25.36
C ARG B 409 -6.17 -11.34 24.04
N HIS B 410 -5.85 -10.57 22.99
CA HIS B 410 -6.50 -10.77 21.70
C HIS B 410 -6.03 -12.05 21.03
N ASP B 411 -4.71 -12.28 21.01
CA ASP B 411 -4.14 -13.41 20.30
C ASP B 411 -4.26 -14.72 21.07
N MET B 412 -4.72 -14.68 22.32
CA MET B 412 -4.70 -15.87 23.15
C MET B 412 -5.68 -16.92 22.66
N LEU B 413 -6.81 -16.49 22.09
CA LEU B 413 -7.86 -17.41 21.68
C LEU B 413 -7.56 -18.09 20.35
N LEU B 414 -6.49 -17.70 19.65
CA LEU B 414 -6.15 -18.31 18.38
C LEU B 414 -5.59 -19.72 18.52
N VAL B 415 -5.29 -20.16 19.73
CA VAL B 415 -4.84 -21.54 19.93
C VAL B 415 -5.98 -22.48 19.59
N GLU B 416 -5.66 -23.53 18.83
CA GLU B 416 -6.64 -24.37 18.12
C GLU B 416 -7.84 -24.80 18.97
N PRO B 417 -7.62 -25.53 20.07
CA PRO B 417 -8.77 -26.06 20.81
C PRO B 417 -9.73 -24.97 21.27
N LEU B 418 -9.22 -23.80 21.64
CA LEU B 418 -10.10 -22.75 22.14
C LEU B 418 -10.99 -22.20 21.04
N ASN B 419 -10.42 -21.97 19.85
CA ASN B 419 -11.24 -21.51 18.73
C ASN B 419 -12.29 -22.55 18.36
N ARG B 420 -11.91 -23.82 18.32
CA ARG B 420 -12.88 -24.87 18.02
C ARG B 420 -14.00 -24.90 19.06
N LEU B 421 -13.65 -24.79 20.34
CA LEU B 421 -14.67 -24.77 21.39
C LEU B 421 -15.62 -23.61 21.22
N LEU B 422 -15.10 -22.40 21.01
CA LEU B 422 -15.97 -21.24 20.91
C LEU B 422 -16.91 -21.37 19.73
N GLN B 423 -16.39 -21.80 18.58
CA GLN B 423 -17.26 -21.97 17.42
C GLN B 423 -18.32 -23.04 17.68
N ASP B 424 -17.93 -24.15 18.31
CA ASP B 424 -18.89 -25.21 18.59
C ASP B 424 -20.01 -24.72 19.49
N LYS B 425 -19.67 -24.03 20.58
CA LYS B 425 -20.69 -23.53 21.49
C LYS B 425 -21.62 -22.54 20.78
N TRP B 426 -21.03 -21.64 19.99
CA TRP B 426 -21.81 -20.68 19.24
C TRP B 426 -22.86 -21.43 18.44
N ASP B 427 -22.38 -22.24 17.49
CA ASP B 427 -23.28 -22.95 16.57
C ASP B 427 -24.30 -23.79 17.33
N ARG B 428 -23.92 -24.33 18.48
CA ARG B 428 -24.85 -25.16 19.24
C ARG B 428 -26.05 -24.34 19.71
N PHE B 429 -25.83 -23.35 20.58
CA PHE B 429 -26.99 -22.64 21.13
C PHE B 429 -26.87 -21.12 21.18
N VAL B 430 -25.66 -20.56 21.15
CA VAL B 430 -25.55 -19.15 21.45
C VAL B 430 -26.08 -18.33 20.29
N LYS B 431 -25.97 -18.85 19.08
CA LYS B 431 -26.45 -18.13 17.91
C LYS B 431 -27.96 -17.89 18.01
N ARG B 432 -28.72 -18.91 18.37
CA ARG B 432 -30.17 -18.75 18.51
C ARG B 432 -30.51 -17.83 19.67
N ILE B 433 -29.82 -17.97 20.81
CA ILE B 433 -30.12 -17.08 21.93
C ILE B 433 -29.87 -15.63 21.53
N PHE B 434 -28.75 -15.37 20.86
CA PHE B 434 -28.39 -14.02 20.44
C PHE B 434 -29.40 -13.47 19.45
N TYR B 435 -29.86 -14.29 18.50
CA TYR B 435 -30.85 -13.83 17.54
C TYR B 435 -32.14 -13.44 18.23
N PHE B 436 -32.58 -14.23 19.21
CA PHE B 436 -33.80 -13.88 19.93
C PHE B 436 -33.63 -12.55 20.66
N ASN B 437 -32.48 -12.35 21.31
CA ASN B 437 -32.25 -11.09 22.01
C ASN B 437 -32.28 -9.91 21.04
N PHE B 438 -31.65 -10.08 19.87
CA PHE B 438 -31.65 -9.01 18.88
C PHE B 438 -33.07 -8.68 18.43
N PHE B 439 -33.88 -9.70 18.19
CA PHE B 439 -35.26 -9.47 17.78
C PHE B 439 -36.04 -8.71 18.85
N VAL B 440 -35.87 -9.10 20.11
CA VAL B 440 -36.60 -8.43 21.19
C VAL B 440 -36.17 -6.97 21.29
N TYR B 441 -34.88 -6.69 21.16
CA TYR B 441 -34.42 -5.31 21.21
C TYR B 441 -35.00 -4.49 20.06
N CYS B 442 -35.07 -5.07 18.86
CA CYS B 442 -35.67 -4.36 17.74
C CYS B 442 -37.13 -4.01 18.03
N LEU B 443 -37.89 -4.98 18.56
CA LEU B 443 -39.28 -4.68 18.90
C LEU B 443 -39.37 -3.57 19.95
N TYR B 444 -38.51 -3.61 20.96
CA TYR B 444 -38.56 -2.59 22.00
C TYR B 444 -38.28 -1.21 21.41
N MET B 445 -37.28 -1.11 20.55
CA MET B 445 -36.97 0.19 19.96
C MET B 445 -38.10 0.69 19.07
N ILE B 446 -38.74 -0.22 18.32
CA ILE B 446 -39.87 0.19 17.49
C ILE B 446 -41.02 0.72 18.35
N ILE B 447 -41.32 0.03 19.45
CA ILE B 447 -42.39 0.49 20.33
C ILE B 447 -42.05 1.85 20.92
N PHE B 448 -40.81 2.03 21.36
CA PHE B 448 -40.39 3.30 21.93
C PHE B 448 -40.50 4.43 20.90
N THR B 449 -40.07 4.17 19.66
CA THR B 449 -40.19 5.19 18.62
C THR B 449 -41.64 5.55 18.37
N ALA B 450 -42.51 4.56 18.27
CA ALA B 450 -43.91 4.85 18.00
C ALA B 450 -44.54 5.65 19.14
N ALA B 451 -44.22 5.29 20.38
CA ALA B 451 -44.76 6.03 21.51
C ALA B 451 -44.28 7.46 21.53
N ALA B 452 -42.98 7.68 21.28
CA ALA B 452 -42.44 9.03 21.33
C ALA B 452 -42.94 9.89 20.17
N TYR B 453 -43.17 9.29 19.01
CA TYR B 453 -43.58 10.07 17.84
C TYR B 453 -44.96 10.67 18.03
N TYR B 454 -45.79 10.07 18.89
CA TYR B 454 -47.18 10.47 19.08
C TYR B 454 -47.43 11.11 20.43
N ARG B 455 -46.45 11.80 20.99
CA ARG B 455 -46.66 12.44 22.28
C ARG B 455 -47.73 13.53 22.15
N PRO B 456 -48.47 13.83 23.22
CA PRO B 456 -49.70 14.61 23.06
C PRO B 456 -49.50 16.10 22.86
N VAL B 457 -48.30 16.61 23.11
CA VAL B 457 -47.99 18.03 22.97
C VAL B 457 -48.98 19.12 23.36
N GLU B 458 -49.48 19.05 24.60
CA GLU B 458 -50.42 20.03 25.13
C GLU B 458 -49.98 21.04 26.18
N GLY B 459 -48.89 20.79 26.90
CA GLY B 459 -48.38 21.72 27.89
C GLY B 459 -48.42 21.16 29.30
N LEU B 460 -47.31 21.35 30.00
CA LEU B 460 -47.19 21.07 31.43
C LEU B 460 -47.68 19.67 31.77
N PRO B 461 -46.90 18.63 31.49
CA PRO B 461 -47.31 17.26 31.86
C PRO B 461 -47.56 17.15 33.35
N PRO B 462 -48.13 16.04 33.82
CA PRO B 462 -48.56 14.84 33.07
C PRO B 462 -49.83 15.08 32.26
N TYR B 463 -50.16 14.16 31.36
CA TYR B 463 -51.30 14.29 30.48
C TYR B 463 -52.37 13.27 30.85
N LYS B 464 -53.62 13.65 30.59
CA LYS B 464 -54.76 12.81 30.92
C LYS B 464 -54.92 11.71 29.89
N LEU B 465 -55.75 10.73 30.20
CA LEU B 465 -55.97 9.55 29.36
C LEU B 465 -57.31 9.69 28.66
N LYS B 466 -57.29 10.11 27.41
CA LYS B 466 -58.52 10.19 26.63
C LYS B 466 -59.05 8.79 26.34
N ASN B 467 -60.38 8.66 26.34
CA ASN B 467 -61.04 7.37 26.16
C ASN B 467 -61.09 7.04 24.67
N THR B 468 -59.95 6.58 24.15
CA THR B 468 -59.83 6.19 22.76
C THR B 468 -58.79 5.09 22.64
N VAL B 469 -58.86 4.33 21.55
CA VAL B 469 -57.95 3.21 21.36
C VAL B 469 -56.52 3.70 21.20
N GLY B 470 -56.32 4.75 20.42
CA GLY B 470 -54.97 5.24 20.18
C GLY B 470 -54.28 5.69 21.45
N ASP B 471 -55.02 6.39 22.31
CA ASP B 471 -54.44 6.87 23.56
C ASP B 471 -54.06 5.70 24.46
N TYR B 472 -54.91 4.66 24.50
CA TYR B 472 -54.59 3.48 25.29
C TYR B 472 -53.32 2.81 24.76
N PHE B 473 -53.20 2.69 23.44
CA PHE B 473 -51.99 2.10 22.87
C PHE B 473 -50.77 2.94 23.21
N ARG B 474 -50.89 4.26 23.16
CA ARG B 474 -49.76 5.13 23.46
C ARG B 474 -49.33 4.96 24.91
N VAL B 475 -50.29 4.89 25.84
CA VAL B 475 -49.96 4.69 27.24
C VAL B 475 -49.26 3.35 27.44
N THR B 476 -49.76 2.30 26.79
CA THR B 476 -49.12 1.00 26.88
C THR B 476 -47.68 1.05 26.36
N GLY B 477 -47.48 1.73 25.22
CA GLY B 477 -46.15 1.83 24.66
C GLY B 477 -45.17 2.54 25.57
N GLU B 478 -45.62 3.64 26.19
CA GLU B 478 -44.70 4.36 27.06
C GLU B 478 -44.40 3.59 28.34
N ILE B 479 -45.39 2.84 28.86
CA ILE B 479 -45.11 1.99 30.01
C ILE B 479 -44.07 0.93 29.64
N LEU B 480 -44.22 0.31 28.46
CA LEU B 480 -43.26 -0.70 28.04
C LEU B 480 -41.86 -0.10 27.87
N SER B 481 -41.79 1.10 27.30
CA SER B 481 -40.48 1.74 27.13
C SER B 481 -39.81 2.03 28.46
N VAL B 482 -40.58 2.52 29.43
CA VAL B 482 -40.01 2.78 30.76
C VAL B 482 -39.54 1.48 31.40
N SER B 483 -40.31 0.40 31.21
CA SER B 483 -39.90 -0.89 31.76
C SER B 483 -38.57 -1.33 31.16
N GLY B 484 -38.41 -1.19 29.85
CA GLY B 484 -37.14 -1.51 29.23
C GLY B 484 -36.00 -0.67 29.77
N GLY B 485 -36.26 0.62 29.98
CA GLY B 485 -35.23 1.49 30.51
C GLY B 485 -34.76 1.07 31.89
N VAL B 486 -35.71 0.74 32.78
CA VAL B 486 -35.32 0.32 34.11
C VAL B 486 -34.60 -1.03 34.06
N TYR B 487 -35.02 -1.92 33.16
CA TYR B 487 -34.33 -3.20 33.03
C TYR B 487 -32.86 -2.99 32.66
N PHE B 488 -32.62 -2.10 31.69
CA PHE B 488 -31.23 -1.84 31.29
C PHE B 488 -30.45 -1.17 32.41
N PHE B 489 -31.10 -0.29 33.17
CA PHE B 489 -30.42 0.36 34.29
C PHE B 489 -29.97 -0.67 35.33
N PHE B 490 -30.86 -1.60 35.68
CA PHE B 490 -30.49 -2.64 36.64
C PHE B 490 -29.42 -3.57 36.09
N ARG B 491 -29.51 -3.91 34.80
CA ARG B 491 -28.47 -4.74 34.20
C ARG B 491 -27.10 -4.08 34.29
N GLY B 492 -27.03 -2.78 33.98
CA GLY B 492 -25.77 -2.08 34.10
C GLY B 492 -25.27 -2.05 35.54
N ILE B 493 -26.17 -1.82 36.49
CA ILE B 493 -25.77 -1.79 37.89
C ILE B 493 -25.13 -3.12 38.29
N GLN B 494 -25.79 -4.24 37.96
CA GLN B 494 -25.25 -5.52 38.41
C GLN B 494 -23.97 -5.86 37.65
N TYR B 495 -23.87 -5.45 36.39
CA TYR B 495 -22.61 -5.63 35.68
C TYR B 495 -21.47 -4.93 36.40
N PHE B 496 -21.69 -3.67 36.77
CA PHE B 496 -20.63 -2.91 37.43
C PHE B 496 -20.28 -3.54 38.77
N LEU B 497 -21.29 -3.99 39.51
CA LEU B 497 -21.03 -4.63 40.80
C LEU B 497 -20.23 -5.92 40.64
N GLN B 498 -20.57 -6.73 39.63
CA GLN B 498 -19.92 -8.04 39.47
C GLN B 498 -18.50 -7.88 38.95
N ARG B 499 -18.35 -7.28 37.77
CA ARG B 499 -17.02 -7.11 37.20
C ARG B 499 -16.15 -6.23 38.08
N ARG B 500 -16.74 -5.19 38.67
CA ARG B 500 -16.01 -4.24 39.52
C ARG B 500 -14.76 -3.78 38.80
N PRO B 501 -14.88 -3.03 37.71
CA PRO B 501 -13.69 -2.54 37.01
C PRO B 501 -12.80 -1.72 37.94
N SER B 502 -11.58 -1.48 37.47
CA SER B 502 -10.55 -0.79 38.25
C SER B 502 -10.72 0.73 38.22
N LEU B 503 -11.85 1.23 37.75
CA LEU B 503 -12.16 2.66 37.63
C LEU B 503 -11.38 3.32 36.50
N LYS B 504 -10.50 2.60 35.82
CA LYS B 504 -9.80 3.10 34.65
C LYS B 504 -10.13 2.35 33.38
N SER B 505 -10.39 1.05 33.46
CA SER B 505 -10.89 0.32 32.30
C SER B 505 -12.29 0.75 31.90
N LEU B 506 -12.99 1.48 32.77
CA LEU B 506 -14.30 2.02 32.39
C LEU B 506 -14.18 2.89 31.15
N PHE B 507 -13.11 3.69 31.09
CA PHE B 507 -12.85 4.54 29.93
C PHE B 507 -12.04 3.83 28.85
N VAL B 508 -11.68 2.57 29.05
CA VAL B 508 -10.89 1.83 28.08
C VAL B 508 -11.56 0.54 27.64
N ASP B 509 -12.41 -0.07 28.46
CA ASP B 509 -13.11 -1.30 28.11
C ASP B 509 -14.56 -1.19 28.55
N SER B 510 -15.40 -2.07 28.02
CA SER B 510 -16.86 -2.06 28.30
C SER B 510 -17.49 -0.76 27.79
N TYR B 511 -17.27 -0.38 26.52
CA TYR B 511 -17.97 0.76 25.94
C TYR B 511 -19.46 0.49 25.78
N SER B 512 -19.81 -0.72 25.34
CA SER B 512 -21.22 -1.05 25.13
C SER B 512 -22.00 -0.95 26.43
N GLU B 513 -21.43 -1.46 27.52
CA GLU B 513 -22.13 -1.46 28.80
C GLU B 513 -22.38 -0.03 29.27
N ILE B 514 -21.38 0.84 29.16
CA ILE B 514 -21.55 2.21 29.62
C ILE B 514 -22.54 2.95 28.72
N LEU B 515 -22.53 2.66 27.41
CA LEU B 515 -23.50 3.31 26.52
C LEU B 515 -24.93 2.90 26.85
N PHE B 516 -25.16 1.60 27.07
CA PHE B 516 -26.50 1.16 27.45
C PHE B 516 -26.93 1.77 28.79
N PHE B 517 -26.00 1.85 29.73
CA PHE B 517 -26.30 2.46 31.02
C PHE B 517 -26.67 3.92 30.86
N VAL B 518 -25.96 4.64 29.98
CA VAL B 518 -26.25 6.07 29.80
C VAL B 518 -27.62 6.25 29.14
N GLN B 519 -27.96 5.38 28.18
CA GLN B 519 -29.32 5.39 27.63
C GLN B 519 -30.36 5.25 28.73
N SER B 520 -30.16 4.26 29.62
CA SER B 520 -31.11 4.06 30.70
C SER B 520 -31.18 5.28 31.62
N LEU B 521 -30.04 5.90 31.89
CA LEU B 521 -30.03 7.09 32.74
C LEU B 521 -30.84 8.21 32.11
N PHE B 522 -30.69 8.41 30.80
CA PHE B 522 -31.48 9.43 30.12
C PHE B 522 -32.97 9.12 30.24
N MET B 523 -33.35 7.85 30.07
CA MET B 523 -34.76 7.50 30.16
C MET B 523 -35.31 7.77 31.57
N LEU B 524 -34.53 7.42 32.60
CA LEU B 524 -35.00 7.63 33.97
C LEU B 524 -35.12 9.10 34.31
N VAL B 525 -34.14 9.91 33.89
CA VAL B 525 -34.22 11.35 34.10
C VAL B 525 -35.44 11.91 33.38
N SER B 526 -35.72 11.39 32.19
CA SER B 526 -36.91 11.81 31.45
C SER B 526 -38.18 11.53 32.25
N VAL B 527 -38.28 10.35 32.83
CA VAL B 527 -39.48 10.01 33.61
C VAL B 527 -39.60 10.95 34.80
N VAL B 528 -38.50 11.18 35.52
CA VAL B 528 -38.55 12.03 36.70
C VAL B 528 -39.00 13.44 36.31
N LEU B 529 -38.43 13.99 35.23
CA LEU B 529 -38.83 15.32 34.79
C LEU B 529 -40.29 15.32 34.37
N TYR B 530 -40.75 14.26 33.71
CA TYR B 530 -42.13 14.21 33.24
C TYR B 530 -43.10 14.30 34.39
N PHE B 531 -42.85 13.56 35.47
CA PHE B 531 -43.79 13.60 36.59
C PHE B 531 -43.60 14.82 37.46
N SER B 532 -42.60 15.64 37.19
CA SER B 532 -42.36 16.88 37.92
C SER B 532 -42.92 18.10 37.19
N GLN B 533 -43.72 17.90 36.15
CA GLN B 533 -44.37 18.99 35.41
C GLN B 533 -43.34 19.91 34.75
N ARG B 534 -42.53 19.32 33.87
CA ARG B 534 -41.52 20.05 33.13
C ARG B 534 -41.50 19.57 31.69
N LYS B 535 -41.08 20.45 30.78
CA LYS B 535 -41.00 20.12 29.37
C LYS B 535 -39.66 19.53 28.96
N GLU B 536 -38.64 19.58 29.81
CA GLU B 536 -37.33 19.05 29.46
C GLU B 536 -37.32 17.53 29.36
N TYR B 537 -38.39 16.86 29.81
CA TYR B 537 -38.48 15.43 29.62
C TYR B 537 -38.41 15.08 28.14
N VAL B 538 -38.90 15.97 27.27
CA VAL B 538 -38.81 15.71 25.83
C VAL B 538 -37.36 15.71 25.38
N ALA B 539 -36.55 16.65 25.89
CA ALA B 539 -35.15 16.67 25.53
C ALA B 539 -34.44 15.40 26.00
N SER B 540 -34.70 15.00 27.24
CA SER B 540 -34.07 13.79 27.75
C SER B 540 -34.49 12.57 26.93
N MET B 541 -35.77 12.47 26.58
CA MET B 541 -36.23 11.28 25.86
C MET B 541 -35.73 11.25 24.43
N VAL B 542 -35.56 12.41 23.78
CA VAL B 542 -35.00 12.39 22.43
C VAL B 542 -33.53 11.98 22.48
N PHE B 543 -32.79 12.44 23.49
CA PHE B 543 -31.41 11.98 23.63
C PHE B 543 -31.38 10.47 23.83
N SER B 544 -32.27 9.95 24.67
CA SER B 544 -32.32 8.51 24.91
C SER B 544 -32.68 7.75 23.63
N LEU B 545 -33.62 8.29 22.85
CA LEU B 545 -34.04 7.64 21.61
C LEU B 545 -32.89 7.53 20.62
N ALA B 546 -32.17 8.64 20.41
CA ALA B 546 -31.03 8.61 19.51
C ALA B 546 -29.96 7.65 20.01
N MET B 547 -29.69 7.66 21.31
CA MET B 547 -28.69 6.74 21.86
C MET B 547 -29.10 5.30 21.64
N GLY B 548 -30.38 4.97 21.82
CA GLY B 548 -30.82 3.61 21.61
C GLY B 548 -30.70 3.18 20.17
N TRP B 549 -31.08 4.04 19.24
CA TRP B 549 -30.97 3.68 17.83
C TRP B 549 -29.52 3.48 17.43
N THR B 550 -28.60 4.27 18.00
CA THR B 550 -27.18 4.01 17.73
C THR B 550 -26.69 2.73 18.40
N ASN B 551 -27.12 2.45 19.63
CA ASN B 551 -26.75 1.23 20.32
C ASN B 551 -27.24 -0.01 19.61
N MET B 552 -28.25 0.14 18.74
CA MET B 552 -28.63 -0.96 17.86
C MET B 552 -27.41 -1.61 17.19
N LEU B 553 -26.32 -0.86 17.06
CA LEU B 553 -25.14 -1.35 16.36
C LEU B 553 -24.38 -2.41 17.17
N TYR B 554 -24.71 -2.58 18.45
CA TYR B 554 -24.03 -3.59 19.26
C TYR B 554 -24.25 -4.99 18.72
N TYR B 555 -25.46 -5.30 18.28
CA TYR B 555 -25.80 -6.62 17.77
C TYR B 555 -25.17 -6.90 16.41
N THR B 556 -24.36 -5.98 15.89
CA THR B 556 -23.64 -6.25 14.66
C THR B 556 -22.69 -7.44 14.81
N ARG B 557 -22.23 -7.70 16.03
CA ARG B 557 -21.48 -8.92 16.30
C ARG B 557 -22.41 -10.12 16.20
N GLY B 558 -21.82 -11.27 15.90
CA GLY B 558 -22.59 -12.41 15.46
C GLY B 558 -22.65 -12.56 13.96
N PHE B 559 -22.24 -11.53 13.22
CA PHE B 559 -22.04 -11.60 11.78
C PHE B 559 -20.63 -11.10 11.49
N GLN B 560 -19.84 -11.92 10.81
CA GLN B 560 -18.40 -11.66 10.72
C GLN B 560 -18.11 -10.32 10.08
N GLN B 561 -18.61 -10.10 8.86
CA GLN B 561 -18.25 -8.91 8.11
C GLN B 561 -18.70 -7.64 8.83
N MET B 562 -19.95 -7.61 9.29
CA MET B 562 -20.46 -6.45 10.00
C MET B 562 -19.74 -6.25 11.32
N GLY B 563 -19.37 -7.33 12.01
CA GLY B 563 -18.60 -7.18 13.23
C GLY B 563 -17.24 -6.54 12.99
N ILE B 564 -16.56 -6.97 11.93
CA ILE B 564 -15.28 -6.36 11.59
C ILE B 564 -15.47 -4.88 11.30
N TYR B 565 -16.53 -4.54 10.55
CA TYR B 565 -16.81 -3.16 10.22
C TYR B 565 -17.03 -2.32 11.48
N ALA B 566 -17.80 -2.84 12.44
CA ALA B 566 -18.05 -2.10 13.67
C ALA B 566 -16.76 -1.93 14.48
N VAL B 567 -15.93 -2.97 14.55
CA VAL B 567 -14.66 -2.83 15.26
C VAL B 567 -13.81 -1.74 14.62
N MET B 568 -13.79 -1.69 13.29
CA MET B 568 -13.05 -0.64 12.60
C MET B 568 -13.60 0.73 12.95
N ILE B 569 -14.93 0.87 13.00
CA ILE B 569 -15.52 2.15 13.41
C ILE B 569 -15.01 2.54 14.79
N GLU B 570 -14.96 1.59 15.71
CA GLU B 570 -14.56 1.88 17.08
C GLU B 570 -13.12 2.36 17.14
N LYS B 571 -12.22 1.68 16.43
CA LYS B 571 -10.82 2.12 16.37
C LYS B 571 -10.70 3.51 15.76
N MET B 572 -11.40 3.76 14.66
CA MET B 572 -11.31 5.05 13.97
C MET B 572 -11.77 6.17 14.89
N ILE B 573 -12.90 5.97 15.57
CA ILE B 573 -13.39 6.97 16.51
C ILE B 573 -12.34 7.23 17.57
N LEU B 574 -11.71 6.17 18.11
CA LEU B 574 -10.76 6.38 19.19
C LEU B 574 -9.56 7.20 18.76
N ARG B 575 -8.99 6.91 17.59
CA ARG B 575 -7.73 7.57 17.20
C ARG B 575 -7.94 8.80 16.30
N ASP B 576 -8.46 8.58 15.10
CA ASP B 576 -8.31 9.59 14.05
C ASP B 576 -9.25 10.75 14.29
N LEU B 577 -10.50 10.46 14.64
CA LEU B 577 -11.46 11.51 14.87
C LEU B 577 -11.03 12.37 16.06
N CYS B 578 -10.47 11.76 17.10
CA CYS B 578 -10.04 12.52 18.26
C CYS B 578 -8.94 13.51 17.91
N ARG B 579 -7.87 13.02 17.26
CA ARG B 579 -6.79 13.96 16.94
C ARG B 579 -7.27 15.04 15.97
N PHE B 580 -8.00 14.64 14.94
CA PHE B 580 -8.52 15.61 13.98
C PHE B 580 -9.39 16.64 14.67
N MET B 581 -10.24 16.21 15.62
CA MET B 581 -11.15 17.13 16.27
C MET B 581 -10.38 18.14 17.11
N PHE B 582 -9.35 17.69 17.82
CA PHE B 582 -8.58 18.66 18.61
C PHE B 582 -8.01 19.75 17.71
N VAL B 583 -7.29 19.36 16.65
CA VAL B 583 -6.65 20.37 15.81
C VAL B 583 -7.69 21.25 15.13
N TYR B 584 -8.76 20.63 14.63
CA TYR B 584 -9.79 21.38 13.91
C TYR B 584 -10.49 22.38 14.82
N LEU B 585 -10.79 21.99 16.06
CA LEU B 585 -11.43 22.92 16.98
C LEU B 585 -10.51 24.09 17.28
N VAL B 586 -9.21 23.84 17.46
CA VAL B 586 -8.30 24.95 17.69
C VAL B 586 -8.37 25.95 16.54
N PHE B 587 -8.25 25.44 15.30
CA PHE B 587 -8.25 26.34 14.15
C PHE B 587 -9.57 27.09 14.02
N LEU B 588 -10.69 26.38 14.17
CA LEU B 588 -12.00 26.99 14.02
C LEU B 588 -12.21 28.09 15.05
N PHE B 589 -11.88 27.82 16.30
CA PHE B 589 -12.06 28.84 17.34
C PHE B 589 -11.18 30.05 17.08
N GLY B 590 -9.92 29.84 16.71
CA GLY B 590 -9.05 30.98 16.46
C GLY B 590 -9.58 31.88 15.36
N PHE B 591 -9.93 31.28 14.22
CA PHE B 591 -10.39 32.10 13.09
C PHE B 591 -11.76 32.71 13.36
N SER B 592 -12.62 32.01 14.11
CA SER B 592 -13.90 32.59 14.47
C SER B 592 -13.71 33.83 15.35
N THR B 593 -12.81 33.76 16.32
CA THR B 593 -12.55 34.93 17.15
C THR B 593 -12.03 36.09 16.32
N ALA B 594 -11.09 35.82 15.42
CA ALA B 594 -10.58 36.89 14.57
C ALA B 594 -11.69 37.53 13.76
N VAL B 595 -12.52 36.71 13.10
CA VAL B 595 -13.57 37.24 12.25
C VAL B 595 -14.57 38.05 13.06
N VAL B 596 -15.01 37.52 14.21
CA VAL B 596 -16.03 38.21 14.99
C VAL B 596 -15.48 39.49 15.59
N THR B 597 -14.19 39.52 15.91
CA THR B 597 -13.57 40.78 16.32
C THR B 597 -13.59 41.80 15.18
N LEU B 598 -13.35 41.35 13.95
CA LEU B 598 -13.37 42.27 12.82
C LEU B 598 -14.75 42.90 12.63
N ILE B 599 -15.82 42.12 12.78
CA ILE B 599 -17.16 42.62 12.50
C ILE B 599 -17.52 43.72 13.50
N GLU B 600 -18.20 44.75 13.00
CA GLU B 600 -18.59 45.88 13.84
C GLU B 600 -19.88 45.59 14.61
N ASP B 601 -20.97 45.33 13.89
CA ASP B 601 -22.24 45.04 14.51
C ASP B 601 -23.12 44.32 13.50
N GLY B 602 -24.22 43.77 13.99
CA GLY B 602 -25.21 43.13 13.15
C GLY B 602 -25.62 41.79 13.73
N LYS B 603 -26.17 40.95 12.85
CA LYS B 603 -26.61 39.63 13.28
C LYS B 603 -25.43 38.76 13.70
N TYR B 604 -24.32 38.83 12.97
CA TYR B 604 -23.18 37.96 13.18
C TYR B 604 -22.14 38.57 14.10
N ASN B 605 -22.53 39.46 15.00
CA ASN B 605 -21.58 40.02 15.95
C ASN B 605 -21.41 39.16 17.19
N SER B 606 -22.07 38.00 17.25
CA SER B 606 -21.95 37.08 18.35
C SER B 606 -20.99 35.95 17.98
N LEU B 607 -20.33 35.40 19.01
CA LEU B 607 -19.37 34.33 18.77
C LEU B 607 -20.06 33.09 18.22
N TYR B 608 -21.25 32.78 18.72
CA TYR B 608 -21.94 31.57 18.28
C TYR B 608 -22.32 31.65 16.79
N SER B 609 -22.86 32.79 16.35
CA SER B 609 -23.27 32.92 14.97
C SER B 609 -22.09 32.78 14.02
N THR B 610 -20.98 33.43 14.35
CA THR B 610 -19.81 33.37 13.48
C THR B 610 -19.18 31.98 13.51
N CYS B 611 -19.19 31.32 14.66
CA CYS B 611 -18.69 29.95 14.70
C CYS B 611 -19.52 29.03 13.83
N LEU B 612 -20.84 29.20 13.86
CA LEU B 612 -21.69 28.38 13.00
C LEU B 612 -21.44 28.68 11.53
N GLU B 613 -21.27 29.95 11.18
CA GLU B 613 -20.99 30.31 9.79
C GLU B 613 -19.67 29.71 9.33
N LEU B 614 -18.64 29.77 10.16
CA LEU B 614 -17.36 29.16 9.81
C LEU B 614 -17.49 27.65 9.68
N PHE B 615 -18.26 27.02 10.57
CA PHE B 615 -18.43 25.58 10.48
C PHE B 615 -19.15 25.17 9.20
N LYS B 616 -20.06 26.01 8.71
CA LYS B 616 -20.81 25.63 7.50
C LYS B 616 -19.89 25.33 6.33
N PHE B 617 -18.69 25.91 6.32
CA PHE B 617 -17.75 25.61 5.24
C PHE B 617 -17.38 24.14 5.20
N THR B 618 -17.27 23.50 6.36
CA THR B 618 -16.82 22.11 6.42
C THR B 618 -17.80 21.17 5.74
N ILE B 619 -19.09 21.52 5.73
CA ILE B 619 -20.12 20.64 5.18
C ILE B 619 -20.51 21.07 3.76
N GLY B 620 -19.67 21.83 3.08
CA GLY B 620 -19.95 22.26 1.72
C GLY B 620 -21.09 23.24 1.61
N MET B 621 -21.21 24.17 2.56
CA MET B 621 -22.25 25.18 2.50
C MET B 621 -21.75 26.56 2.92
N GLY B 622 -20.46 26.82 2.81
CA GLY B 622 -19.93 28.12 3.21
C GLY B 622 -20.26 29.21 2.22
N ASP B 623 -20.46 30.42 2.75
CA ASP B 623 -21.02 31.51 1.96
C ASP B 623 -19.96 32.47 1.41
N LEU B 624 -18.92 32.79 2.18
CA LEU B 624 -17.87 33.71 1.76
C LEU B 624 -18.35 35.16 1.65
N GLU B 625 -19.65 35.39 1.83
CA GLU B 625 -20.19 36.74 1.84
C GLU B 625 -21.31 36.89 2.86
N PHE B 626 -21.27 36.13 3.96
CA PHE B 626 -22.42 36.08 4.86
C PHE B 626 -22.67 37.39 5.59
N THR B 627 -21.74 38.34 5.55
CA THR B 627 -21.93 39.61 6.22
C THR B 627 -21.14 40.68 5.47
N GLU B 628 -21.48 41.95 5.77
CA GLU B 628 -20.79 43.09 5.20
C GLU B 628 -20.51 44.18 6.23
N ASN B 629 -20.78 43.92 7.51
CA ASN B 629 -20.63 44.92 8.57
C ASN B 629 -19.17 44.90 9.07
N TYR B 630 -18.29 45.41 8.22
CA TYR B 630 -16.88 45.53 8.57
C TYR B 630 -16.30 46.71 7.81
N ASP B 631 -15.15 47.19 8.28
CA ASP B 631 -14.49 48.32 7.66
C ASP B 631 -13.55 47.90 6.53
N PHE B 632 -13.01 46.68 6.57
CA PHE B 632 -11.99 46.25 5.63
C PHE B 632 -12.42 44.93 4.98
N LYS B 633 -12.67 44.97 3.67
CA LYS B 633 -13.08 43.77 2.95
C LYS B 633 -11.89 42.85 2.68
N ALA B 634 -10.71 43.42 2.44
CA ALA B 634 -9.54 42.61 2.16
C ALA B 634 -9.17 41.73 3.34
N VAL B 635 -9.23 42.27 4.56
CA VAL B 635 -8.92 41.49 5.75
C VAL B 635 -9.91 40.35 5.90
N PHE B 636 -11.20 40.63 5.70
CA PHE B 636 -12.23 39.60 5.80
C PHE B 636 -11.97 38.47 4.81
N ILE B 637 -11.72 38.81 3.55
CA ILE B 637 -11.51 37.80 2.53
C ILE B 637 -10.25 37.00 2.81
N ILE B 638 -9.18 37.67 3.24
CA ILE B 638 -7.93 36.96 3.51
C ILE B 638 -8.12 35.98 4.66
N LEU B 639 -8.81 36.40 5.72
CA LEU B 639 -9.06 35.50 6.84
C LEU B 639 -9.86 34.29 6.40
N LEU B 640 -10.94 34.52 5.63
CA LEU B 640 -11.77 33.39 5.22
C LEU B 640 -11.02 32.44 4.30
N LEU B 641 -10.25 32.98 3.36
CA LEU B 641 -9.49 32.14 2.45
C LEU B 641 -8.43 31.33 3.20
N ALA B 642 -7.77 31.95 4.17
CA ALA B 642 -6.78 31.22 4.96
C ALA B 642 -7.45 30.09 5.72
N TYR B 643 -8.59 30.35 6.34
CA TYR B 643 -9.29 29.29 7.08
C TYR B 643 -9.69 28.16 6.15
N VAL B 644 -10.20 28.49 4.96
CA VAL B 644 -10.62 27.45 4.02
C VAL B 644 -9.42 26.61 3.58
N ILE B 645 -8.34 27.27 3.16
CA ILE B 645 -7.18 26.53 2.70
C ILE B 645 -6.61 25.66 3.80
N LEU B 646 -6.64 26.14 5.04
CA LEU B 646 -6.04 25.39 6.13
C LEU B 646 -6.88 24.20 6.54
N THR B 647 -8.20 24.34 6.59
CA THR B 647 -9.04 23.22 7.01
C THR B 647 -9.55 22.40 5.83
N TYR B 648 -10.36 23.02 4.97
CA TYR B 648 -11.13 22.26 3.98
C TYR B 648 -10.23 21.53 3.01
N ILE B 649 -9.16 22.18 2.55
CA ILE B 649 -8.33 21.59 1.51
C ILE B 649 -7.24 20.71 2.11
N LEU B 650 -6.75 21.07 3.30
CA LEU B 650 -5.60 20.38 3.86
C LEU B 650 -6.02 19.29 4.85
N LEU B 651 -6.71 19.67 5.93
CA LEU B 651 -6.90 18.75 7.04
C LEU B 651 -7.86 17.62 6.68
N LEU B 652 -8.95 17.93 5.97
CA LEU B 652 -9.91 16.87 5.63
C LEU B 652 -9.26 15.82 4.74
N ASN B 653 -8.50 16.26 3.74
CA ASN B 653 -7.84 15.31 2.86
C ASN B 653 -6.76 14.53 3.59
N MET B 654 -6.04 15.18 4.51
CA MET B 654 -5.06 14.44 5.29
C MET B 654 -5.75 13.43 6.20
N LEU B 655 -6.94 13.77 6.70
CA LEU B 655 -7.71 12.80 7.47
C LEU B 655 -8.08 11.59 6.63
N ILE B 656 -8.48 11.82 5.37
CA ILE B 656 -8.75 10.70 4.48
C ILE B 656 -7.52 9.84 4.32
N ALA B 657 -6.37 10.47 4.12
CA ALA B 657 -5.12 9.71 3.94
C ALA B 657 -4.77 8.89 5.17
N LEU B 658 -4.90 9.49 6.36
CA LEU B 658 -4.56 8.77 7.58
C LEU B 658 -5.54 7.66 7.87
N MET B 659 -6.82 7.88 7.53
CA MET B 659 -7.81 6.81 7.63
C MET B 659 -7.42 5.64 6.73
N GLY B 660 -6.96 5.95 5.51
CA GLY B 660 -6.51 4.88 4.62
C GLY B 660 -5.36 4.10 5.21
N GLU B 661 -4.38 4.81 5.77
CA GLU B 661 -3.25 4.13 6.41
C GLU B 661 -3.72 3.22 7.54
N THR B 662 -4.56 3.74 8.43
CA THR B 662 -5.04 2.95 9.56
C THR B 662 -5.80 1.73 9.07
N VAL B 663 -6.67 1.90 8.08
CA VAL B 663 -7.40 0.77 7.51
C VAL B 663 -6.42 -0.28 6.99
N ASN B 664 -5.35 0.17 6.35
CA ASN B 664 -4.33 -0.77 5.88
C ASN B 664 -3.68 -1.52 7.04
N LYS B 665 -3.61 -0.90 8.23
CA LYS B 665 -2.78 -1.46 9.28
C LYS B 665 -3.53 -2.37 10.26
N ILE B 666 -4.86 -2.34 10.33
CA ILE B 666 -5.56 -2.93 11.47
C ILE B 666 -6.53 -4.04 11.09
N ALA B 667 -6.25 -4.80 10.02
CA ALA B 667 -7.19 -5.82 9.59
C ALA B 667 -7.23 -7.01 10.56
N GLN B 668 -6.08 -7.67 10.73
CA GLN B 668 -6.04 -8.85 11.59
C GLN B 668 -6.37 -8.49 13.03
N GLU B 669 -5.93 -7.32 13.49
CA GLU B 669 -6.29 -6.88 14.83
C GLU B 669 -7.80 -6.73 14.97
N SER B 670 -8.46 -6.18 13.95
CA SER B 670 -9.91 -6.05 13.99
C SER B 670 -10.57 -7.42 14.06
N LYS B 671 -10.08 -8.39 13.28
CA LYS B 671 -10.67 -9.72 13.33
C LYS B 671 -10.48 -10.36 14.70
N ASN B 672 -9.30 -10.21 15.29
CA ASN B 672 -9.06 -10.77 16.61
C ASN B 672 -9.95 -10.12 17.66
N ILE B 673 -10.14 -8.81 17.57
CA ILE B 673 -10.99 -8.11 18.54
C ILE B 673 -12.44 -8.55 18.38
N TRP B 674 -12.88 -8.78 17.14
CA TRP B 674 -14.22 -9.30 16.93
C TRP B 674 -14.37 -10.69 17.54
N LYS B 675 -13.36 -11.54 17.37
CA LYS B 675 -13.41 -12.87 17.98
C LYS B 675 -13.51 -12.78 19.49
N LEU B 676 -12.76 -11.86 20.10
CA LEU B 676 -12.83 -11.69 21.54
C LEU B 676 -14.20 -11.18 21.98
N GLN B 677 -14.80 -10.30 21.19
CA GLN B 677 -16.14 -9.73 21.47
C GLN B 677 -17.19 -10.84 21.42
N ARG B 678 -17.06 -11.78 20.48
CA ARG B 678 -17.99 -12.91 20.40
C ARG B 678 -17.75 -13.91 21.53
N ALA B 679 -16.49 -14.12 21.91
CA ALA B 679 -16.21 -15.01 23.03
C ALA B 679 -16.82 -14.47 24.32
N ILE B 680 -16.70 -13.17 24.54
CA ILE B 680 -17.31 -12.58 25.74
C ILE B 680 -18.83 -12.75 25.69
N THR B 681 -19.43 -12.56 24.51
CA THR B 681 -20.87 -12.77 24.39
C THR B 681 -21.26 -14.20 24.74
N ILE B 682 -20.49 -15.18 24.26
CA ILE B 682 -20.80 -16.57 24.53
C ILE B 682 -20.70 -16.85 26.03
N LEU B 683 -19.64 -16.37 26.67
CA LEU B 683 -19.47 -16.64 28.09
C LEU B 683 -20.57 -15.98 28.91
N ASP B 684 -20.94 -14.75 28.57
CA ASP B 684 -22.02 -14.08 29.29
C ASP B 684 -23.34 -14.82 29.09
N THR B 685 -23.60 -15.29 27.88
CA THR B 685 -24.82 -16.05 27.62
C THR B 685 -24.87 -17.31 28.47
N GLU B 686 -23.73 -18.02 28.58
CA GLU B 686 -23.70 -19.19 29.45
C GLU B 686 -23.95 -18.81 30.90
N LYS B 687 -23.27 -17.78 31.39
CA LYS B 687 -23.38 -17.41 32.79
C LYS B 687 -24.78 -16.94 33.17
N SER B 688 -25.45 -16.19 32.30
CA SER B 688 -26.80 -15.75 32.63
C SER B 688 -27.74 -16.93 32.81
N PHE B 689 -27.43 -18.06 32.18
CA PHE B 689 -28.28 -19.25 32.22
C PHE B 689 -29.66 -18.95 31.66
N ALA B 696 -26.02 -27.56 28.08
CA ALA B 696 -24.74 -27.43 27.40
C ALA B 696 -23.61 -27.95 28.29
N PHE B 697 -22.70 -28.71 27.69
CA PHE B 697 -21.52 -29.18 28.40
C PHE B 697 -20.37 -29.30 27.42
N ARG B 698 -19.20 -29.67 27.96
CA ARG B 698 -17.96 -29.65 27.20
C ARG B 698 -18.03 -30.48 25.93
N SER B 699 -18.11 -31.80 26.07
CA SER B 699 -18.08 -32.72 24.95
C SER B 699 -18.33 -34.11 25.52
N GLY B 700 -18.22 -35.14 24.68
CA GLY B 700 -18.45 -36.49 25.14
C GLY B 700 -17.37 -36.96 26.10
N LYS B 701 -17.80 -37.75 27.09
CA LYS B 701 -16.86 -38.47 27.93
C LYS B 701 -16.20 -39.59 27.13
N LEU B 702 -14.91 -39.82 27.37
CA LEU B 702 -14.19 -40.85 26.62
C LEU B 702 -13.03 -41.38 27.45
N LEU B 703 -12.53 -42.53 27.02
CA LEU B 703 -11.37 -43.18 27.60
C LEU B 703 -10.16 -43.01 26.68
N GLN B 704 -9.03 -42.65 27.26
CA GLN B 704 -7.82 -42.37 26.50
C GLN B 704 -6.62 -43.22 26.89
N VAL B 705 -6.42 -43.48 28.19
CA VAL B 705 -5.29 -44.26 28.64
C VAL B 705 -5.69 -45.63 29.15
N GLY B 706 -6.88 -45.76 29.73
CA GLY B 706 -7.35 -47.02 30.25
C GLY B 706 -6.75 -47.40 31.60
N PHE B 707 -5.61 -46.80 31.95
CA PHE B 707 -4.99 -47.03 33.24
C PHE B 707 -4.10 -45.84 33.57
N THR B 708 -4.29 -45.27 34.76
CA THR B 708 -3.38 -44.29 35.30
C THR B 708 -2.22 -45.06 35.92
N PRO B 709 -1.22 -44.39 36.52
CA PRO B 709 -0.19 -45.16 37.22
C PRO B 709 -0.77 -46.12 38.25
N ASP B 710 -1.87 -45.73 38.89
CA ASP B 710 -2.59 -46.63 39.79
C ASP B 710 -3.46 -47.58 38.97
N GLY B 711 -4.19 -48.45 39.67
CA GLY B 711 -5.00 -49.43 38.99
C GLY B 711 -6.18 -48.82 38.25
N LYS B 712 -6.84 -47.85 38.88
CA LYS B 712 -8.07 -47.31 38.32
C LYS B 712 -7.77 -46.50 37.06
N ASP B 713 -8.78 -46.39 36.21
CA ASP B 713 -8.67 -45.66 34.95
C ASP B 713 -9.25 -44.26 35.14
N ASP B 714 -9.27 -43.47 34.07
CA ASP B 714 -9.74 -42.09 34.16
C ASP B 714 -10.39 -41.66 32.86
N TYR B 715 -11.33 -40.72 33.00
CA TYR B 715 -12.01 -40.06 31.90
C TYR B 715 -11.77 -38.57 32.01
N ARG B 716 -11.55 -37.87 30.90
CA ARG B 716 -11.19 -36.47 30.99
C ARG B 716 -11.90 -35.60 29.95
N TRP B 717 -13.15 -35.91 29.62
CA TRP B 717 -14.06 -34.96 28.98
C TRP B 717 -13.42 -34.36 27.72
N CYS B 718 -13.15 -35.22 26.75
CA CYS B 718 -12.35 -34.83 25.60
C CYS B 718 -13.22 -34.20 24.50
N PHE B 719 -12.55 -33.50 23.59
CA PHE B 719 -13.20 -32.78 22.48
C PHE B 719 -12.50 -33.16 21.18
N ARG B 720 -13.24 -33.76 20.25
CA ARG B 720 -12.63 -34.40 19.10
C ARG B 720 -12.30 -33.40 18.00
N VAL B 721 -11.19 -33.66 17.30
CA VAL B 721 -10.79 -32.89 16.13
C VAL B 721 -10.20 -33.86 15.10
N ASP B 722 -10.57 -33.67 13.84
CA ASP B 722 -10.12 -34.52 12.74
C ASP B 722 -9.25 -33.72 11.78
N GLU B 723 -8.08 -34.27 11.46
CA GLU B 723 -7.15 -33.62 10.54
C GLU B 723 -6.61 -34.65 9.55
N VAL B 724 -6.19 -34.15 8.39
CA VAL B 724 -5.74 -34.98 7.27
C VAL B 724 -4.31 -34.61 6.94
N ASN B 725 -3.44 -35.61 6.82
CA ASN B 725 -2.05 -35.43 6.47
C ASN B 725 -1.72 -36.28 5.25
N TRP B 726 -0.94 -35.71 4.33
CA TRP B 726 -0.60 -36.40 3.09
C TRP B 726 0.87 -36.75 2.99
N THR B 727 1.68 -36.38 3.98
CA THR B 727 3.10 -36.74 4.04
C THR B 727 3.39 -37.40 5.38
N THR B 728 4.66 -37.75 5.58
CA THR B 728 5.11 -38.41 6.81
C THR B 728 4.16 -39.54 7.19
N TRP B 729 4.14 -40.58 6.37
CA TRP B 729 3.32 -41.76 6.63
C TRP B 729 3.88 -42.56 7.79
N SER C 197 10.64 -22.60 -52.38
CA SER C 197 10.83 -21.17 -52.01
C SER C 197 10.90 -21.02 -50.50
N TYR C 198 10.19 -21.90 -49.78
CA TYR C 198 10.13 -21.84 -48.33
C TYR C 198 11.48 -22.20 -47.71
N TYR C 199 11.97 -23.40 -47.96
CA TYR C 199 13.24 -23.86 -47.42
C TYR C 199 14.39 -23.66 -48.40
N LYS C 200 14.12 -23.08 -49.57
CA LYS C 200 15.12 -23.04 -50.63
C LYS C 200 16.29 -22.14 -50.22
N GLY C 201 17.49 -22.52 -50.67
CA GLY C 201 18.72 -21.86 -50.31
C GLY C 201 19.53 -22.58 -49.26
N GLN C 202 18.92 -23.49 -48.50
CA GLN C 202 19.64 -24.23 -47.47
C GLN C 202 20.65 -25.17 -48.11
N THR C 203 21.79 -25.34 -47.44
CA THR C 203 22.81 -26.29 -47.85
C THR C 203 23.14 -27.18 -46.66
N ALA C 204 23.89 -28.25 -46.94
CA ALA C 204 24.21 -29.22 -45.90
C ALA C 204 24.99 -28.59 -44.76
N LEU C 205 25.71 -27.49 -45.03
CA LEU C 205 26.43 -26.81 -43.96
C LEU C 205 25.47 -26.30 -42.90
N HIS C 206 24.33 -25.76 -43.30
CA HIS C 206 23.37 -25.24 -42.34
C HIS C 206 22.86 -26.35 -41.43
N ILE C 207 22.50 -27.51 -42.01
CA ILE C 207 22.03 -28.62 -41.20
C ILE C 207 23.14 -29.10 -40.26
N ALA C 208 24.36 -29.22 -40.78
CA ALA C 208 25.46 -29.68 -39.95
C ALA C 208 25.70 -28.74 -38.77
N ILE C 209 25.64 -27.44 -39.02
CA ILE C 209 25.85 -26.47 -37.95
C ILE C 209 24.71 -26.54 -36.93
N GLU C 210 23.48 -26.69 -37.42
CA GLU C 210 22.33 -26.76 -36.51
C GLU C 210 22.40 -27.96 -35.56
N ARG C 211 22.74 -29.13 -36.06
CA ARG C 211 22.72 -30.34 -35.24
C ARG C 211 23.86 -30.39 -34.24
N ARG C 212 24.85 -29.51 -34.37
CA ARG C 212 25.95 -29.40 -33.41
C ARG C 212 26.78 -30.69 -33.37
N ASN C 213 27.30 -31.07 -34.53
CA ASN C 213 28.19 -32.23 -34.65
C ASN C 213 29.49 -31.76 -35.31
N MET C 214 30.55 -31.66 -34.50
CA MET C 214 31.83 -31.20 -35.01
C MET C 214 32.41 -32.15 -36.05
N THR C 215 32.34 -33.46 -35.78
CA THR C 215 32.96 -34.42 -36.70
C THR C 215 32.36 -34.33 -38.09
N LEU C 216 31.03 -34.28 -38.17
CA LEU C 216 30.39 -34.18 -39.47
C LEU C 216 30.71 -32.85 -40.15
N VAL C 217 30.81 -31.78 -39.37
CA VAL C 217 31.15 -30.48 -39.95
C VAL C 217 32.52 -30.53 -40.59
N THR C 218 33.50 -31.11 -39.88
CA THR C 218 34.85 -31.23 -40.43
C THR C 218 34.85 -32.12 -41.68
N LEU C 219 34.17 -33.25 -41.61
CA LEU C 219 34.16 -34.16 -42.75
C LEU C 219 33.53 -33.50 -43.98
N LEU C 220 32.44 -32.76 -43.78
CA LEU C 220 31.81 -32.06 -44.89
C LEU C 220 32.70 -30.96 -45.42
N VAL C 221 33.41 -30.25 -44.54
CA VAL C 221 34.33 -29.21 -44.98
C VAL C 221 35.50 -29.80 -45.75
N GLU C 222 35.82 -31.08 -45.54
CA GLU C 222 36.89 -31.70 -46.31
C GLU C 222 36.61 -31.62 -47.81
N ASN C 223 35.37 -31.89 -48.21
CA ASN C 223 35.04 -31.88 -49.63
C ASN C 223 35.22 -30.51 -50.27
N GLY C 224 35.18 -29.44 -49.48
CA GLY C 224 35.32 -28.10 -50.00
C GLY C 224 34.04 -27.36 -50.27
N ALA C 225 32.93 -27.76 -49.65
CA ALA C 225 31.67 -27.08 -49.87
C ALA C 225 31.78 -25.61 -49.48
N ASP C 226 31.23 -24.75 -50.33
CA ASP C 226 31.31 -23.30 -50.09
C ASP C 226 30.66 -22.94 -48.76
N VAL C 227 31.32 -22.06 -48.02
CA VAL C 227 30.86 -21.63 -46.71
C VAL C 227 30.29 -20.22 -46.75
N GLN C 228 29.76 -19.80 -47.90
CA GLN C 228 29.20 -18.47 -48.07
C GLN C 228 27.81 -18.51 -48.69
N ALA C 229 27.20 -19.70 -48.77
CA ALA C 229 25.85 -19.80 -49.31
C ALA C 229 24.86 -19.08 -48.40
N ALA C 230 23.94 -18.34 -49.00
CA ALA C 230 22.94 -17.58 -48.28
C ALA C 230 21.59 -18.28 -48.40
N ALA C 231 20.97 -18.57 -47.25
CA ALA C 231 19.67 -19.22 -47.22
C ALA C 231 18.59 -18.14 -47.30
N ASN C 232 17.95 -18.04 -48.46
CA ASN C 232 16.92 -17.03 -48.70
C ASN C 232 15.51 -17.57 -48.50
N GLY C 233 15.37 -18.78 -47.96
CA GLY C 233 14.05 -19.34 -47.77
C GLY C 233 13.21 -18.49 -46.83
N ASP C 234 11.90 -18.50 -47.07
CA ASP C 234 10.99 -17.72 -46.24
C ASP C 234 11.03 -18.13 -44.78
N PHE C 235 11.32 -19.40 -44.49
CA PHE C 235 11.48 -19.80 -43.10
C PHE C 235 12.64 -19.06 -42.46
N PHE C 236 13.67 -18.76 -43.24
CA PHE C 236 14.83 -18.03 -42.76
C PHE C 236 14.67 -16.52 -42.88
N LYS C 237 13.51 -16.04 -43.35
CA LYS C 237 13.26 -14.61 -43.45
C LYS C 237 12.84 -14.06 -42.10
N LYS C 238 12.73 -12.73 -42.04
CA LYS C 238 12.49 -12.05 -40.76
C LYS C 238 11.16 -12.45 -40.13
N THR C 239 10.04 -12.13 -40.80
CA THR C 239 8.73 -12.39 -40.23
C THR C 239 7.73 -12.84 -41.29
N LYS C 240 8.19 -13.57 -42.30
CA LYS C 240 7.30 -14.09 -43.34
C LYS C 240 6.57 -15.30 -42.76
N GLY C 241 5.55 -15.01 -41.96
CA GLY C 241 4.77 -16.04 -41.30
C GLY C 241 5.24 -16.30 -39.88
N ARG C 242 4.34 -16.86 -39.07
CA ARG C 242 4.67 -17.16 -37.68
C ARG C 242 5.86 -18.11 -37.58
N PRO C 243 5.94 -19.19 -38.35
CA PRO C 243 7.14 -20.02 -38.30
C PRO C 243 8.32 -19.33 -38.98
N GLY C 244 9.48 -19.44 -38.37
CA GLY C 244 10.68 -18.86 -38.94
C GLY C 244 11.68 -18.54 -37.86
N PHE C 245 12.91 -18.28 -38.30
CA PHE C 245 13.99 -17.93 -37.39
C PHE C 245 15.03 -17.16 -38.19
N TYR C 246 15.16 -15.86 -37.90
CA TYR C 246 16.17 -15.04 -38.56
C TYR C 246 17.51 -15.21 -37.85
N PHE C 247 18.56 -15.49 -38.62
CA PHE C 247 19.88 -15.66 -38.06
C PHE C 247 20.96 -14.97 -38.89
N GLY C 248 20.60 -14.19 -39.90
CA GLY C 248 21.56 -13.48 -40.71
C GLY C 248 21.79 -14.06 -42.10
N GLU C 249 21.32 -15.26 -42.37
CA GLU C 249 21.38 -15.90 -43.68
C GLU C 249 22.79 -16.35 -44.06
N LEU C 250 23.65 -16.67 -43.10
CA LEU C 250 24.98 -17.18 -43.41
C LEU C 250 25.40 -18.22 -42.38
N PRO C 251 26.26 -19.16 -42.76
CA PRO C 251 26.72 -20.15 -41.77
C PRO C 251 27.45 -19.54 -40.60
N LEU C 252 28.24 -18.49 -40.85
CA LEU C 252 28.94 -17.81 -39.76
C LEU C 252 27.94 -17.22 -38.77
N SER C 253 26.91 -16.55 -39.27
CA SER C 253 25.91 -15.98 -38.39
C SER C 253 25.11 -17.05 -37.68
N LEU C 254 24.79 -18.14 -38.39
CA LEU C 254 24.06 -19.24 -37.76
C LEU C 254 24.86 -19.82 -36.60
N ALA C 255 26.16 -20.00 -36.78
CA ALA C 255 27.00 -20.48 -35.68
C ALA C 255 27.04 -19.46 -34.55
N ALA C 256 27.16 -18.18 -34.88
CA ALA C 256 27.26 -17.16 -33.84
C ALA C 256 25.99 -17.08 -33.00
N CYS C 257 24.84 -17.32 -33.61
CA CYS C 257 23.56 -17.09 -32.97
C CYS C 257 22.97 -18.33 -32.29
N THR C 258 23.72 -19.43 -32.20
CA THR C 258 23.19 -20.68 -31.70
C THR C 258 24.18 -21.40 -30.79
N ASN C 259 24.92 -20.65 -29.96
CA ASN C 259 25.83 -21.24 -28.98
C ASN C 259 26.91 -22.11 -29.62
N GLN C 260 27.38 -21.74 -30.80
CA GLN C 260 28.42 -22.50 -31.49
C GLN C 260 29.69 -21.65 -31.55
N LEU C 261 30.49 -21.72 -30.48
CA LEU C 261 31.75 -20.99 -30.42
C LEU C 261 32.87 -21.77 -31.11
N ALA C 262 32.95 -23.08 -30.84
CA ALA C 262 33.93 -23.90 -31.52
C ALA C 262 33.72 -23.88 -33.03
N ILE C 263 32.47 -23.89 -33.47
CA ILE C 263 32.18 -23.90 -34.90
C ILE C 263 32.64 -22.61 -35.56
N VAL C 264 32.40 -21.46 -34.94
CA VAL C 264 32.83 -20.19 -35.52
C VAL C 264 34.35 -20.08 -35.48
N LYS C 265 34.97 -20.55 -34.40
CA LYS C 265 36.43 -20.65 -34.36
C LYS C 265 36.95 -21.45 -35.55
N PHE C 266 36.36 -22.62 -35.80
CA PHE C 266 36.79 -23.45 -36.92
C PHE C 266 36.61 -22.71 -38.24
N LEU C 267 35.42 -22.16 -38.47
CA LEU C 267 35.14 -21.51 -39.74
C LEU C 267 36.08 -20.34 -39.98
N LEU C 268 36.52 -19.67 -38.92
CA LEU C 268 37.46 -18.57 -39.06
C LEU C 268 38.92 -19.02 -39.02
N GLN C 269 39.18 -20.29 -38.74
CA GLN C 269 40.53 -20.82 -38.65
C GLN C 269 40.69 -22.11 -39.45
N ASN C 270 40.05 -22.20 -40.61
CA ASN C 270 40.15 -23.37 -41.49
C ASN C 270 40.97 -23.00 -42.70
N SER C 271 41.93 -23.86 -43.05
CA SER C 271 42.85 -23.55 -44.15
C SER C 271 42.19 -23.73 -45.51
N TRP C 272 41.28 -24.69 -45.64
CA TRP C 272 40.69 -24.97 -46.94
C TRP C 272 39.91 -23.77 -47.47
N GLN C 273 39.14 -23.12 -46.62
CA GLN C 273 38.36 -21.96 -47.04
C GLN C 273 37.99 -21.11 -45.84
N PRO C 274 38.85 -20.17 -45.43
CA PRO C 274 38.53 -19.34 -44.26
C PRO C 274 37.23 -18.58 -44.45
N ALA C 275 36.49 -18.42 -43.35
CA ALA C 275 35.20 -17.77 -43.39
C ALA C 275 35.38 -16.25 -43.34
N ASP C 276 34.68 -15.55 -44.23
CA ASP C 276 34.75 -14.09 -44.25
C ASP C 276 34.02 -13.52 -43.03
N ILE C 277 34.55 -12.44 -42.48
CA ILE C 277 34.01 -11.83 -41.28
C ILE C 277 33.17 -10.59 -41.57
N SER C 278 33.37 -9.94 -42.71
CA SER C 278 32.63 -8.73 -43.07
C SER C 278 31.46 -9.01 -44.00
N ALA C 279 31.12 -10.27 -44.23
CA ALA C 279 30.08 -10.60 -45.19
C ALA C 279 28.75 -9.98 -44.78
N ARG C 280 28.01 -9.49 -45.78
CA ARG C 280 26.70 -8.89 -45.59
C ARG C 280 25.65 -9.70 -46.31
N ASP C 281 24.51 -9.92 -45.65
CA ASP C 281 23.44 -10.72 -46.22
C ASP C 281 22.59 -9.86 -47.15
N SER C 282 21.44 -10.38 -47.55
CA SER C 282 20.54 -9.64 -48.43
C SER C 282 20.04 -8.37 -47.75
N VAL C 283 19.68 -8.46 -46.46
CA VAL C 283 19.19 -7.29 -45.75
C VAL C 283 20.31 -6.30 -45.48
N GLY C 284 21.57 -6.73 -45.58
CA GLY C 284 22.71 -5.89 -45.27
C GLY C 284 23.33 -6.13 -43.92
N ASN C 285 22.77 -7.05 -43.12
CA ASN C 285 23.27 -7.27 -41.78
C ASN C 285 24.49 -8.19 -41.79
N THR C 286 25.49 -7.85 -40.99
CA THR C 286 26.64 -8.70 -40.74
C THR C 286 26.39 -9.55 -39.51
N VAL C 287 27.45 -10.24 -39.07
CA VAL C 287 27.32 -11.12 -37.91
C VAL C 287 26.94 -10.33 -36.67
N LEU C 288 27.56 -9.17 -36.47
CA LEU C 288 27.21 -8.32 -35.33
C LEU C 288 25.78 -7.80 -35.44
N HIS C 289 25.37 -7.42 -36.65
CA HIS C 289 23.99 -6.99 -36.85
C HIS C 289 23.01 -8.09 -36.49
N ALA C 290 23.29 -9.32 -36.92
CA ALA C 290 22.41 -10.44 -36.59
C ALA C 290 22.39 -10.71 -35.09
N LEU C 291 23.55 -10.61 -34.45
CA LEU C 291 23.60 -10.80 -33.00
C LEU C 291 22.74 -9.76 -32.29
N VAL C 292 22.79 -8.51 -32.74
CA VAL C 292 21.91 -7.48 -32.20
C VAL C 292 20.45 -7.85 -32.46
N GLU C 293 20.15 -8.36 -33.65
CA GLU C 293 18.78 -8.69 -34.00
C GLU C 293 18.20 -9.76 -33.08
N VAL C 294 19.00 -10.80 -32.78
CA VAL C 294 18.47 -11.93 -32.02
C VAL C 294 18.35 -11.63 -30.53
N ALA C 295 18.87 -10.51 -30.06
CA ALA C 295 18.73 -10.16 -28.64
C ALA C 295 17.28 -9.82 -28.33
N ASP C 296 16.80 -10.27 -27.16
CA ASP C 296 15.42 -10.07 -26.76
C ASP C 296 15.30 -9.61 -25.31
N ASN C 297 16.38 -9.15 -24.70
CA ASN C 297 16.36 -8.60 -23.34
C ASN C 297 15.99 -9.68 -22.31
N THR C 298 16.74 -10.77 -22.32
CA THR C 298 16.66 -11.80 -21.30
C THR C 298 18.04 -12.07 -20.74
N VAL C 299 18.09 -12.45 -19.46
CA VAL C 299 19.37 -12.50 -18.75
C VAL C 299 20.33 -13.45 -19.45
N ASP C 300 19.90 -14.68 -19.70
CA ASP C 300 20.77 -15.64 -20.38
C ASP C 300 21.01 -15.23 -21.83
N ASN C 301 19.96 -14.80 -22.53
CA ASN C 301 20.12 -14.36 -23.90
C ASN C 301 21.07 -13.17 -23.99
N THR C 302 20.90 -12.21 -23.09
CA THR C 302 21.79 -11.04 -23.09
C THR C 302 23.22 -11.45 -22.80
N LYS C 303 23.41 -12.33 -21.82
CA LYS C 303 24.76 -12.78 -21.48
C LYS C 303 25.43 -13.43 -22.68
N PHE C 304 24.74 -14.36 -23.34
CA PHE C 304 25.31 -14.99 -24.53
C PHE C 304 25.57 -13.99 -25.65
N VAL C 305 24.61 -13.10 -25.91
CA VAL C 305 24.78 -12.19 -27.04
C VAL C 305 26.00 -11.31 -26.81
N THR C 306 26.14 -10.76 -25.60
CA THR C 306 27.30 -9.91 -25.31
C THR C 306 28.59 -10.71 -25.38
N SER C 307 28.60 -11.94 -24.85
CA SER C 307 29.81 -12.75 -24.86
C SER C 307 30.27 -13.02 -26.29
N MET C 308 29.34 -13.45 -27.14
CA MET C 308 29.70 -13.73 -28.53
C MET C 308 30.11 -12.45 -29.26
N TYR C 309 29.44 -11.33 -28.98
CA TYR C 309 29.85 -10.06 -29.54
C TYR C 309 31.32 -9.77 -29.22
N ASN C 310 31.68 -9.88 -27.94
CA ASN C 310 33.05 -9.59 -27.53
C ASN C 310 34.03 -10.56 -28.19
N GLU C 311 33.71 -11.84 -28.19
CA GLU C 311 34.63 -12.83 -28.76
C GLU C 311 34.85 -12.59 -30.24
N ILE C 312 33.78 -12.34 -30.99
CA ILE C 312 33.92 -12.09 -32.42
C ILE C 312 34.70 -10.82 -32.67
N LEU C 313 34.47 -9.78 -31.85
CA LEU C 313 35.22 -8.55 -32.01
C LEU C 313 36.71 -8.78 -31.82
N ILE C 314 37.07 -9.53 -30.78
CA ILE C 314 38.49 -9.81 -30.52
C ILE C 314 39.08 -10.62 -31.65
N LEU C 315 38.34 -11.63 -32.14
CA LEU C 315 38.84 -12.46 -33.23
C LEU C 315 39.05 -11.63 -34.49
N GLY C 316 38.11 -10.73 -34.78
CA GLY C 316 38.27 -9.87 -35.94
C GLY C 316 39.47 -8.95 -35.82
N ALA C 317 39.74 -8.47 -34.60
CA ALA C 317 40.95 -7.70 -34.39
C ALA C 317 42.20 -8.55 -34.65
N LYS C 318 42.17 -9.80 -34.19
CA LYS C 318 43.35 -10.66 -34.35
C LYS C 318 43.62 -10.97 -35.82
N LEU C 319 42.60 -11.44 -36.55
CA LEU C 319 42.84 -11.83 -37.95
C LEU C 319 43.04 -10.61 -38.83
N HIS C 320 42.23 -9.56 -38.65
CA HIS C 320 42.25 -8.38 -39.49
C HIS C 320 42.39 -7.15 -38.60
N PRO C 321 43.61 -6.83 -38.18
CA PRO C 321 43.79 -5.64 -37.33
C PRO C 321 43.35 -4.35 -38.01
N THR C 322 43.54 -4.24 -39.33
CA THR C 322 43.14 -3.02 -40.03
C THR C 322 41.63 -2.85 -40.03
N LEU C 323 40.88 -3.93 -40.25
CA LEU C 323 39.45 -3.84 -40.40
C LEU C 323 38.78 -3.47 -39.07
N LYS C 324 37.72 -2.67 -39.17
CA LYS C 324 36.91 -2.30 -38.02
C LYS C 324 35.46 -2.67 -38.34
N LEU C 325 34.94 -3.69 -37.67
CA LEU C 325 33.61 -4.19 -37.96
C LEU C 325 32.51 -3.25 -37.46
N GLU C 326 32.81 -2.42 -36.47
CA GLU C 326 31.79 -1.61 -35.83
C GLU C 326 31.21 -0.55 -36.76
N GLU C 327 31.89 -0.24 -37.87
CA GLU C 327 31.44 0.78 -38.80
C GLU C 327 30.63 0.24 -39.97
N ILE C 328 30.57 -1.07 -40.14
CA ILE C 328 29.82 -1.64 -41.25
C ILE C 328 28.34 -1.36 -41.03
N THR C 329 27.70 -0.71 -42.00
CA THR C 329 26.32 -0.28 -41.90
C THR C 329 25.45 -1.10 -42.85
N ASN C 330 24.32 -1.56 -42.34
CA ASN C 330 23.43 -2.42 -43.13
C ASN C 330 22.75 -1.58 -44.21
N ARG C 331 21.92 -2.25 -45.01
CA ARG C 331 21.24 -1.57 -46.11
C ARG C 331 20.31 -0.47 -45.61
N LYS C 332 19.89 -0.52 -44.36
CA LYS C 332 19.03 0.50 -43.78
C LYS C 332 19.80 1.77 -43.41
N GLY C 333 21.13 1.73 -43.45
CA GLY C 333 21.93 2.89 -43.06
C GLY C 333 22.14 3.01 -41.57
N LEU C 334 22.23 1.89 -40.87
CA LEU C 334 22.42 1.88 -39.42
C LEU C 334 23.60 0.99 -39.04
N THR C 335 24.45 1.49 -38.16
CA THR C 335 25.50 0.70 -37.55
C THR C 335 24.90 -0.17 -36.44
N PRO C 336 25.61 -1.22 -36.01
CA PRO C 336 25.04 -2.09 -34.98
C PRO C 336 24.66 -1.33 -33.71
N LEU C 337 25.42 -0.32 -33.31
CA LEU C 337 25.06 0.48 -32.15
C LEU C 337 23.76 1.23 -32.40
N ALA C 338 23.63 1.84 -33.58
CA ALA C 338 22.39 2.53 -33.93
C ALA C 338 21.22 1.55 -33.99
N LEU C 339 21.46 0.35 -34.52
CA LEU C 339 20.41 -0.67 -34.55
C LEU C 339 19.98 -1.04 -33.14
N ALA C 340 20.93 -1.21 -32.23
CA ALA C 340 20.58 -1.55 -30.85
C ALA C 340 19.79 -0.43 -30.20
N ALA C 341 20.18 0.82 -30.46
CA ALA C 341 19.44 1.95 -29.89
C ALA C 341 18.02 2.03 -30.43
N SER C 342 17.85 1.80 -31.74
CA SER C 342 16.53 1.92 -32.35
C SER C 342 15.63 0.75 -31.95
N SER C 343 16.18 -0.46 -31.88
CA SER C 343 15.37 -1.64 -31.64
C SER C 343 14.94 -1.77 -30.19
N GLY C 344 15.53 -1.01 -29.28
CA GLY C 344 15.20 -1.13 -27.87
C GLY C 344 15.99 -2.17 -27.12
N LYS C 345 17.15 -2.57 -27.62
CA LYS C 345 17.96 -3.61 -27.00
C LYS C 345 18.80 -2.97 -25.90
N ILE C 346 18.26 -2.98 -24.68
CA ILE C 346 18.90 -2.28 -23.58
C ILE C 346 20.21 -2.97 -23.18
N GLY C 347 20.21 -4.30 -23.12
CA GLY C 347 21.40 -5.00 -22.66
C GLY C 347 22.58 -4.82 -23.60
N VAL C 348 22.34 -4.95 -24.90
CA VAL C 348 23.41 -4.79 -25.87
C VAL C 348 23.96 -3.37 -25.83
N LEU C 349 23.08 -2.36 -25.75
CA LEU C 349 23.53 -0.98 -25.67
C LEU C 349 24.35 -0.74 -24.43
N ALA C 350 23.89 -1.24 -23.27
CA ALA C 350 24.64 -1.06 -22.03
C ALA C 350 26.01 -1.70 -22.13
N TYR C 351 26.09 -2.92 -22.68
CA TYR C 351 27.38 -3.58 -22.83
C TYR C 351 28.30 -2.79 -23.75
N ILE C 352 27.78 -2.33 -24.89
CA ILE C 352 28.62 -1.66 -25.88
C ILE C 352 29.15 -0.34 -25.32
N LEU C 353 28.31 0.44 -24.67
CA LEU C 353 28.70 1.80 -24.32
C LEU C 353 29.84 1.82 -23.31
N GLN C 354 30.04 0.73 -22.58
CA GLN C 354 31.04 0.73 -21.51
C GLN C 354 31.85 -0.57 -21.48
N ARG C 355 32.29 -1.04 -22.65
CA ARG C 355 33.09 -2.26 -22.72
C ARG C 355 34.55 -1.94 -22.45
N GLU C 356 35.24 -2.88 -21.82
CA GLU C 356 36.67 -2.76 -21.53
C GLU C 356 37.38 -4.01 -22.01
N ILE C 357 38.56 -3.83 -22.61
CA ILE C 357 39.36 -4.92 -23.17
C ILE C 357 40.74 -4.86 -22.57
N HIS C 358 41.25 -6.00 -22.12
CA HIS C 358 42.52 -6.08 -21.41
C HIS C 358 43.39 -7.21 -21.95
N GLU C 359 43.56 -7.26 -23.28
CA GLU C 359 44.42 -8.24 -23.91
C GLU C 359 45.36 -7.54 -24.89
N PRO C 360 46.49 -8.17 -25.22
CA PRO C 360 47.47 -7.51 -26.09
C PRO C 360 46.90 -7.22 -27.47
N GLU C 361 47.39 -6.12 -28.05
CA GLU C 361 47.08 -5.67 -29.40
C GLU C 361 45.59 -5.60 -29.70
N CYS C 362 44.73 -5.63 -28.67
CA CYS C 362 43.31 -5.44 -28.89
C CYS C 362 42.68 -4.60 -27.78
N ARG C 363 43.46 -3.78 -27.08
CA ARG C 363 42.92 -2.85 -26.10
C ARG C 363 42.28 -1.64 -26.73
N HIS C 364 42.61 -1.33 -27.98
CA HIS C 364 42.03 -0.18 -28.65
C HIS C 364 40.53 -0.33 -28.87
N LEU C 365 40.01 -1.57 -28.84
CA LEU C 365 38.59 -1.77 -29.05
C LEU C 365 37.74 -1.23 -27.91
N SER C 366 38.31 -1.09 -26.72
CA SER C 366 37.52 -0.73 -25.56
C SER C 366 36.96 0.69 -25.72
N ARG C 367 35.85 0.93 -25.02
CA ARG C 367 35.16 2.21 -25.06
C ARG C 367 35.30 2.99 -23.76
N LYS C 368 35.33 2.31 -22.62
CA LYS C 368 35.67 2.94 -21.36
C LYS C 368 37.15 2.76 -21.05
N PHE C 369 37.73 3.73 -20.36
CA PHE C 369 39.15 3.72 -20.05
C PHE C 369 39.33 4.13 -18.58
N THR C 370 40.58 4.29 -18.17
CA THR C 370 40.90 4.68 -16.79
C THR C 370 42.06 5.66 -16.86
N GLU C 371 41.75 6.96 -16.77
CA GLU C 371 42.78 7.98 -16.93
C GLU C 371 43.83 7.88 -15.82
N TRP C 372 43.40 7.71 -14.58
CA TRP C 372 44.34 7.60 -13.47
C TRP C 372 43.62 7.05 -12.24
N ALA C 373 44.41 6.46 -11.35
CA ALA C 373 43.90 5.89 -10.10
C ALA C 373 44.82 6.32 -8.96
N TYR C 374 44.22 6.73 -7.84
CA TYR C 374 44.97 7.15 -6.66
C TYR C 374 44.18 6.75 -5.44
N GLY C 375 44.73 5.85 -4.63
CA GLY C 375 44.05 5.37 -3.46
C GLY C 375 42.75 4.68 -3.82
N PRO C 376 41.65 5.08 -3.22
CA PRO C 376 40.34 4.48 -3.55
C PRO C 376 39.58 5.15 -4.68
N VAL C 377 40.10 6.22 -5.27
CA VAL C 377 39.40 7.00 -6.27
C VAL C 377 40.14 6.91 -7.60
N HIS C 378 39.41 6.59 -8.67
CA HIS C 378 39.98 6.51 -10.00
C HIS C 378 39.05 7.20 -10.98
N SER C 379 39.64 7.76 -12.03
CA SER C 379 38.90 8.51 -13.04
C SER C 379 38.79 7.66 -14.30
N SER C 380 37.58 7.55 -14.82
CA SER C 380 37.30 6.78 -16.03
C SER C 380 36.84 7.70 -17.15
N LEU C 381 37.12 7.31 -18.37
CA LEU C 381 36.81 8.09 -19.56
C LEU C 381 35.87 7.29 -20.45
N TYR C 382 34.82 7.95 -20.95
CA TYR C 382 33.85 7.34 -21.84
C TYR C 382 33.97 7.97 -23.23
N ASP C 383 33.89 7.12 -24.25
CA ASP C 383 34.05 7.56 -25.63
C ASP C 383 32.72 8.07 -26.15
N LEU C 384 32.65 9.35 -26.47
CA LEU C 384 31.44 9.95 -27.03
C LEU C 384 31.39 9.90 -28.53
N SER C 385 32.11 9.01 -29.18
CA SER C 385 32.08 8.94 -30.65
C SER C 385 30.72 8.43 -31.11
N CYS C 386 29.97 9.29 -31.80
CA CYS C 386 28.68 8.92 -32.39
C CYS C 386 27.63 8.60 -31.33
N ILE C 387 27.52 9.47 -30.32
CA ILE C 387 26.48 9.38 -29.30
C ILE C 387 25.61 10.64 -29.26
N ASP C 388 26.24 11.81 -29.35
CA ASP C 388 25.48 13.06 -29.27
C ASP C 388 25.50 13.84 -30.58
N THR C 389 26.58 13.77 -31.34
CA THR C 389 26.66 14.40 -32.66
C THR C 389 27.29 13.43 -33.64
N CYS C 390 26.55 13.08 -34.70
CA CYS C 390 27.05 12.23 -35.77
C CYS C 390 26.68 12.74 -37.15
N GLU C 391 25.75 13.69 -37.28
CA GLU C 391 25.38 14.33 -38.53
C GLU C 391 24.57 13.42 -39.45
N LYS C 392 24.41 12.15 -39.09
CA LYS C 392 23.42 11.32 -39.76
C LYS C 392 22.45 10.67 -38.78
N ASN C 393 22.95 10.08 -37.70
CA ASN C 393 22.11 9.54 -36.64
C ASN C 393 22.99 9.14 -35.47
N SER C 394 22.54 9.48 -34.27
CA SER C 394 23.32 9.25 -33.06
C SER C 394 22.43 8.59 -32.02
N VAL C 395 23.07 8.09 -30.96
CA VAL C 395 22.32 7.37 -29.94
C VAL C 395 21.27 8.26 -29.30
N LEU C 396 21.63 9.50 -28.97
CA LEU C 396 20.71 10.37 -28.26
C LEU C 396 19.49 10.71 -29.11
N GLU C 397 19.72 11.16 -30.35
CA GLU C 397 18.57 11.57 -31.16
C GLU C 397 17.80 10.38 -31.69
N VAL C 398 18.46 9.23 -31.83
CA VAL C 398 17.74 8.01 -32.20
C VAL C 398 16.82 7.57 -31.08
N ILE C 399 17.29 7.65 -29.84
CA ILE C 399 16.45 7.24 -28.70
C ILE C 399 15.33 8.24 -28.49
N ALA C 400 15.64 9.53 -28.52
CA ALA C 400 14.66 10.55 -28.15
C ALA C 400 13.52 10.61 -29.17
N TYR C 401 13.84 10.57 -30.45
CA TYR C 401 12.85 10.71 -31.51
C TYR C 401 12.28 9.37 -31.96
N SER C 402 12.59 8.28 -31.27
CA SER C 402 12.02 6.99 -31.63
C SER C 402 10.52 7.00 -31.35
N SER C 403 9.75 6.42 -32.27
CA SER C 403 8.32 6.31 -32.07
C SER C 403 8.01 5.55 -30.79
N SER C 404 6.77 5.69 -30.32
CA SER C 404 6.37 5.00 -29.11
C SER C 404 6.39 3.48 -29.28
N GLU C 405 6.48 2.99 -30.51
CA GLU C 405 6.50 1.55 -30.74
C GLU C 405 7.72 0.88 -30.11
N THR C 406 8.83 1.61 -29.99
CA THR C 406 10.05 1.01 -29.48
C THR C 406 9.84 0.56 -28.03
N PRO C 407 10.32 -0.65 -27.65
CA PRO C 407 10.00 -1.16 -26.31
C PRO C 407 10.46 -0.32 -25.15
N ASN C 408 11.76 -0.07 -25.02
CA ASN C 408 12.34 0.49 -23.80
C ASN C 408 12.87 1.90 -23.99
N ARG C 409 12.09 2.75 -24.68
CA ARG C 409 12.54 4.12 -24.93
C ARG C 409 12.72 4.91 -23.64
N HIS C 410 11.89 4.64 -22.62
CA HIS C 410 12.00 5.38 -21.36
C HIS C 410 13.24 4.97 -20.58
N ASP C 411 13.49 3.67 -20.48
CA ASP C 411 14.58 3.16 -19.66
C ASP C 411 15.94 3.26 -20.35
N MET C 412 15.97 3.64 -21.63
CA MET C 412 17.21 3.59 -22.38
C MET C 412 18.21 4.62 -21.89
N LEU C 413 17.72 5.77 -21.41
CA LEU C 413 18.60 6.86 -21.01
C LEU C 413 19.20 6.66 -19.64
N LEU C 414 18.79 5.63 -18.90
CA LEU C 414 19.32 5.39 -17.57
C LEU C 414 20.74 4.85 -17.58
N VAL C 415 21.27 4.48 -18.75
CA VAL C 415 22.66 4.05 -18.84
C VAL C 415 23.56 5.23 -18.51
N GLU C 416 24.57 4.98 -17.67
CA GLU C 416 25.34 6.01 -16.97
C GLU C 416 25.80 7.17 -17.87
N PRO C 417 26.61 6.90 -18.90
CA PRO C 417 27.16 8.01 -19.68
C PRO C 417 26.10 8.92 -20.25
N LEU C 418 24.96 8.36 -20.68
CA LEU C 418 23.92 9.18 -21.29
C LEU C 418 23.29 10.13 -20.29
N ASN C 419 22.99 9.63 -19.08
CA ASN C 419 22.45 10.50 -18.04
C ASN C 419 23.45 11.60 -17.68
N ARG C 420 24.73 11.25 -17.54
CA ARG C 420 25.72 12.27 -17.23
C ARG C 420 25.80 13.31 -18.33
N LEU C 421 25.78 12.88 -19.59
CA LEU C 421 25.81 13.83 -20.71
C LEU C 421 24.62 14.78 -20.66
N LEU C 422 23.42 14.24 -20.50
CA LEU C 422 22.24 15.09 -20.53
C LEU C 422 22.28 16.10 -19.40
N GLN C 423 22.64 15.66 -18.19
CA GLN C 423 22.73 16.60 -17.08
C GLN C 423 23.79 17.67 -17.34
N ASP C 424 24.94 17.27 -17.88
CA ASP C 424 26.00 18.23 -18.15
C ASP C 424 25.55 19.28 -19.15
N LYS C 425 24.94 18.86 -20.25
CA LYS C 425 24.48 19.81 -21.26
C LYS C 425 23.43 20.76 -20.67
N TRP C 426 22.50 20.21 -19.90
CA TRP C 426 21.47 21.00 -19.26
C TRP C 426 22.15 22.12 -18.48
N ASP C 427 22.92 21.72 -17.46
CA ASP C 427 23.55 22.68 -16.56
C ASP C 427 24.42 23.67 -17.32
N ARG C 428 25.04 23.23 -18.41
CA ARG C 428 25.89 24.14 -19.18
C ARG C 428 25.09 25.29 -19.77
N PHE C 429 24.16 24.99 -20.68
CA PHE C 429 23.46 26.10 -21.35
C PHE C 429 21.95 25.94 -21.48
N VAL C 430 21.42 24.73 -21.42
CA VAL C 430 20.02 24.57 -21.79
C VAL C 430 19.13 25.16 -20.72
N LYS C 431 19.57 25.13 -19.47
CA LYS C 431 18.78 25.67 -18.38
C LYS C 431 18.51 27.16 -18.59
N ARG C 432 19.54 27.92 -18.94
CA ARG C 432 19.37 29.35 -19.17
C ARG C 432 18.51 29.60 -20.41
N ILE C 433 18.73 28.85 -21.49
CA ILE C 433 17.91 29.06 -22.68
C ILE C 433 16.43 28.81 -22.35
N PHE C 434 16.17 27.72 -21.63
CA PHE C 434 14.80 27.37 -21.27
C PHE C 434 14.16 28.42 -20.38
N TYR C 435 14.92 28.95 -19.42
CA TYR C 435 14.39 29.99 -18.55
C TYR C 435 14.01 31.23 -19.35
N PHE C 436 14.86 31.62 -20.30
CA PHE C 436 14.53 32.79 -21.11
C PHE C 436 13.26 32.55 -21.92
N ASN C 437 13.12 31.35 -22.50
CA ASN C 437 11.91 31.06 -23.25
C ASN C 437 10.67 31.12 -22.37
N PHE C 438 10.77 30.57 -21.15
CA PHE C 438 9.64 30.61 -20.23
C PHE C 438 9.26 32.04 -19.90
N PHE C 439 10.25 32.89 -19.65
CA PHE C 439 9.97 34.29 -19.34
C PHE C 439 9.27 34.98 -20.49
N VAL C 440 9.74 34.74 -21.72
CA VAL C 440 9.13 35.39 -22.88
C VAL C 440 7.68 34.94 -23.05
N TYR C 441 7.42 33.64 -22.84
CA TYR C 441 6.04 33.16 -22.96
C TYR C 441 5.15 33.79 -21.90
N CYS C 442 5.66 33.94 -20.67
CA CYS C 442 4.87 34.60 -19.64
C CYS C 442 4.51 36.03 -20.03
N LEU C 443 5.49 36.77 -20.55
CA LEU C 443 5.20 38.13 -21.00
C LEU C 443 4.16 38.14 -22.11
N TYR C 444 4.28 37.21 -23.07
CA TYR C 444 3.32 37.18 -24.17
C TYR C 444 1.91 36.91 -23.65
N MET C 445 1.76 35.96 -22.73
CA MET C 445 0.44 35.65 -22.21
C MET C 445 -0.13 36.84 -21.43
N ILE C 446 0.72 37.54 -20.67
CA ILE C 446 0.24 38.71 -19.93
C ILE C 446 -0.26 39.79 -20.89
N ILE C 447 0.50 40.03 -21.96
CA ILE C 447 0.07 41.04 -22.93
C ILE C 447 -1.24 40.65 -23.59
N PHE C 448 -1.37 39.36 -23.95
CA PHE C 448 -2.60 38.89 -24.57
C PHE C 448 -3.78 39.04 -23.63
N THR C 449 -3.60 38.69 -22.35
CA THR C 449 -4.68 38.85 -21.38
C THR C 449 -5.09 40.30 -21.25
N ALA C 450 -4.12 41.20 -21.13
CA ALA C 450 -4.45 42.62 -20.98
C ALA C 450 -5.18 43.15 -22.20
N ALA C 451 -4.75 42.76 -23.39
CA ALA C 451 -5.42 43.23 -24.60
C ALA C 451 -6.84 42.71 -24.68
N ALA C 452 -7.05 41.43 -24.36
CA ALA C 452 -8.39 40.85 -24.46
C ALA C 452 -9.32 41.41 -23.39
N TYR C 453 -8.80 41.72 -22.21
CA TYR C 453 -9.66 42.19 -21.12
C TYR C 453 -10.27 43.54 -21.43
N TYR C 454 -9.63 44.33 -22.30
CA TYR C 454 -10.04 45.69 -22.59
C TYR C 454 -10.60 45.85 -24.01
N ARG C 455 -11.24 44.82 -24.55
CA ARG C 455 -11.80 44.94 -25.88
C ARG C 455 -12.91 45.99 -25.88
N PRO C 456 -13.16 46.65 -27.01
CA PRO C 456 -13.97 47.89 -26.97
C PRO C 456 -15.47 47.67 -26.86
N VAL C 457 -15.94 46.43 -27.06
CA VAL C 457 -17.36 46.10 -26.99
C VAL C 457 -18.44 47.04 -27.51
N GLU C 458 -18.30 47.46 -28.77
CA GLU C 458 -19.27 48.35 -29.41
C GLU C 458 -20.19 47.83 -30.49
N GLY C 459 -19.88 46.71 -31.13
CA GLY C 459 -20.73 46.12 -32.15
C GLY C 459 -20.10 46.09 -33.51
N LEU C 460 -20.23 44.93 -34.16
CA LEU C 460 -19.85 44.72 -35.55
C LEU C 460 -18.44 45.22 -35.84
N PRO C 461 -17.40 44.48 -35.44
CA PRO C 461 -16.03 44.89 -35.75
C PRO C 461 -15.83 45.06 -37.24
N PRO C 462 -14.69 45.62 -37.67
CA PRO C 462 -13.55 46.12 -36.89
C PRO C 462 -13.86 47.43 -36.19
N TYR C 463 -13.00 47.84 -35.25
CA TYR C 463 -13.21 49.02 -34.44
C TYR C 463 -12.19 50.09 -34.82
N LYS C 464 -12.61 51.35 -34.66
CA LYS C 464 -11.77 52.48 -35.01
C LYS C 464 -10.73 52.72 -33.92
N LEU C 465 -9.74 53.57 -34.22
CA LEU C 465 -8.63 53.84 -33.33
C LEU C 465 -8.83 55.23 -32.74
N LYS C 466 -9.34 55.28 -31.51
CA LYS C 466 -9.48 56.55 -30.82
C LYS C 466 -8.11 57.12 -30.47
N ASN C 467 -8.01 58.45 -30.55
CA ASN C 467 -6.74 59.16 -30.33
C ASN C 467 -6.51 59.30 -28.82
N THR C 468 -6.05 58.20 -28.21
CA THR C 468 -5.76 58.18 -26.79
C THR C 468 -4.65 57.16 -26.54
N VAL C 469 -3.96 57.33 -25.41
CA VAL C 469 -2.83 56.45 -25.10
C VAL C 469 -3.31 55.02 -24.89
N GLY C 470 -4.41 54.84 -24.15
CA GLY C 470 -4.88 53.51 -23.87
C GLY C 470 -5.26 52.73 -25.11
N ASP C 471 -5.91 53.40 -26.06
CA ASP C 471 -6.29 52.73 -27.29
C ASP C 471 -5.06 52.33 -28.10
N TYR C 472 -4.05 53.19 -28.12
CA TYR C 472 -2.80 52.84 -28.81
C TYR C 472 -2.15 51.62 -28.17
N PHE C 473 -2.11 51.59 -26.84
CA PHE C 473 -1.53 50.43 -26.16
C PHE C 473 -2.33 49.17 -26.47
N ARG C 474 -3.66 49.27 -26.51
CA ARG C 474 -4.48 48.10 -26.80
C ARG C 474 -4.21 47.59 -28.21
N VAL C 475 -4.11 48.49 -29.18
CA VAL C 475 -3.81 48.08 -30.55
C VAL C 475 -2.45 47.40 -30.61
N THR C 476 -1.45 47.96 -29.94
CA THR C 476 -0.13 47.33 -29.91
C THR C 476 -0.21 45.94 -29.30
N GLY C 477 -0.95 45.80 -28.20
CA GLY C 477 -1.06 44.50 -27.56
C GLY C 477 -1.69 43.47 -28.45
N GLU C 478 -2.76 43.83 -29.16
CA GLU C 478 -3.41 42.85 -30.01
C GLU C 478 -2.54 42.50 -31.23
N ILE C 479 -1.79 43.46 -31.76
CA ILE C 479 -0.86 43.12 -32.83
C ILE C 479 0.18 42.13 -32.34
N LEU C 480 0.73 42.38 -31.14
CA LEU C 480 1.73 41.46 -30.59
C LEU C 480 1.14 40.06 -30.38
N SER C 481 -0.09 39.99 -29.87
CA SER C 481 -0.71 38.69 -29.66
C SER C 481 -0.90 37.94 -30.97
N VAL C 482 -1.36 38.64 -32.01
CA VAL C 482 -1.53 37.97 -33.31
C VAL C 482 -0.18 37.51 -33.85
N SER C 483 0.88 38.30 -33.64
CA SER C 483 2.20 37.88 -34.08
C SER C 483 2.63 36.60 -33.37
N GLY C 484 2.41 36.52 -32.06
CA GLY C 484 2.72 35.29 -31.35
C GLY C 484 1.93 34.11 -31.87
N GLY C 485 0.64 34.34 -32.17
CA GLY C 485 -0.18 33.26 -32.69
C GLY C 485 0.34 32.70 -34.01
N VAL C 486 0.71 33.60 -34.93
CA VAL C 486 1.23 33.14 -36.21
C VAL C 486 2.58 32.45 -36.02
N TYR C 487 3.41 32.95 -35.10
CA TYR C 487 4.68 32.29 -34.85
C TYR C 487 4.47 30.85 -34.40
N PHE C 488 3.53 30.64 -33.47
CA PHE C 488 3.27 29.29 -33.01
C PHE C 488 2.69 28.41 -34.12
N PHE C 489 1.85 29.00 -34.97
CA PHE C 489 1.28 28.24 -36.08
C PHE C 489 2.38 27.74 -37.02
N PHE C 490 3.31 28.63 -37.38
CA PHE C 490 4.42 28.23 -38.25
C PHE C 490 5.33 27.22 -37.57
N ARG C 491 5.58 27.38 -36.27
CA ARG C 491 6.39 26.41 -35.56
C ARG C 491 5.75 25.03 -35.61
N GLY C 492 4.45 24.95 -35.37
CA GLY C 492 3.77 23.67 -35.46
C GLY C 492 3.85 23.08 -36.86
N ILE C 493 3.66 23.92 -37.88
CA ILE C 493 3.73 23.42 -39.24
C ILE C 493 5.09 22.79 -39.52
N GLN C 494 6.18 23.49 -39.17
CA GLN C 494 7.49 22.95 -39.50
C GLN C 494 7.81 21.73 -38.65
N TYR C 495 7.32 21.69 -37.40
CA TYR C 495 7.47 20.49 -36.60
C TYR C 495 6.84 19.29 -37.30
N PHE C 496 5.59 19.45 -37.76
CA PHE C 496 4.90 18.34 -38.40
C PHE C 496 5.63 17.93 -39.67
N LEU C 497 6.10 18.90 -40.45
CA LEU C 497 6.82 18.57 -41.67
C LEU C 497 8.11 17.81 -41.38
N GLN C 498 8.85 18.23 -40.36
CA GLN C 498 10.15 17.62 -40.07
C GLN C 498 9.98 16.23 -39.47
N ARG C 499 9.31 16.15 -38.32
CA ARG C 499 9.14 14.84 -37.68
C ARG C 499 8.33 13.90 -38.56
N ARG C 500 7.31 14.44 -39.25
CA ARG C 500 6.44 13.64 -40.11
C ARG C 500 5.95 12.42 -39.35
N PRO C 501 5.13 12.59 -38.31
CA PRO C 501 4.61 11.44 -37.57
C PRO C 501 3.87 10.48 -38.49
N SER C 502 3.63 9.28 -37.96
CA SER C 502 3.00 8.20 -38.72
C SER C 502 1.48 8.33 -38.79
N LEU C 503 0.94 9.48 -38.42
CA LEU C 503 -0.50 9.76 -38.41
C LEU C 503 -1.22 9.05 -37.28
N LYS C 504 -0.53 8.23 -36.50
CA LYS C 504 -1.09 7.58 -35.33
C LYS C 504 -0.42 8.01 -34.03
N SER C 505 0.87 8.29 -34.05
CA SER C 505 1.52 8.87 -32.88
C SER C 505 1.05 10.29 -32.60
N LEU C 506 0.35 10.92 -33.55
CA LEU C 506 -0.23 12.23 -33.29
C LEU C 506 -1.17 12.17 -32.10
N PHE C 507 -1.95 11.10 -32.01
CA PHE C 507 -2.87 10.89 -30.90
C PHE C 507 -2.22 10.17 -29.73
N VAL C 508 -0.94 9.82 -29.83
CA VAL C 508 -0.25 9.10 -28.77
C VAL C 508 1.00 9.83 -28.29
N ASP C 509 1.64 10.64 -29.12
CA ASP C 509 2.83 11.38 -28.74
C ASP C 509 2.73 12.80 -29.28
N SER C 510 3.56 13.69 -28.75
CA SER C 510 3.55 15.13 -29.12
C SER C 510 2.21 15.76 -28.73
N TYR C 511 1.75 15.62 -27.47
CA TYR C 511 0.56 16.32 -27.01
C TYR C 511 0.80 17.82 -26.92
N SER C 512 1.98 18.23 -26.44
CA SER C 512 2.27 19.66 -26.30
C SER C 512 2.23 20.35 -27.65
N GLU C 513 2.82 19.72 -28.67
CA GLU C 513 2.88 20.35 -29.98
C GLU C 513 1.48 20.54 -30.55
N ILE C 514 0.62 19.52 -30.44
CA ILE C 514 -0.72 19.64 -30.98
C ILE C 514 -1.52 20.67 -30.20
N LEU C 515 -1.32 20.75 -28.88
CA LEU C 515 -2.04 21.75 -28.10
C LEU C 515 -1.63 23.17 -28.48
N PHE C 516 -0.33 23.41 -28.64
CA PHE C 516 0.12 24.74 -29.07
C PHE C 516 -0.42 25.07 -30.46
N PHE C 517 -0.42 24.08 -31.36
CA PHE C 517 -0.95 24.29 -32.70
C PHE C 517 -2.43 24.63 -32.65
N VAL C 518 -3.20 23.98 -31.78
CA VAL C 518 -4.63 24.24 -31.70
C VAL C 518 -4.87 25.64 -31.13
N GLN C 519 -4.07 26.06 -30.16
CA GLN C 519 -4.14 27.45 -29.69
C GLN C 519 -3.95 28.42 -30.85
N SER C 520 -2.90 28.18 -31.65
CA SER C 520 -2.65 29.08 -32.78
C SER C 520 -3.81 29.06 -33.77
N LEU C 521 -4.39 27.89 -34.01
CA LEU C 521 -5.53 27.80 -34.92
C LEU C 521 -6.70 28.63 -34.42
N PHE C 522 -6.98 28.55 -33.12
CA PHE C 522 -8.05 29.37 -32.56
C PHE C 522 -7.76 30.86 -32.75
N MET C 523 -6.52 31.27 -32.52
CA MET C 523 -6.17 32.68 -32.68
C MET C 523 -6.37 33.13 -34.13
N LEU C 524 -5.94 32.31 -35.09
CA LEU C 524 -6.07 32.69 -36.50
C LEU C 524 -7.53 32.75 -36.93
N VAL C 525 -8.34 31.78 -36.51
CA VAL C 525 -9.76 31.82 -36.81
C VAL C 525 -10.39 33.07 -36.20
N SER C 526 -9.95 33.43 -34.99
CA SER C 526 -10.44 34.65 -34.36
C SER C 526 -10.13 35.87 -35.22
N VAL C 527 -8.91 35.97 -35.73
CA VAL C 527 -8.55 37.13 -36.56
C VAL C 527 -9.41 37.16 -37.82
N VAL C 528 -9.57 36.02 -38.47
CA VAL C 528 -10.36 35.98 -39.70
C VAL C 528 -11.79 36.41 -39.43
N LEU C 529 -12.40 35.90 -38.36
CA LEU C 529 -13.76 36.30 -38.03
C LEU C 529 -13.82 37.78 -37.70
N TYR C 530 -12.81 38.30 -37.00
CA TYR C 530 -12.81 39.70 -36.61
C TYR C 530 -12.84 40.61 -37.83
N PHE C 531 -12.02 40.31 -38.84
CA PHE C 531 -12.02 41.17 -40.02
C PHE C 531 -13.18 40.91 -40.95
N SER C 532 -14.00 39.90 -40.67
CA SER C 532 -15.18 39.60 -41.46
C SER C 532 -16.46 40.17 -40.84
N GLN C 533 -16.34 41.04 -39.84
CA GLN C 533 -17.48 41.70 -39.21
C GLN C 533 -18.42 40.70 -38.54
N ARG C 534 -17.87 39.96 -37.58
CA ARG C 534 -18.63 38.99 -36.83
C ARG C 534 -18.25 39.06 -35.36
N LYS C 535 -19.17 38.67 -34.48
CA LYS C 535 -18.93 38.69 -33.05
C LYS C 535 -18.34 37.40 -32.53
N GLU C 536 -18.32 36.32 -33.31
CA GLU C 536 -17.79 35.05 -32.85
C GLU C 536 -16.27 35.08 -32.66
N TYR C 537 -15.62 36.13 -33.13
CA TYR C 537 -14.19 36.26 -32.86
C TYR C 537 -13.93 36.29 -31.36
N VAL C 538 -14.88 36.81 -30.58
CA VAL C 538 -14.71 36.82 -29.13
C VAL C 538 -14.71 35.39 -28.58
N ALA C 539 -15.61 34.54 -29.09
CA ALA C 539 -15.63 33.16 -28.65
C ALA C 539 -14.32 32.45 -29.00
N SER C 540 -13.84 32.65 -30.23
CA SER C 540 -12.59 32.02 -30.62
C SER C 540 -11.44 32.50 -29.76
N MET C 541 -11.38 33.80 -29.47
CA MET C 541 -10.25 34.34 -28.73
C MET C 541 -10.29 33.92 -27.26
N VAL C 542 -11.49 33.77 -26.67
CA VAL C 542 -11.54 33.29 -25.30
C VAL C 542 -11.11 31.83 -25.23
N PHE C 543 -11.50 31.02 -26.21
CA PHE C 543 -11.01 29.65 -26.24
C PHE C 543 -9.49 29.63 -26.34
N SER C 544 -8.92 30.48 -27.20
CA SER C 544 -7.48 30.54 -27.35
C SER C 544 -6.80 30.99 -26.06
N LEU C 545 -7.40 31.97 -25.37
CA LEU C 545 -6.83 32.49 -24.12
C LEU C 545 -6.79 31.40 -23.06
N ALA C 546 -7.88 30.67 -22.87
CA ALA C 546 -7.89 29.59 -21.90
C ALA C 546 -6.88 28.51 -22.28
N MET C 547 -6.81 28.16 -23.56
CA MET C 547 -5.84 27.14 -23.98
C MET C 547 -4.42 27.60 -23.70
N GLY C 548 -4.11 28.87 -23.94
CA GLY C 548 -2.76 29.36 -23.68
C GLY C 548 -2.42 29.33 -22.20
N TRP C 549 -3.36 29.74 -21.35
CA TRP C 549 -3.07 29.73 -19.92
C TRP C 549 -2.88 28.31 -19.42
N THR C 550 -3.61 27.34 -19.98
CA THR C 550 -3.35 25.94 -19.61
C THR C 550 -2.02 25.45 -20.17
N ASN C 551 -1.68 25.82 -21.40
CA ASN C 551 -0.40 25.41 -21.98
C ASN C 551 0.79 25.99 -21.23
N MET C 552 0.57 27.04 -20.45
CA MET C 552 1.60 27.49 -19.53
C MET C 552 2.22 26.33 -18.75
N LEU C 553 1.48 25.23 -18.58
CA LEU C 553 1.96 24.10 -17.79
C LEU C 553 3.06 23.32 -18.47
N TYR C 554 3.32 23.58 -19.76
CA TYR C 554 4.39 22.87 -20.47
C TYR C 554 5.74 23.15 -19.86
N TYR C 555 6.00 24.39 -19.48
CA TYR C 555 7.28 24.79 -18.90
C TYR C 555 7.49 24.25 -17.50
N THR C 556 6.56 23.46 -16.99
CA THR C 556 6.76 22.82 -15.70
C THR C 556 7.97 21.89 -15.72
N ARG C 557 8.32 21.35 -16.89
CA ARG C 557 9.56 20.61 -17.03
C ARG C 557 10.74 21.57 -16.92
N GLY C 558 11.88 21.03 -16.51
CA GLY C 558 12.97 21.85 -16.04
C GLY C 558 13.03 22.00 -14.55
N PHE C 559 11.96 21.61 -13.85
CA PHE C 559 11.95 21.50 -12.40
C PHE C 559 11.46 20.11 -12.06
N GLN C 560 12.24 19.37 -11.28
CA GLN C 560 12.00 17.94 -11.12
C GLN C 560 10.62 17.65 -10.53
N GLN C 561 10.32 18.24 -9.37
CA GLN C 561 9.08 17.89 -8.67
C GLN C 561 7.87 18.27 -9.50
N MET C 562 7.85 19.49 -10.03
CA MET C 562 6.72 19.93 -10.84
C MET C 562 6.61 19.13 -12.13
N GLY C 563 7.74 18.74 -12.72
CA GLY C 563 7.69 17.90 -13.90
C GLY C 563 7.06 16.54 -13.62
N ILE C 564 7.43 15.93 -12.50
CA ILE C 564 6.81 14.66 -12.11
C ILE C 564 5.31 14.85 -11.92
N TYR C 565 4.92 15.94 -11.27
CA TYR C 565 3.51 16.21 -11.04
C TYR C 565 2.75 16.33 -12.35
N ALA C 566 3.32 17.05 -13.32
CA ALA C 566 2.65 17.21 -14.61
C ALA C 566 2.55 15.88 -15.36
N VAL C 567 3.60 15.06 -15.30
CA VAL C 567 3.53 13.75 -15.95
C VAL C 567 2.42 12.92 -15.32
N MET C 568 2.29 12.98 -14.00
CA MET C 568 1.21 12.26 -13.33
C MET C 568 -0.15 12.77 -13.80
N ILE C 569 -0.31 14.08 -13.94
CA ILE C 569 -1.56 14.61 -14.47
C ILE C 569 -1.86 14.02 -15.83
N GLU C 570 -0.85 13.93 -16.69
CA GLU C 570 -1.05 13.44 -18.05
C GLU C 570 -1.51 11.98 -18.03
N LYS C 571 -0.85 11.15 -17.23
CA LYS C 571 -1.27 9.75 -17.11
C LYS C 571 -2.70 9.63 -16.58
N MET C 572 -3.03 10.40 -15.54
CA MET C 572 -4.35 10.32 -14.94
C MET C 572 -5.42 10.70 -15.95
N ILE C 573 -5.20 11.80 -16.68
CA ILE C 573 -6.14 12.20 -17.71
C ILE C 573 -6.32 11.07 -18.72
N LEU C 574 -5.22 10.45 -19.14
CA LEU C 574 -5.34 9.43 -20.19
C LEU C 574 -6.17 8.24 -19.73
N ARG C 575 -5.94 7.75 -18.51
CA ARG C 575 -6.61 6.50 -18.08
C ARG C 575 -7.89 6.73 -17.28
N ASP C 576 -7.75 7.33 -16.10
CA ASP C 576 -8.83 7.23 -15.11
C ASP C 576 -9.99 8.13 -15.48
N LEU C 577 -9.69 9.36 -15.88
CA LEU C 577 -10.75 10.28 -16.24
C LEU C 577 -11.52 9.77 -17.45
N CYS C 578 -10.83 9.15 -18.41
CA CYS C 578 -11.52 8.64 -19.59
C CYS C 578 -12.51 7.54 -19.23
N ARG C 579 -12.05 6.52 -18.49
CA ARG C 579 -12.98 5.44 -18.15
C ARG C 579 -14.13 5.96 -17.29
N PHE C 580 -13.81 6.77 -16.28
CA PHE C 580 -14.84 7.32 -15.42
C PHE C 580 -15.85 8.12 -16.23
N MET C 581 -15.37 8.92 -17.18
CA MET C 581 -16.26 9.77 -17.96
C MET C 581 -17.20 8.94 -18.81
N PHE C 582 -16.70 7.87 -19.42
CA PHE C 582 -17.61 7.04 -20.21
C PHE C 582 -18.74 6.49 -19.35
N VAL C 583 -18.40 5.86 -18.23
CA VAL C 583 -19.44 5.24 -17.42
C VAL C 583 -20.38 6.30 -16.86
N TYR C 584 -19.83 7.42 -16.38
CA TYR C 584 -20.63 8.48 -15.79
C TYR C 584 -21.58 9.10 -16.80
N LEU C 585 -21.11 9.33 -18.02
CA LEU C 585 -22.00 9.88 -19.04
C LEU C 585 -23.14 8.93 -19.35
N VAL C 586 -22.85 7.63 -19.43
CA VAL C 586 -23.93 6.69 -19.67
C VAL C 586 -24.99 6.80 -18.58
N PHE C 587 -24.57 6.77 -17.32
CA PHE C 587 -25.54 6.82 -16.23
C PHE C 587 -26.32 8.13 -16.22
N LEU C 588 -25.61 9.25 -16.41
CA LEU C 588 -26.26 10.55 -16.36
C LEU C 588 -27.30 10.68 -17.48
N PHE C 589 -26.94 10.27 -18.70
CA PHE C 589 -27.89 10.37 -19.80
C PHE C 589 -29.11 9.49 -19.56
N GLY C 590 -28.90 8.26 -19.09
CA GLY C 590 -30.04 7.39 -18.87
C GLY C 590 -31.02 7.95 -17.85
N PHE C 591 -30.49 8.39 -16.70
CA PHE C 591 -31.38 8.89 -15.67
C PHE C 591 -32.00 10.24 -16.05
N SER C 592 -31.27 11.06 -16.81
CA SER C 592 -31.86 12.31 -17.29
C SER C 592 -33.02 12.05 -18.21
N THR C 593 -32.88 11.08 -19.13
CA THR C 593 -33.99 10.75 -20.02
C THR C 593 -35.19 10.25 -19.23
N ALA C 594 -34.96 9.37 -18.25
CA ALA C 594 -36.08 8.90 -17.44
C ALA C 594 -36.78 10.05 -16.73
N VAL C 595 -36.01 10.93 -16.09
CA VAL C 595 -36.62 12.02 -15.33
C VAL C 595 -37.40 12.96 -16.26
N VAL C 596 -36.81 13.33 -17.40
CA VAL C 596 -37.46 14.29 -18.28
C VAL C 596 -38.69 13.68 -18.92
N THR C 597 -38.69 12.36 -19.15
CA THR C 597 -39.90 11.70 -19.61
C THR C 597 -40.98 11.76 -18.54
N LEU C 598 -40.61 11.61 -17.27
CA LEU C 598 -41.60 11.68 -16.20
C LEU C 598 -42.27 13.06 -16.14
N ILE C 599 -41.49 14.13 -16.31
CA ILE C 599 -42.03 15.47 -16.14
C ILE C 599 -43.07 15.75 -17.22
N GLU C 600 -44.15 16.44 -16.83
CA GLU C 600 -45.22 16.75 -17.77
C GLU C 600 -44.90 18.00 -18.60
N ASP C 601 -44.73 19.13 -17.93
CA ASP C 601 -44.41 20.38 -18.62
C ASP C 601 -43.77 21.33 -17.62
N GLY C 602 -43.20 22.41 -18.15
CA GLY C 602 -42.64 23.46 -17.32
C GLY C 602 -41.28 23.86 -17.84
N LYS C 603 -40.49 24.48 -16.96
CA LYS C 603 -39.16 24.93 -17.33
C LYS C 603 -38.24 23.74 -17.62
N TYR C 604 -38.35 22.67 -16.81
CA TYR C 604 -37.44 21.53 -16.91
C TYR C 604 -37.97 20.42 -17.79
N ASN C 605 -38.81 20.75 -18.78
CA ASN C 605 -39.30 19.74 -19.69
C ASN C 605 -38.36 19.51 -20.87
N SER C 606 -37.22 20.18 -20.89
CA SER C 606 -36.22 20.01 -21.93
C SER C 606 -35.11 19.10 -21.43
N LEU C 607 -34.48 18.39 -22.38
CA LEU C 607 -33.41 17.47 -22.02
C LEU C 607 -32.22 18.21 -21.44
N TYR C 608 -31.89 19.38 -21.99
CA TYR C 608 -30.72 20.13 -21.52
C TYR C 608 -30.91 20.59 -20.07
N SER C 609 -32.08 21.13 -19.74
CA SER C 609 -32.30 21.63 -18.39
C SER C 609 -32.20 20.51 -17.36
N THR C 610 -32.82 19.36 -17.66
CA THR C 610 -32.79 18.25 -16.72
C THR C 610 -31.40 17.65 -16.61
N CYS C 611 -30.66 17.60 -17.73
CA CYS C 611 -29.28 17.12 -17.65
C CYS C 611 -28.44 18.02 -16.78
N LEU C 612 -28.61 19.34 -16.90
CA LEU C 612 -27.86 20.27 -16.05
C LEU C 612 -28.26 20.09 -14.58
N GLU C 613 -29.55 19.92 -14.31
CA GLU C 613 -29.98 19.72 -12.93
C GLU C 613 -29.39 18.44 -12.35
N LEU C 614 -29.38 17.36 -13.12
CA LEU C 614 -28.78 16.12 -12.64
C LEU C 614 -27.28 16.27 -12.43
N PHE C 615 -26.61 17.01 -13.32
CA PHE C 615 -25.18 17.23 -13.17
C PHE C 615 -24.86 18.03 -11.91
N LYS C 616 -25.73 18.95 -11.52
CA LYS C 616 -25.44 19.77 -10.35
C LYS C 616 -25.21 18.94 -9.11
N PHE C 617 -25.76 17.72 -9.06
CA PHE C 617 -25.52 16.85 -7.90
C PHE C 617 -24.04 16.52 -7.76
N THR C 618 -23.34 16.36 -8.87
CA THR C 618 -21.94 15.94 -8.80
C THR C 618 -21.06 16.98 -8.13
N ILE C 619 -21.42 18.25 -8.22
CA ILE C 619 -20.61 19.32 -7.68
C ILE C 619 -21.14 19.80 -6.32
N GLY C 620 -21.92 18.98 -5.64
CA GLY C 620 -22.44 19.34 -4.33
C GLY C 620 -23.44 20.47 -4.35
N MET C 621 -24.30 20.51 -5.36
CA MET C 621 -25.34 21.54 -5.44
C MET C 621 -26.68 20.98 -5.90
N GLY C 622 -26.93 19.68 -5.72
CA GLY C 622 -28.18 19.11 -6.17
C GLY C 622 -29.35 19.49 -5.27
N ASP C 623 -30.53 19.62 -5.88
CA ASP C 623 -31.67 20.20 -5.20
C ASP C 623 -32.65 19.17 -4.64
N LEU C 624 -32.91 18.07 -5.37
CA LEU C 624 -33.83 17.03 -4.94
C LEU C 624 -35.29 17.49 -4.95
N GLU C 625 -35.53 18.77 -5.22
CA GLU C 625 -36.89 19.28 -5.35
C GLU C 625 -36.99 20.33 -6.45
N PHE C 626 -36.16 20.24 -7.50
CA PHE C 626 -36.08 21.32 -8.45
C PHE C 626 -37.33 21.50 -9.28
N THR C 627 -38.27 20.55 -9.24
CA THR C 627 -39.51 20.69 -9.99
C THR C 627 -40.61 19.93 -9.27
N GLU C 628 -41.86 20.21 -9.67
CA GLU C 628 -43.02 19.53 -9.12
C GLU C 628 -44.03 19.17 -10.21
N ASN C 629 -43.70 19.38 -11.48
CA ASN C 629 -44.63 19.12 -12.58
C ASN C 629 -44.56 17.66 -12.99
N TYR C 630 -45.11 16.81 -12.12
CA TYR C 630 -45.18 15.37 -12.39
C TYR C 630 -46.40 14.82 -11.67
N ASP C 631 -46.82 13.63 -12.11
CA ASP C 631 -47.98 12.98 -11.50
C ASP C 631 -47.62 12.14 -10.29
N PHE C 632 -46.38 11.61 -10.22
CA PHE C 632 -46.00 10.66 -9.19
C PHE C 632 -44.73 11.16 -8.50
N LYS C 633 -44.85 11.49 -7.22
CA LYS C 633 -43.70 11.96 -6.45
C LYS C 633 -42.78 10.81 -6.05
N ALA C 634 -43.36 9.65 -5.76
CA ALA C 634 -42.54 8.50 -5.36
C ALA C 634 -41.58 8.09 -6.46
N VAL C 635 -42.06 8.06 -7.71
CA VAL C 635 -41.19 7.69 -8.83
C VAL C 635 -40.05 8.70 -8.98
N PHE C 636 -40.37 9.99 -8.86
CA PHE C 636 -39.36 11.03 -8.97
C PHE C 636 -38.28 10.85 -7.90
N ILE C 637 -38.70 10.67 -6.65
CA ILE C 637 -37.75 10.55 -5.56
C ILE C 637 -36.91 9.30 -5.72
N ILE C 638 -37.54 8.18 -6.12
CA ILE C 638 -36.80 6.94 -6.26
C ILE C 638 -35.75 7.08 -7.36
N LEU C 639 -36.12 7.69 -8.49
CA LEU C 639 -35.14 7.89 -9.56
C LEU C 639 -33.98 8.74 -9.09
N LEU C 640 -34.27 9.85 -8.42
CA LEU C 640 -33.19 10.74 -7.99
C LEU C 640 -32.29 10.06 -6.96
N LEU C 641 -32.87 9.34 -6.01
CA LEU C 641 -32.07 8.65 -5.01
C LEU C 641 -31.20 7.57 -5.64
N ALA C 642 -31.75 6.82 -6.60
CA ALA C 642 -30.95 5.82 -7.28
C ALA C 642 -29.78 6.46 -8.01
N TYR C 643 -30.03 7.56 -8.72
CA TYR C 643 -28.94 8.22 -9.42
C TYR C 643 -27.87 8.71 -8.46
N VAL C 644 -28.28 9.29 -7.33
CA VAL C 644 -27.32 9.78 -6.35
C VAL C 644 -26.50 8.63 -5.80
N ILE C 645 -27.15 7.56 -5.35
CA ILE C 645 -26.42 6.44 -4.76
C ILE C 645 -25.47 5.83 -5.78
N LEU C 646 -25.88 5.78 -7.04
CA LEU C 646 -25.06 5.12 -8.04
C LEU C 646 -23.85 5.96 -8.43
N THR C 647 -24.01 7.28 -8.57
CA THR C 647 -22.88 8.11 -8.98
C THR C 647 -22.14 8.71 -7.78
N TYR C 648 -22.82 9.55 -7.01
CA TYR C 648 -22.15 10.40 -6.03
C TYR C 648 -21.47 9.57 -4.96
N ILE C 649 -22.13 8.53 -4.48
CA ILE C 649 -21.59 7.78 -3.34
C ILE C 649 -20.66 6.67 -3.83
N LEU C 650 -20.94 6.09 -5.00
CA LEU C 650 -20.18 4.93 -5.45
C LEU C 650 -19.04 5.30 -6.39
N LEU C 651 -19.37 5.92 -7.53
CA LEU C 651 -18.39 6.07 -8.59
C LEU C 651 -17.30 7.07 -8.23
N LEU C 652 -17.66 8.19 -7.61
CA LEU C 652 -16.65 9.19 -7.27
C LEU C 652 -15.64 8.63 -6.27
N ASN C 653 -16.14 7.91 -5.26
CA ASN C 653 -15.23 7.33 -4.28
C ASN C 653 -14.38 6.22 -4.89
N MET C 654 -14.98 5.43 -5.80
CA MET C 654 -14.17 4.43 -6.48
C MET C 654 -13.11 5.07 -7.36
N LEU C 655 -13.42 6.23 -7.94
CA LEU C 655 -12.43 6.97 -8.71
C LEU C 655 -11.29 7.41 -7.81
N ILE C 656 -11.60 7.89 -6.61
CA ILE C 656 -10.55 8.24 -5.66
C ILE C 656 -9.66 7.03 -5.38
N ALA C 657 -10.29 5.87 -5.14
CA ALA C 657 -9.53 4.66 -4.84
C ALA C 657 -8.63 4.26 -6.00
N LEU C 658 -9.15 4.31 -7.22
CA LEU C 658 -8.35 3.89 -8.37
C LEU C 658 -7.24 4.89 -8.66
N MET C 659 -7.50 6.18 -8.42
CA MET C 659 -6.44 7.17 -8.51
C MET C 659 -5.34 6.87 -7.51
N GLY C 660 -5.71 6.49 -6.29
CA GLY C 660 -4.69 6.11 -5.31
C GLY C 660 -3.86 4.93 -5.79
N GLU C 661 -4.51 3.91 -6.32
CA GLU C 661 -3.78 2.76 -6.84
C GLU C 661 -2.80 3.17 -7.94
N THR C 662 -3.29 3.95 -8.91
CA THR C 662 -2.43 4.38 -10.02
C THR C 662 -1.25 5.19 -9.50
N VAL C 663 -1.51 6.12 -8.58
CA VAL C 663 -0.41 6.90 -8.00
C VAL C 663 0.61 5.98 -7.35
N ASN C 664 0.14 4.94 -6.67
CA ASN C 664 1.06 3.97 -6.09
C ASN C 664 1.89 3.27 -7.14
N LYS C 665 1.35 3.12 -8.35
CA LYS C 665 1.99 2.24 -9.33
C LYS C 665 2.95 2.94 -10.30
N ILE C 666 2.90 4.26 -10.45
CA ILE C 666 3.55 4.91 -11.59
C ILE C 666 4.62 5.92 -11.21
N ALA C 667 5.31 5.72 -10.08
CA ALA C 667 6.29 6.71 -9.65
C ALA C 667 7.53 6.71 -10.54
N GLN C 668 8.23 5.57 -10.60
CA GLN C 668 9.46 5.50 -11.38
C GLN C 668 9.18 5.73 -12.86
N GLU C 669 8.05 5.24 -13.36
CA GLU C 669 7.69 5.51 -14.74
C GLU C 669 7.51 6.99 -14.98
N SER C 670 6.89 7.70 -14.04
CA SER C 670 6.75 9.15 -14.19
C SER C 670 8.11 9.83 -14.21
N LYS C 671 9.03 9.41 -13.34
CA LYS C 671 10.36 10.04 -13.35
C LYS C 671 11.08 9.76 -14.66
N ASN C 672 10.99 8.55 -15.19
CA ASN C 672 11.64 8.24 -16.46
C ASN C 672 11.04 9.05 -17.60
N ILE C 673 9.72 9.22 -17.60
CA ILE C 673 9.08 9.98 -18.66
C ILE C 673 9.48 11.46 -18.56
N TRP C 674 9.62 11.97 -17.34
CA TRP C 674 10.11 13.34 -17.18
C TRP C 674 11.52 13.48 -17.72
N LYS C 675 12.38 12.50 -17.44
CA LYS C 675 13.75 12.54 -17.96
C LYS C 675 13.75 12.55 -19.47
N LEU C 676 12.88 11.74 -20.09
CA LEU C 676 12.80 11.72 -21.54
C LEU C 676 12.30 13.05 -22.09
N GLN C 677 11.35 13.68 -21.40
CA GLN C 677 10.78 14.98 -21.80
C GLN C 677 11.87 16.06 -21.75
N ARG C 678 12.75 16.01 -20.74
CA ARG C 678 13.86 16.96 -20.65
C ARG C 678 14.92 16.68 -21.71
N ALA C 679 15.19 15.40 -21.99
CA ALA C 679 16.15 15.07 -23.04
C ALA C 679 15.69 15.59 -24.39
N ILE C 680 14.40 15.43 -24.70
CA ILE C 680 13.87 15.97 -25.95
C ILE C 680 14.01 17.48 -25.99
N THR C 681 13.75 18.14 -24.87
CA THR C 681 13.92 19.59 -24.82
C THR C 681 15.36 19.98 -25.10
N ILE C 682 16.32 19.27 -24.52
CA ILE C 682 17.73 19.59 -24.72
C ILE C 682 18.10 19.41 -26.19
N LEU C 683 17.68 18.29 -26.79
CA LEU C 683 18.04 18.04 -28.18
C LEU C 683 17.41 19.08 -29.11
N ASP C 684 16.15 19.44 -28.87
CA ASP C 684 15.51 20.46 -29.69
C ASP C 684 16.22 21.81 -29.53
N THR C 685 16.61 22.16 -28.30
CA THR C 685 17.33 23.40 -28.09
C THR C 685 18.64 23.42 -28.85
N GLU C 686 19.37 22.29 -28.84
CA GLU C 686 20.60 22.23 -29.63
C GLU C 686 20.31 22.39 -31.12
N LYS C 687 19.31 21.66 -31.64
CA LYS C 687 19.04 21.67 -33.06
C LYS C 687 18.57 23.03 -33.56
N SER C 688 17.75 23.75 -32.78
CA SER C 688 17.31 25.06 -33.21
C SER C 688 18.48 26.01 -33.38
N PHE C 689 19.58 25.77 -32.66
CA PHE C 689 20.76 26.63 -32.69
C PHE C 689 20.39 28.03 -32.22
N ALA C 696 28.82 24.80 -27.91
CA ALA C 696 28.68 23.57 -27.15
C ALA C 696 29.27 22.40 -27.94
N PHE C 697 30.00 21.54 -27.24
CA PHE C 697 30.53 20.34 -27.84
C PHE C 697 30.61 19.24 -26.79
N ARG C 698 31.03 18.06 -27.23
CA ARG C 698 30.98 16.87 -26.40
C ARG C 698 31.73 17.03 -25.08
N SER C 699 33.06 17.12 -25.15
CA SER C 699 33.92 17.18 -23.98
C SER C 699 35.33 17.42 -24.47
N GLY C 700 36.30 17.39 -23.57
CA GLY C 700 37.68 17.63 -23.96
C GLY C 700 38.23 16.50 -24.82
N LYS C 701 39.07 16.87 -25.78
CA LYS C 701 39.85 15.90 -26.52
C LYS C 701 40.94 15.31 -25.61
N LEU C 702 41.20 14.01 -25.75
CA LEU C 702 42.19 13.37 -24.89
C LEU C 702 42.79 12.17 -25.61
N LEU C 703 43.92 11.72 -25.08
CA LEU C 703 44.63 10.53 -25.55
C LEU C 703 44.42 9.39 -24.57
N GLN C 704 44.12 8.21 -25.10
CA GLN C 704 43.81 7.05 -24.28
C GLN C 704 44.70 5.86 -24.55
N VAL C 705 45.05 5.57 -25.80
CA VAL C 705 45.87 4.43 -26.14
C VAL C 705 47.26 4.83 -26.59
N GLY C 706 47.42 5.98 -27.24
CA GLY C 706 48.70 6.44 -27.71
C GLY C 706 49.16 5.77 -28.99
N PHE C 707 48.61 4.61 -29.30
CA PHE C 707 48.93 3.90 -30.54
C PHE C 707 47.79 2.97 -30.89
N THR C 708 47.29 3.09 -32.11
CA THR C 708 46.35 2.11 -32.65
C THR C 708 47.17 0.93 -33.16
N PRO C 709 46.57 -0.11 -33.74
CA PRO C 709 47.39 -1.17 -34.31
C PRO C 709 48.40 -0.64 -35.32
N ASP C 710 48.04 0.42 -36.05
CA ASP C 710 48.98 1.09 -36.93
C ASP C 710 49.86 2.04 -36.11
N GLY C 711 50.76 2.73 -36.80
CA GLY C 711 51.69 3.62 -36.12
C GLY C 711 51.01 4.82 -35.50
N LYS C 712 50.08 5.43 -36.23
CA LYS C 712 49.48 6.67 -35.78
C LYS C 712 48.59 6.43 -34.55
N ASP C 713 48.42 7.50 -33.77
CA ASP C 713 47.61 7.45 -32.56
C ASP C 713 46.22 7.99 -32.87
N ASP C 714 45.35 8.06 -31.84
CA ASP C 714 43.98 8.48 -32.05
C ASP C 714 43.46 9.21 -30.83
N TYR C 715 42.51 10.11 -31.08
CA TYR C 715 41.77 10.84 -30.06
C TYR C 715 40.30 10.57 -30.27
N ARG C 716 39.54 10.41 -29.17
CA ARG C 716 38.14 10.01 -29.33
C ARG C 716 37.20 10.76 -28.39
N TRP C 717 37.46 12.05 -28.13
CA TRP C 717 36.46 12.97 -27.60
C TRP C 717 35.80 12.39 -26.34
N CYS C 718 36.60 12.20 -25.31
CA CYS C 718 36.16 11.47 -24.13
C CYS C 718 35.44 12.39 -23.13
N PHE C 719 34.69 11.77 -22.22
CA PHE C 719 33.90 12.46 -21.21
C PHE C 719 34.21 11.85 -19.85
N ARG C 720 34.74 12.66 -18.93
CA ARG C 720 35.31 12.14 -17.70
C ARG C 720 34.25 11.85 -16.65
N VAL C 721 34.49 10.80 -15.87
CA VAL C 721 33.65 10.45 -14.72
C VAL C 721 34.57 9.96 -13.60
N ASP C 722 34.29 10.38 -12.38
CA ASP C 722 35.08 10.02 -11.21
C ASP C 722 34.24 9.20 -10.25
N GLU C 723 34.78 8.06 -9.81
CA GLU C 723 34.09 7.17 -8.89
C GLU C 723 35.06 6.72 -7.80
N VAL C 724 34.50 6.36 -6.65
CA VAL C 724 35.27 6.00 -5.46
C VAL C 724 34.89 4.59 -5.05
N ASN C 725 35.91 3.75 -4.83
CA ASN C 725 35.73 2.38 -4.40
C ASN C 725 36.50 2.14 -3.11
N TRP C 726 35.89 1.41 -2.18
CA TRP C 726 36.51 1.15 -0.88
C TRP C 726 36.88 -0.30 -0.67
N THR C 727 36.58 -1.18 -1.62
CA THR C 727 36.97 -2.58 -1.58
C THR C 727 37.72 -2.94 -2.84
N THR C 728 38.10 -4.21 -2.95
CA THR C 728 38.84 -4.73 -4.10
C THR C 728 39.98 -3.78 -4.47
N TRP C 729 40.96 -3.69 -3.59
CA TRP C 729 42.15 -2.86 -3.83
C TRP C 729 43.03 -3.48 -4.91
N SER D 197 -22.61 -52.59 9.60
CA SER D 197 -22.88 -51.73 8.40
C SER D 197 -21.81 -50.66 8.25
N TYR D 198 -21.25 -50.22 9.38
CA TYR D 198 -20.25 -49.17 9.39
C TYR D 198 -18.94 -49.65 8.74
N TYR D 199 -18.33 -50.68 9.31
CA TYR D 199 -17.08 -51.22 8.80
C TYR D 199 -17.31 -52.43 7.89
N LYS D 200 -18.57 -52.80 7.64
CA LYS D 200 -18.84 -54.03 6.93
C LYS D 200 -18.36 -53.96 5.49
N GLY D 201 -17.91 -55.09 4.97
CA GLY D 201 -17.32 -55.19 3.65
C GLY D 201 -15.81 -55.27 3.64
N GLN D 202 -15.15 -54.86 4.73
CA GLN D 202 -13.70 -54.92 4.80
C GLN D 202 -13.21 -56.37 4.83
N THR D 203 -12.08 -56.61 4.18
CA THR D 203 -11.42 -57.91 4.21
C THR D 203 -9.99 -57.72 4.66
N ALA D 204 -9.32 -58.83 4.95
CA ALA D 204 -7.95 -58.77 5.46
C ALA D 204 -7.01 -58.11 4.47
N LEU D 205 -7.34 -58.14 3.17
CA LEU D 205 -6.50 -57.47 2.18
C LEU D 205 -6.44 -55.97 2.45
N HIS D 206 -7.57 -55.37 2.81
CA HIS D 206 -7.59 -53.94 3.07
C HIS D 206 -6.68 -53.57 4.24
N ILE D 207 -6.76 -54.34 5.34
CA ILE D 207 -5.90 -54.08 6.48
C ILE D 207 -4.43 -54.28 6.10
N ALA D 208 -4.13 -55.35 5.36
CA ALA D 208 -2.75 -55.61 4.97
C ALA D 208 -2.20 -54.48 4.12
N ILE D 209 -3.01 -53.97 3.19
CA ILE D 209 -2.56 -52.89 2.33
C ILE D 209 -2.37 -51.61 3.15
N GLU D 210 -3.27 -51.34 4.08
CA GLU D 210 -3.16 -50.14 4.90
C GLU D 210 -1.89 -50.11 5.75
N ARG D 211 -1.54 -51.22 6.40
CA ARG D 211 -0.41 -51.24 7.30
C ARG D 211 0.93 -51.19 6.58
N ARG D 212 0.93 -51.40 5.27
CA ARG D 212 2.14 -51.29 4.46
C ARG D 212 3.18 -52.33 4.86
N ASN D 213 2.77 -53.60 4.79
CA ASN D 213 3.66 -54.74 5.06
C ASN D 213 3.63 -55.66 3.83
N MET D 214 4.71 -55.63 3.06
CA MET D 214 4.78 -56.45 1.85
C MET D 214 4.75 -57.93 2.18
N THR D 215 5.50 -58.36 3.20
CA THR D 215 5.59 -59.78 3.49
C THR D 215 4.22 -60.37 3.83
N LEU D 216 3.46 -59.68 4.68
CA LEU D 216 2.14 -60.17 5.03
C LEU D 216 1.21 -60.16 3.83
N VAL D 217 1.34 -59.15 2.96
CA VAL D 217 0.50 -59.09 1.77
C VAL D 217 0.75 -60.30 0.89
N THR D 218 2.03 -60.63 0.66
CA THR D 218 2.36 -61.80 -0.15
C THR D 218 1.86 -63.08 0.50
N LEU D 219 2.08 -63.22 1.81
CA LEU D 219 1.65 -64.44 2.49
C LEU D 219 0.14 -64.61 2.41
N LEU D 220 -0.60 -63.52 2.60
CA LEU D 220 -2.05 -63.59 2.50
C LEU D 220 -2.50 -63.90 1.07
N VAL D 221 -1.80 -63.34 0.08
CA VAL D 221 -2.14 -63.63 -1.31
C VAL D 221 -1.84 -65.07 -1.66
N GLU D 222 -0.95 -65.73 -0.92
CA GLU D 222 -0.68 -67.15 -1.18
C GLU D 222 -1.95 -67.97 -1.05
N ASN D 223 -2.76 -67.71 -0.02
CA ASN D 223 -3.96 -68.49 0.19
C ASN D 223 -4.96 -68.35 -0.95
N GLY D 224 -4.89 -67.27 -1.71
CA GLY D 224 -5.80 -67.06 -2.81
C GLY D 224 -6.99 -66.17 -2.50
N ALA D 225 -6.93 -65.34 -1.46
CA ALA D 225 -8.04 -64.47 -1.12
C ALA D 225 -8.36 -63.56 -2.29
N ASP D 226 -9.66 -63.41 -2.57
CA ASP D 226 -10.09 -62.59 -3.69
C ASP D 226 -9.62 -61.16 -3.53
N VAL D 227 -9.14 -60.57 -4.63
CA VAL D 227 -8.61 -59.21 -4.64
C VAL D 227 -9.58 -58.24 -5.31
N GLN D 228 -10.88 -58.54 -5.27
CA GLN D 228 -11.90 -57.69 -5.88
C GLN D 228 -13.04 -57.38 -4.91
N ALA D 229 -12.86 -57.68 -3.63
CA ALA D 229 -13.90 -57.37 -2.65
C ALA D 229 -14.05 -55.87 -2.52
N ALA D 230 -15.31 -55.41 -2.46
CA ALA D 230 -15.64 -53.99 -2.35
C ALA D 230 -16.09 -53.69 -0.93
N ALA D 231 -15.43 -52.72 -0.30
CA ALA D 231 -15.77 -52.30 1.06
C ALA D 231 -16.88 -51.25 0.97
N ASN D 232 -18.09 -51.64 1.33
CA ASN D 232 -19.25 -50.75 1.26
C ASN D 232 -19.58 -50.12 2.60
N GLY D 233 -18.70 -50.26 3.59
CA GLY D 233 -18.98 -49.69 4.89
C GLY D 233 -19.10 -48.18 4.83
N ASP D 234 -19.94 -47.63 5.72
CA ASP D 234 -20.16 -46.19 5.74
C ASP D 234 -18.88 -45.42 6.02
N PHE D 235 -17.94 -46.00 6.77
CA PHE D 235 -16.66 -45.33 6.98
C PHE D 235 -15.94 -45.16 5.65
N PHE D 236 -16.13 -46.11 4.73
CA PHE D 236 -15.52 -46.06 3.41
C PHE D 236 -16.38 -45.31 2.39
N LYS D 237 -17.53 -44.77 2.82
CA LYS D 237 -18.37 -44.01 1.92
C LYS D 237 -17.86 -42.58 1.79
N LYS D 238 -18.47 -41.82 0.88
CA LYS D 238 -17.97 -40.49 0.54
C LYS D 238 -18.01 -39.54 1.73
N THR D 239 -19.21 -39.23 2.23
CA THR D 239 -19.34 -38.25 3.30
C THR D 239 -20.41 -38.66 4.30
N LYS D 240 -20.59 -39.95 4.53
CA LYS D 240 -21.56 -40.44 5.52
C LYS D 240 -20.96 -40.23 6.91
N GLY D 241 -21.03 -38.99 7.37
CA GLY D 241 -20.47 -38.62 8.66
C GLY D 241 -19.08 -38.04 8.55
N ARG D 242 -18.69 -37.27 9.56
CA ARG D 242 -17.37 -36.65 9.56
C ARG D 242 -16.25 -37.69 9.48
N PRO D 243 -16.28 -38.79 10.23
CA PRO D 243 -15.26 -39.82 10.04
C PRO D 243 -15.48 -40.58 8.74
N GLY D 244 -14.39 -40.85 8.05
CA GLY D 244 -14.46 -41.60 6.81
C GLY D 244 -13.31 -41.25 5.91
N PHE D 245 -13.12 -42.09 4.89
CA PHE D 245 -12.06 -41.89 3.91
C PHE D 245 -12.47 -42.61 2.64
N TYR D 246 -12.79 -41.86 1.59
CA TYR D 246 -13.12 -42.45 0.31
C TYR D 246 -11.85 -42.78 -0.46
N PHE D 247 -11.76 -44.02 -0.96
CA PHE D 247 -10.59 -44.43 -1.72
C PHE D 247 -10.96 -45.24 -2.95
N GLY D 248 -12.25 -45.36 -3.29
CA GLY D 248 -12.67 -46.08 -4.47
C GLY D 248 -13.31 -47.44 -4.20
N GLU D 249 -13.19 -47.96 -2.98
CA GLU D 249 -13.82 -49.20 -2.56
C GLU D 249 -13.19 -50.44 -3.16
N LEU D 250 -11.91 -50.41 -3.50
CA LEU D 250 -11.22 -51.58 -4.00
C LEU D 250 -9.78 -51.62 -3.51
N PRO D 251 -9.19 -52.81 -3.40
CA PRO D 251 -7.78 -52.88 -2.96
C PRO D 251 -6.83 -52.17 -3.90
N LEU D 252 -7.09 -52.26 -5.21
CA LEU D 252 -6.25 -51.56 -6.18
C LEU D 252 -6.30 -50.05 -5.95
N SER D 253 -7.50 -49.51 -5.76
CA SER D 253 -7.63 -48.08 -5.51
C SER D 253 -7.03 -47.70 -4.17
N LEU D 254 -7.21 -48.53 -3.15
CA LEU D 254 -6.62 -48.25 -1.84
C LEU D 254 -5.11 -48.17 -1.95
N ALA D 255 -4.48 -49.10 -2.69
CA ALA D 255 -3.04 -49.03 -2.89
C ALA D 255 -2.65 -47.78 -3.67
N ALA D 256 -3.42 -47.45 -4.71
CA ALA D 256 -3.08 -46.29 -5.53
C ALA D 256 -3.13 -44.99 -4.74
N CYS D 257 -4.07 -44.90 -3.78
CA CYS D 257 -4.35 -43.65 -3.10
C CYS D 257 -3.58 -43.48 -1.79
N THR D 258 -2.64 -44.36 -1.48
CA THR D 258 -1.97 -44.34 -0.18
C THR D 258 -0.48 -44.61 -0.31
N ASN D 259 0.16 -44.08 -1.36
CA ASN D 259 1.61 -44.19 -1.53
C ASN D 259 2.09 -45.64 -1.60
N GLN D 260 1.30 -46.52 -2.20
CA GLN D 260 1.66 -47.93 -2.33
C GLN D 260 1.88 -48.24 -3.81
N LEU D 261 3.09 -47.98 -4.29
CA LEU D 261 3.45 -48.27 -5.67
C LEU D 261 3.87 -49.73 -5.84
N ALA D 262 4.70 -50.23 -4.92
CA ALA D 262 5.08 -51.63 -4.97
C ALA D 262 3.86 -52.54 -4.84
N ILE D 263 2.91 -52.15 -4.00
CA ILE D 263 1.72 -52.98 -3.80
C ILE D 263 0.88 -53.06 -5.08
N VAL D 264 0.70 -51.93 -5.76
CA VAL D 264 -0.10 -51.94 -7.00
C VAL D 264 0.66 -52.68 -8.10
N LYS D 265 1.99 -52.52 -8.16
CA LYS D 265 2.79 -53.33 -9.07
C LYS D 265 2.56 -54.82 -8.82
N PHE D 266 2.61 -55.24 -7.56
CA PHE D 266 2.38 -56.65 -7.23
C PHE D 266 0.99 -57.09 -7.66
N LEU D 267 -0.03 -56.33 -7.27
CA LEU D 267 -1.40 -56.72 -7.57
C LEU D 267 -1.63 -56.83 -9.07
N LEU D 268 -0.94 -56.01 -9.86
CA LEU D 268 -1.06 -56.08 -11.31
C LEU D 268 -0.09 -57.06 -11.95
N GLN D 269 0.83 -57.63 -11.17
CA GLN D 269 1.83 -58.57 -11.69
C GLN D 269 1.90 -59.84 -10.83
N ASN D 270 0.77 -60.32 -10.34
CA ASN D 270 0.71 -61.54 -9.54
C ASN D 270 0.07 -62.65 -10.36
N SER D 271 0.70 -63.82 -10.37
CA SER D 271 0.23 -64.91 -11.21
C SER D 271 -1.03 -65.57 -10.65
N TRP D 272 -1.15 -65.63 -9.32
CA TRP D 272 -2.27 -66.35 -8.72
C TRP D 272 -3.60 -65.70 -9.09
N GLN D 273 -3.67 -64.37 -9.06
CA GLN D 273 -4.90 -63.68 -9.40
C GLN D 273 -4.60 -62.23 -9.79
N PRO D 274 -4.30 -61.96 -11.05
CA PRO D 274 -3.97 -60.59 -11.46
C PRO D 274 -5.11 -59.63 -11.16
N ALA D 275 -4.75 -58.41 -10.77
CA ALA D 275 -5.74 -57.41 -10.40
C ALA D 275 -6.30 -56.73 -11.65
N ASP D 276 -7.63 -56.62 -11.71
CA ASP D 276 -8.27 -55.95 -12.83
C ASP D 276 -8.02 -54.44 -12.77
N ILE D 277 -7.84 -53.83 -13.93
CA ILE D 277 -7.51 -52.42 -14.01
C ILE D 277 -8.71 -51.55 -14.39
N SER D 278 -9.74 -52.12 -15.00
CA SER D 278 -10.92 -51.38 -15.41
C SER D 278 -12.08 -51.51 -14.42
N ALA D 279 -11.84 -52.10 -13.25
CA ALA D 279 -12.92 -52.36 -12.31
C ALA D 279 -13.59 -51.05 -11.88
N ARG D 280 -14.91 -51.08 -11.75
CA ARG D 280 -15.71 -49.95 -11.33
C ARG D 280 -16.40 -50.28 -10.01
N ASP D 281 -16.40 -49.31 -9.09
CA ASP D 281 -17.00 -49.52 -7.79
C ASP D 281 -18.50 -49.26 -7.86
N SER D 282 -19.15 -49.17 -6.70
CA SER D 282 -20.58 -48.91 -6.66
C SER D 282 -20.91 -47.56 -7.27
N VAL D 283 -20.12 -46.53 -6.95
CA VAL D 283 -20.38 -45.20 -7.50
C VAL D 283 -20.06 -45.14 -8.98
N GLY D 284 -19.30 -46.10 -9.50
CA GLY D 284 -18.87 -46.10 -10.89
C GLY D 284 -17.46 -45.63 -11.12
N ASN D 285 -16.74 -45.23 -10.07
CA ASN D 285 -15.41 -44.70 -10.23
C ASN D 285 -14.38 -45.82 -10.36
N THR D 286 -13.44 -45.65 -11.28
CA THR D 286 -12.29 -46.53 -11.41
C THR D 286 -11.12 -45.97 -10.61
N VAL D 287 -9.95 -46.57 -10.80
CA VAL D 287 -8.76 -46.15 -10.06
C VAL D 287 -8.42 -44.70 -10.40
N LEU D 288 -8.48 -44.33 -11.67
CA LEU D 288 -8.21 -42.96 -12.07
C LEU D 288 -9.25 -42.01 -11.50
N HIS D 289 -10.52 -42.41 -11.51
CA HIS D 289 -11.57 -41.59 -10.91
C HIS D 289 -11.30 -41.35 -9.43
N ALA D 290 -10.91 -42.41 -8.70
CA ALA D 290 -10.61 -42.24 -7.29
C ALA D 290 -9.41 -41.35 -7.06
N LEU D 291 -8.39 -41.49 -7.92
CA LEU D 291 -7.22 -40.62 -7.81
C LEU D 291 -7.61 -39.16 -8.01
N VAL D 292 -8.48 -38.88 -8.97
CA VAL D 292 -8.99 -37.52 -9.14
C VAL D 292 -9.76 -37.09 -7.90
N GLU D 293 -10.55 -37.99 -7.32
CA GLU D 293 -11.36 -37.65 -6.16
C GLU D 293 -10.48 -37.24 -4.97
N VAL D 294 -9.40 -37.97 -4.72
CA VAL D 294 -8.59 -37.72 -3.54
C VAL D 294 -7.70 -36.49 -3.68
N ALA D 295 -7.60 -35.90 -4.86
CA ALA D 295 -6.80 -34.69 -5.02
C ALA D 295 -7.46 -33.51 -4.30
N ASP D 296 -6.64 -32.68 -3.64
CA ASP D 296 -7.14 -31.56 -2.87
C ASP D 296 -6.35 -30.28 -3.11
N ASN D 297 -5.57 -30.22 -4.20
CA ASN D 297 -4.84 -29.02 -4.58
C ASN D 297 -3.78 -28.64 -3.54
N THR D 298 -2.91 -29.59 -3.23
CA THR D 298 -1.74 -29.36 -2.40
C THR D 298 -0.50 -29.85 -3.12
N VAL D 299 0.63 -29.19 -2.87
CA VAL D 299 1.83 -29.43 -3.69
C VAL D 299 2.23 -30.90 -3.63
N ASP D 300 2.39 -31.43 -2.42
CA ASP D 300 2.77 -32.83 -2.29
C ASP D 300 1.65 -33.76 -2.76
N ASN D 301 0.41 -33.45 -2.38
CA ASN D 301 -0.71 -34.26 -2.82
C ASN D 301 -0.83 -34.25 -4.34
N THR D 302 -0.70 -33.08 -4.94
CA THR D 302 -0.79 -32.99 -6.39
C THR D 302 0.34 -33.77 -7.05
N LYS D 303 1.56 -33.63 -6.52
CA LYS D 303 2.70 -34.36 -7.09
C LYS D 303 2.46 -35.86 -7.06
N PHE D 304 2.05 -36.39 -5.91
CA PHE D 304 1.75 -37.81 -5.82
C PHE D 304 0.61 -38.23 -6.73
N VAL D 305 -0.48 -37.45 -6.77
CA VAL D 305 -1.62 -37.87 -7.56
C VAL D 305 -1.24 -37.94 -9.03
N THR D 306 -0.53 -36.93 -9.53
CA THR D 306 -0.11 -36.95 -10.91
C THR D 306 0.85 -38.08 -11.20
N SER D 307 1.81 -38.32 -10.29
CA SER D 307 2.78 -39.39 -10.50
C SER D 307 2.10 -40.75 -10.60
N MET D 308 1.18 -41.04 -9.66
CA MET D 308 0.48 -42.31 -9.70
C MET D 308 -0.41 -42.41 -10.92
N TYR D 309 -1.06 -41.30 -11.31
CA TYR D 309 -1.85 -41.29 -12.54
C TYR D 309 -1.00 -41.73 -13.72
N ASN D 310 0.17 -41.10 -13.89
CA ASN D 310 1.04 -41.42 -15.02
C ASN D 310 1.50 -42.87 -14.96
N GLU D 311 1.91 -43.34 -13.78
CA GLU D 311 2.42 -44.70 -13.66
C GLU D 311 1.34 -45.72 -14.00
N ILE D 312 0.13 -45.52 -13.47
CA ILE D 312 -0.96 -46.46 -13.75
C ILE D 312 -1.32 -46.42 -15.22
N LEU D 313 -1.31 -45.23 -15.83
CA LEU D 313 -1.61 -45.14 -17.25
C LEU D 313 -0.60 -45.94 -18.07
N ILE D 314 0.68 -45.80 -17.75
CA ILE D 314 1.71 -46.52 -18.49
C ILE D 314 1.56 -48.01 -18.29
N LEU D 315 1.29 -48.44 -17.05
CA LEU D 315 1.12 -49.86 -16.77
C LEU D 315 -0.08 -50.43 -17.52
N GLY D 316 -1.18 -49.68 -17.56
CA GLY D 316 -2.33 -50.13 -18.31
C GLY D 316 -2.04 -50.25 -19.79
N ALA D 317 -1.24 -49.33 -20.33
CA ALA D 317 -0.82 -49.46 -21.72
C ALA D 317 0.01 -50.73 -21.92
N LYS D 318 0.90 -51.02 -20.97
CA LYS D 318 1.77 -52.18 -21.10
C LYS D 318 0.98 -53.49 -21.07
N LEU D 319 0.15 -53.67 -20.04
CA LEU D 319 -0.58 -54.94 -19.91
C LEU D 319 -1.69 -55.05 -20.96
N HIS D 320 -2.43 -53.98 -21.19
CA HIS D 320 -3.58 -53.98 -22.09
C HIS D 320 -3.42 -52.86 -23.09
N PRO D 321 -2.64 -53.06 -24.15
CA PRO D 321 -2.47 -52.00 -25.15
C PRO D 321 -3.77 -51.59 -25.82
N THR D 322 -4.69 -52.54 -26.02
CA THR D 322 -5.96 -52.21 -26.67
C THR D 322 -6.81 -51.30 -25.79
N LEU D 323 -6.85 -51.59 -24.48
CA LEU D 323 -7.74 -50.85 -23.60
C LEU D 323 -7.27 -49.41 -23.42
N LYS D 324 -8.24 -48.51 -23.31
CA LYS D 324 -7.99 -47.10 -23.03
C LYS D 324 -8.79 -46.71 -21.79
N LEU D 325 -8.10 -46.46 -20.68
CA LEU D 325 -8.76 -46.19 -19.42
C LEU D 325 -9.38 -44.80 -19.39
N GLU D 326 -8.88 -43.88 -20.21
CA GLU D 326 -9.31 -42.49 -20.13
C GLU D 326 -10.77 -42.30 -20.52
N GLU D 327 -11.36 -43.28 -21.22
CA GLU D 327 -12.74 -43.15 -21.68
C GLU D 327 -13.76 -43.78 -20.74
N ILE D 328 -13.31 -44.52 -19.72
CA ILE D 328 -14.26 -45.13 -18.80
C ILE D 328 -14.97 -44.04 -18.02
N THR D 329 -16.30 -44.05 -18.07
CA THR D 329 -17.13 -43.02 -17.47
C THR D 329 -17.88 -43.60 -16.28
N ASN D 330 -17.87 -42.86 -15.17
CA ASN D 330 -18.53 -43.33 -13.96
C ASN D 330 -20.04 -43.29 -14.12
N ARG D 331 -20.75 -43.71 -13.07
CA ARG D 331 -22.20 -43.75 -13.12
C ARG D 331 -22.81 -42.37 -13.32
N LYS D 332 -22.08 -41.32 -12.99
CA LYS D 332 -22.55 -39.96 -13.18
C LYS D 332 -22.48 -39.50 -14.64
N GLY D 333 -21.81 -40.26 -15.49
CA GLY D 333 -21.65 -39.88 -16.88
C GLY D 333 -20.50 -38.91 -17.12
N LEU D 334 -19.43 -39.03 -16.35
CA LEU D 334 -18.28 -38.14 -16.47
C LEU D 334 -17.00 -38.96 -16.59
N THR D 335 -16.15 -38.58 -17.53
CA THR D 335 -14.81 -39.12 -17.63
C THR D 335 -13.90 -38.46 -16.60
N PRO D 336 -12.75 -39.07 -16.28
CA PRO D 336 -11.89 -38.48 -15.26
C PRO D 336 -11.50 -37.04 -15.56
N LEU D 337 -11.29 -36.68 -16.83
CA LEU D 337 -10.98 -35.31 -17.17
C LEU D 337 -12.17 -34.40 -16.87
N ALA D 338 -13.38 -34.84 -17.23
CA ALA D 338 -14.57 -34.06 -16.91
C ALA D 338 -14.76 -33.95 -15.41
N LEU D 339 -14.49 -35.03 -14.67
CA LEU D 339 -14.58 -34.98 -13.22
C LEU D 339 -13.60 -33.97 -12.64
N ALA D 340 -12.37 -33.95 -13.16
CA ALA D 340 -11.39 -32.98 -12.67
C ALA D 340 -11.82 -31.56 -12.97
N ALA D 341 -12.38 -31.33 -14.16
CA ALA D 341 -12.86 -29.99 -14.51
C ALA D 341 -14.02 -29.56 -13.62
N SER D 342 -14.95 -30.46 -13.34
CA SER D 342 -16.11 -30.11 -12.54
C SER D 342 -15.75 -29.91 -11.07
N SER D 343 -14.88 -30.76 -10.54
CA SER D 343 -14.57 -30.74 -9.12
C SER D 343 -13.67 -29.58 -8.73
N GLY D 344 -13.05 -28.90 -9.69
CA GLY D 344 -12.14 -27.82 -9.38
C GLY D 344 -10.72 -28.24 -9.13
N LYS D 345 -10.31 -29.42 -9.61
CA LYS D 345 -8.97 -29.94 -9.37
C LYS D 345 -8.03 -29.33 -10.41
N ILE D 346 -7.40 -28.22 -10.04
CA ILE D 346 -6.59 -27.46 -10.99
C ILE D 346 -5.32 -28.24 -11.35
N GLY D 347 -4.67 -28.85 -10.36
CA GLY D 347 -3.41 -29.53 -10.63
C GLY D 347 -3.58 -30.72 -11.56
N VAL D 348 -4.60 -31.53 -11.30
CA VAL D 348 -4.84 -32.71 -12.15
C VAL D 348 -5.17 -32.28 -13.57
N LEU D 349 -6.01 -31.26 -13.72
CA LEU D 349 -6.36 -30.77 -15.05
C LEU D 349 -5.14 -30.24 -15.78
N ALA D 350 -4.30 -29.46 -15.09
CA ALA D 350 -3.10 -28.93 -15.72
C ALA D 350 -2.18 -30.06 -16.17
N TYR D 351 -2.00 -31.07 -15.31
CA TYR D 351 -1.14 -32.19 -15.69
C TYR D 351 -1.71 -32.93 -16.89
N ILE D 352 -3.02 -33.20 -16.89
CA ILE D 352 -3.61 -34.01 -17.95
C ILE D 352 -3.54 -33.28 -19.28
N LEU D 353 -3.84 -31.98 -19.29
CA LEU D 353 -4.01 -31.29 -20.57
C LEU D 353 -2.70 -31.21 -21.35
N GLN D 354 -1.57 -31.35 -20.66
CA GLN D 354 -0.27 -31.17 -21.33
C GLN D 354 0.74 -32.23 -20.91
N ARG D 355 0.33 -33.49 -20.86
CA ARG D 355 1.24 -34.57 -20.49
C ARG D 355 2.03 -35.02 -21.69
N GLU D 356 3.28 -35.43 -21.46
CA GLU D 356 4.16 -35.95 -22.51
C GLU D 356 4.74 -37.28 -22.05
N ILE D 357 4.82 -38.24 -22.97
CA ILE D 357 5.31 -39.58 -22.69
C ILE D 357 6.42 -39.89 -23.67
N HIS D 358 7.53 -40.42 -23.16
CA HIS D 358 8.73 -40.67 -23.94
C HIS D 358 9.28 -42.07 -23.68
N GLU D 359 8.43 -43.08 -23.76
CA GLU D 359 8.85 -44.46 -23.62
C GLU D 359 8.29 -45.30 -24.77
N PRO D 360 8.91 -46.44 -25.06
CA PRO D 360 8.48 -47.24 -26.19
C PRO D 360 7.05 -47.74 -26.04
N GLU D 361 6.37 -47.85 -27.18
CA GLU D 361 5.02 -48.39 -27.32
C GLU D 361 4.01 -47.75 -26.37
N CYS D 362 4.34 -46.60 -25.78
CA CYS D 362 3.37 -45.88 -24.95
C CYS D 362 3.48 -44.37 -25.16
N ARG D 363 4.01 -43.92 -26.30
CA ARG D 363 4.04 -42.51 -26.62
C ARG D 363 2.69 -41.99 -27.10
N HIS D 364 1.81 -42.88 -27.55
CA HIS D 364 0.50 -42.45 -28.02
C HIS D 364 -0.35 -41.86 -26.91
N LEU D 365 -0.03 -42.16 -25.64
CA LEU D 365 -0.82 -41.64 -24.53
C LEU D 365 -0.66 -40.13 -24.37
N SER D 366 0.44 -39.56 -24.85
CA SER D 366 0.72 -38.16 -24.59
C SER D 366 -0.33 -37.26 -25.26
N ARG D 367 -0.50 -36.07 -24.71
CA ARG D 367 -1.46 -35.10 -25.21
C ARG D 367 -0.79 -33.91 -25.88
N LYS D 368 0.37 -33.49 -25.38
CA LYS D 368 1.17 -32.50 -26.08
C LYS D 368 2.24 -33.18 -26.91
N PHE D 369 2.60 -32.54 -28.04
CA PHE D 369 3.56 -33.11 -28.98
C PHE D 369 4.52 -32.01 -29.39
N THR D 370 5.39 -32.32 -30.35
CA THR D 370 6.38 -31.37 -30.86
C THR D 370 6.48 -31.56 -32.37
N GLU D 371 5.80 -30.70 -33.11
CA GLU D 371 5.74 -30.86 -34.57
C GLU D 371 7.12 -30.72 -35.19
N TRP D 372 7.90 -29.73 -34.78
CA TRP D 372 9.24 -29.54 -35.32
C TRP D 372 10.02 -28.58 -34.43
N ALA D 373 11.34 -28.69 -34.50
CA ALA D 373 12.25 -27.84 -33.75
C ALA D 373 13.35 -27.35 -34.68
N TYR D 374 13.68 -26.06 -34.58
CA TYR D 374 14.74 -25.45 -35.40
C TYR D 374 15.41 -24.38 -34.57
N GLY D 375 16.69 -24.57 -34.27
CA GLY D 375 17.42 -23.64 -33.45
C GLY D 375 16.81 -23.52 -32.07
N PRO D 376 16.51 -22.31 -31.63
CA PRO D 376 15.87 -22.13 -30.31
C PRO D 376 14.36 -22.16 -30.30
N VAL D 377 13.70 -22.32 -31.45
CA VAL D 377 12.26 -22.24 -31.56
C VAL D 377 11.71 -23.59 -31.99
N HIS D 378 10.70 -24.08 -31.27
CA HIS D 378 10.05 -25.34 -31.59
C HIS D 378 8.55 -25.17 -31.48
N SER D 379 7.82 -25.93 -32.29
CA SER D 379 6.37 -25.85 -32.36
C SER D 379 5.78 -27.06 -31.66
N SER D 380 4.83 -26.81 -30.77
CA SER D 380 4.16 -27.86 -30.01
C SER D 380 2.69 -27.93 -30.39
N LEU D 381 2.10 -29.11 -30.28
CA LEU D 381 0.73 -29.37 -30.66
C LEU D 381 -0.04 -29.86 -29.44
N TYR D 382 -1.23 -29.31 -29.23
CA TYR D 382 -2.10 -29.69 -28.13
C TYR D 382 -3.34 -30.39 -28.68
N ASP D 383 -3.74 -31.45 -28.00
CA ASP D 383 -4.87 -32.27 -28.43
C ASP D 383 -6.15 -31.65 -27.91
N LEU D 384 -7.01 -31.21 -28.83
CA LEU D 384 -8.31 -30.63 -28.47
C LEU D 384 -9.41 -31.65 -28.40
N SER D 385 -9.11 -32.93 -28.22
CA SER D 385 -10.17 -33.94 -28.16
C SER D 385 -10.96 -33.78 -26.87
N CYS D 386 -12.24 -33.42 -27.01
CA CYS D 386 -13.17 -33.30 -25.87
C CYS D 386 -12.78 -32.16 -24.93
N ILE D 387 -12.49 -30.99 -25.50
CA ILE D 387 -12.23 -29.78 -24.74
C ILE D 387 -13.22 -28.67 -25.10
N ASP D 388 -13.49 -28.48 -26.39
CA ASP D 388 -14.38 -27.41 -26.81
C ASP D 388 -15.69 -27.93 -27.40
N THR D 389 -15.67 -29.07 -28.07
CA THR D 389 -16.88 -29.70 -28.59
C THR D 389 -16.83 -31.19 -28.30
N CYS D 390 -17.82 -31.68 -27.54
CA CYS D 390 -17.97 -33.10 -27.25
C CYS D 390 -19.40 -33.60 -27.38
N GLU D 391 -20.39 -32.71 -27.46
CA GLU D 391 -21.79 -33.05 -27.70
C GLU D 391 -22.46 -33.68 -26.48
N LYS D 392 -21.70 -33.97 -25.43
CA LYS D 392 -22.31 -34.30 -24.14
C LYS D 392 -21.80 -33.43 -23.02
N ASN D 393 -20.49 -33.25 -22.91
CA ASN D 393 -19.90 -32.33 -21.94
C ASN D 393 -18.41 -32.21 -22.23
N SER D 394 -17.91 -30.97 -22.19
CA SER D 394 -16.53 -30.69 -22.54
C SER D 394 -15.91 -29.82 -21.45
N VAL D 395 -14.59 -29.68 -21.50
CA VAL D 395 -13.89 -28.94 -20.46
C VAL D 395 -14.37 -27.49 -20.42
N LEU D 396 -14.50 -26.85 -21.58
CA LEU D 396 -14.85 -25.44 -21.61
C LEU D 396 -16.25 -25.20 -21.05
N GLU D 397 -17.24 -25.94 -21.54
CA GLU D 397 -18.61 -25.67 -21.08
C GLU D 397 -18.83 -26.20 -19.68
N VAL D 398 -18.09 -27.22 -19.26
CA VAL D 398 -18.17 -27.68 -17.88
C VAL D 398 -17.62 -26.62 -16.93
N ILE D 399 -16.50 -26.00 -17.30
CA ILE D 399 -15.92 -24.97 -16.44
C ILE D 399 -16.79 -23.73 -16.43
N ALA D 400 -17.23 -23.28 -17.60
CA ALA D 400 -17.93 -22.00 -17.70
C ALA D 400 -19.28 -22.04 -16.99
N TYR D 401 -20.04 -23.13 -17.17
CA TYR D 401 -21.38 -23.23 -16.62
C TYR D 401 -21.39 -23.89 -15.24
N SER D 402 -20.23 -24.12 -14.64
CA SER D 402 -20.20 -24.68 -13.30
C SER D 402 -20.76 -23.68 -12.31
N SER D 403 -21.55 -24.17 -11.36
CA SER D 403 -22.09 -23.31 -10.32
C SER D 403 -20.97 -22.64 -9.55
N SER D 404 -21.32 -21.58 -8.82
CA SER D 404 -20.32 -20.87 -8.03
C SER D 404 -19.74 -21.74 -6.92
N GLU D 405 -20.38 -22.87 -6.61
CA GLU D 405 -19.87 -23.75 -5.56
C GLU D 405 -18.49 -24.30 -5.88
N THR D 406 -18.17 -24.47 -7.16
CA THR D 406 -16.90 -25.07 -7.53
C THR D 406 -15.75 -24.19 -7.04
N PRO D 407 -14.68 -24.79 -6.48
CA PRO D 407 -13.63 -23.95 -5.87
C PRO D 407 -12.92 -22.99 -6.81
N ASN D 408 -12.28 -23.49 -7.87
CA ASN D 408 -11.34 -22.71 -8.66
C ASN D 408 -11.86 -22.43 -10.07
N ARG D 409 -13.15 -22.06 -10.18
CA ARG D 409 -13.72 -21.80 -11.50
C ARG D 409 -13.05 -20.63 -12.20
N HIS D 410 -12.61 -19.62 -11.44
CA HIS D 410 -11.97 -18.46 -12.06
C HIS D 410 -10.58 -18.80 -12.59
N ASP D 411 -9.78 -19.50 -11.79
CA ASP D 411 -8.40 -19.78 -12.14
C ASP D 411 -8.26 -20.94 -13.12
N MET D 412 -9.35 -21.64 -13.43
CA MET D 412 -9.25 -22.86 -14.22
C MET D 412 -8.85 -22.55 -15.65
N LEU D 413 -9.27 -21.40 -16.18
CA LEU D 413 -9.03 -21.07 -17.58
C LEU D 413 -7.63 -20.56 -17.83
N LEU D 414 -6.83 -20.34 -16.79
CA LEU D 414 -5.47 -19.84 -16.96
C LEU D 414 -4.52 -20.88 -17.51
N VAL D 415 -4.93 -22.14 -17.59
CA VAL D 415 -4.10 -23.17 -18.20
C VAL D 415 -3.93 -22.85 -19.68
N GLU D 416 -2.70 -22.95 -20.17
CA GLU D 416 -2.26 -22.39 -21.45
C GLU D 416 -3.21 -22.69 -22.62
N PRO D 417 -3.43 -23.96 -22.96
CA PRO D 417 -4.23 -24.25 -24.15
C PRO D 417 -5.61 -23.62 -24.11
N LEU D 418 -6.24 -23.56 -22.95
CA LEU D 418 -7.58 -23.01 -22.86
C LEU D 418 -7.60 -21.52 -23.15
N ASN D 419 -6.65 -20.78 -22.57
CA ASN D 419 -6.56 -19.35 -22.86
C ASN D 419 -6.28 -19.11 -24.34
N ARG D 420 -5.37 -19.88 -24.93
CA ARG D 420 -5.10 -19.72 -26.35
C ARG D 420 -6.34 -19.99 -27.19
N LEU D 421 -7.08 -21.05 -26.85
CA LEU D 421 -8.32 -21.37 -27.58
C LEU D 421 -9.31 -20.24 -27.49
N LEU D 422 -9.56 -19.73 -26.28
CA LEU D 422 -10.57 -18.69 -26.13
C LEU D 422 -10.19 -17.45 -26.92
N GLN D 423 -8.92 -17.03 -26.82
CA GLN D 423 -8.49 -15.86 -27.58
C GLN D 423 -8.62 -16.09 -29.08
N ASP D 424 -8.25 -17.28 -29.55
CA ASP D 424 -8.34 -17.58 -30.98
C ASP D 424 -9.78 -17.49 -31.46
N LYS D 425 -10.71 -18.12 -30.74
CA LYS D 425 -12.11 -18.09 -31.14
C LYS D 425 -12.65 -16.66 -31.14
N TRP D 426 -12.31 -15.89 -30.11
CA TRP D 426 -12.73 -14.51 -30.01
C TRP D 426 -12.32 -13.81 -31.29
N ASP D 427 -11.00 -13.72 -31.51
CA ASP D 427 -10.46 -12.98 -32.64
C ASP D 427 -11.02 -13.48 -33.97
N ARG D 428 -11.31 -14.78 -34.06
CA ARG D 428 -11.84 -15.33 -35.29
C ARG D 428 -13.21 -14.72 -35.62
N PHE D 429 -14.21 -14.98 -34.78
CA PHE D 429 -15.56 -14.52 -35.14
C PHE D 429 -16.35 -13.87 -34.01
N VAL D 430 -16.03 -14.13 -32.74
CA VAL D 430 -16.94 -13.71 -31.70
C VAL D 430 -16.87 -12.20 -31.54
N LYS D 431 -15.72 -11.60 -31.81
CA LYS D 431 -15.58 -10.16 -31.68
C LYS D 431 -16.55 -9.43 -32.60
N ARG D 432 -16.62 -9.86 -33.86
CA ARG D 432 -17.53 -9.22 -34.81
C ARG D 432 -18.98 -9.47 -34.43
N ILE D 433 -19.32 -10.70 -34.02
CA ILE D 433 -20.70 -10.96 -33.63
C ILE D 433 -21.09 -10.07 -32.46
N PHE D 434 -20.21 -9.96 -31.47
CA PHE D 434 -20.48 -9.15 -30.29
C PHE D 434 -20.64 -7.68 -30.65
N TYR D 435 -19.79 -7.17 -31.54
CA TYR D 435 -19.90 -5.78 -31.96
C TYR D 435 -21.23 -5.51 -32.63
N PHE D 436 -21.68 -6.43 -33.49
CA PHE D 436 -22.98 -6.24 -34.14
C PHE D 436 -24.10 -6.22 -33.10
N ASN D 437 -24.05 -7.12 -32.13
CA ASN D 437 -25.09 -7.13 -31.10
C ASN D 437 -25.09 -5.81 -30.32
N PHE D 438 -23.90 -5.31 -29.98
CA PHE D 438 -23.82 -4.05 -29.25
C PHE D 438 -24.42 -2.91 -30.06
N PHE D 439 -24.12 -2.87 -31.35
CA PHE D 439 -24.67 -1.81 -32.21
C PHE D 439 -26.19 -1.88 -32.25
N VAL D 440 -26.74 -3.09 -32.39
CA VAL D 440 -28.19 -3.23 -32.47
C VAL D 440 -28.84 -2.79 -31.16
N TYR D 441 -28.23 -3.14 -30.03
CA TYR D 441 -28.80 -2.71 -28.75
C TYR D 441 -28.77 -1.19 -28.61
N CYS D 442 -27.68 -0.55 -29.06
CA CYS D 442 -27.63 0.91 -29.02
C CYS D 442 -28.75 1.52 -29.85
N LEU D 443 -28.97 0.99 -31.06
CA LEU D 443 -30.07 1.53 -31.87
C LEU D 443 -31.40 1.34 -31.19
N TYR D 444 -31.62 0.17 -30.58
CA TYR D 444 -32.90 -0.08 -29.92
C TYR D 444 -33.12 0.90 -28.78
N MET D 445 -32.09 1.14 -27.97
CA MET D 445 -32.25 2.06 -26.85
C MET D 445 -32.49 3.49 -27.35
N ILE D 446 -31.83 3.89 -28.43
CA ILE D 446 -32.06 5.23 -28.98
C ILE D 446 -33.51 5.37 -29.46
N ILE D 447 -34.02 4.35 -30.14
CA ILE D 447 -35.41 4.41 -30.62
C ILE D 447 -36.37 4.48 -29.44
N PHE D 448 -36.12 3.68 -28.41
CA PHE D 448 -36.98 3.69 -27.23
C PHE D 448 -36.96 5.05 -26.55
N THR D 449 -35.78 5.65 -26.41
CA THR D 449 -35.70 6.97 -25.80
C THR D 449 -36.46 8.00 -26.62
N ALA D 450 -36.30 7.99 -27.94
CA ALA D 450 -36.99 8.97 -28.76
C ALA D 450 -38.50 8.80 -28.67
N ALA D 451 -38.97 7.56 -28.68
CA ALA D 451 -40.41 7.32 -28.57
C ALA D 451 -40.95 7.79 -27.24
N ALA D 452 -40.24 7.50 -26.14
CA ALA D 452 -40.74 7.88 -24.82
C ALA D 452 -40.69 9.38 -24.61
N TYR D 453 -39.70 10.06 -25.18
CA TYR D 453 -39.55 11.49 -24.96
C TYR D 453 -40.71 12.28 -25.56
N TYR D 454 -41.37 11.72 -26.57
CA TYR D 454 -42.42 12.41 -27.32
C TYR D 454 -43.80 11.83 -27.06
N ARG D 455 -44.05 11.30 -25.87
CA ARG D 455 -45.37 10.75 -25.58
C ARG D 455 -46.41 11.87 -25.63
N PRO D 456 -47.67 11.56 -25.96
CA PRO D 456 -48.61 12.62 -26.33
C PRO D 456 -49.18 13.41 -25.16
N VAL D 457 -49.02 12.93 -23.93
CA VAL D 457 -49.53 13.59 -22.73
C VAL D 457 -50.90 14.27 -22.72
N GLU D 458 -51.94 13.55 -23.13
CA GLU D 458 -53.30 14.07 -23.14
C GLU D 458 -54.32 13.58 -22.13
N GLY D 459 -54.12 12.43 -21.51
CA GLY D 459 -55.03 11.91 -20.50
C GLY D 459 -55.69 10.60 -20.91
N LEU D 460 -55.69 9.67 -19.96
CA LEU D 460 -56.44 8.43 -20.06
C LEU D 460 -56.16 7.70 -21.38
N PRO D 461 -55.00 7.05 -21.52
CA PRO D 461 -54.71 6.30 -22.74
C PRO D 461 -55.78 5.24 -23.00
N PRO D 462 -55.78 4.61 -24.18
CA PRO D 462 -54.85 4.77 -25.31
C PRO D 462 -55.09 6.07 -26.08
N TYR D 463 -54.15 6.44 -26.95
CA TYR D 463 -54.21 7.67 -27.70
C TYR D 463 -54.45 7.39 -29.18
N LYS D 464 -55.12 8.34 -29.83
CA LYS D 464 -55.47 8.20 -31.24
C LYS D 464 -54.25 8.50 -32.10
N LEU D 465 -54.35 8.17 -33.39
CA LEU D 465 -53.25 8.32 -34.34
C LEU D 465 -53.56 9.51 -35.24
N LYS D 466 -52.93 10.63 -34.94
CA LYS D 466 -53.08 11.81 -35.78
C LYS D 466 -52.40 11.58 -37.13
N ASN D 467 -53.01 12.13 -38.19
CA ASN D 467 -52.52 11.93 -39.55
C ASN D 467 -51.37 12.91 -39.81
N THR D 468 -50.19 12.54 -39.28
CA THR D 468 -48.99 13.34 -39.48
C THR D 468 -47.79 12.41 -39.46
N VAL D 469 -46.68 12.89 -40.05
CA VAL D 469 -45.48 12.05 -40.14
C VAL D 469 -44.91 11.76 -38.75
N GLY D 470 -44.86 12.77 -37.89
CA GLY D 470 -44.28 12.57 -36.57
C GLY D 470 -45.02 11.54 -35.76
N ASP D 471 -46.36 11.58 -35.82
CA ASP D 471 -47.15 10.61 -35.07
C ASP D 471 -46.93 9.20 -35.59
N TYR D 472 -46.82 9.05 -36.92
CA TYR D 472 -46.54 7.74 -37.49
C TYR D 472 -45.18 7.22 -37.02
N PHE D 473 -44.18 8.09 -37.01
CA PHE D 473 -42.86 7.68 -36.54
C PHE D 473 -42.91 7.29 -35.06
N ARG D 474 -43.67 8.03 -34.26
CA ARG D 474 -43.76 7.70 -32.84
C ARG D 474 -44.43 6.34 -32.63
N VAL D 475 -45.49 6.07 -33.38
CA VAL D 475 -46.15 4.77 -33.27
C VAL D 475 -45.20 3.65 -33.68
N THR D 476 -44.46 3.85 -34.76
CA THR D 476 -43.48 2.84 -35.18
C THR D 476 -42.43 2.61 -34.09
N GLY D 477 -41.94 3.70 -33.48
CA GLY D 477 -40.94 3.56 -32.45
C GLY D 477 -41.44 2.78 -31.24
N GLU D 478 -42.67 3.07 -30.81
CA GLU D 478 -43.18 2.35 -29.64
C GLU D 478 -43.46 0.89 -29.96
N ILE D 479 -43.92 0.58 -31.18
CA ILE D 479 -44.07 -0.82 -31.56
C ILE D 479 -42.72 -1.53 -31.52
N LEU D 480 -41.68 -0.90 -32.06
CA LEU D 480 -40.36 -1.51 -32.05
C LEU D 480 -39.86 -1.73 -30.62
N SER D 481 -40.09 -0.75 -29.75
CA SER D 481 -39.65 -0.90 -28.36
C SER D 481 -40.37 -2.06 -27.67
N VAL D 482 -41.67 -2.19 -27.89
CA VAL D 482 -42.41 -3.31 -27.29
C VAL D 482 -41.91 -4.63 -27.84
N SER D 483 -41.59 -4.68 -29.13
CA SER D 483 -41.04 -5.90 -29.72
C SER D 483 -39.72 -6.27 -29.05
N GLY D 484 -38.84 -5.30 -28.84
CA GLY D 484 -37.60 -5.58 -28.13
C GLY D 484 -37.84 -6.09 -26.72
N GLY D 485 -38.82 -5.49 -26.02
CA GLY D 485 -39.12 -5.93 -24.67
C GLY D 485 -39.58 -7.38 -24.62
N VAL D 486 -40.47 -7.76 -25.53
CA VAL D 486 -40.93 -9.14 -25.54
C VAL D 486 -39.80 -10.09 -25.94
N TYR D 487 -38.92 -9.67 -26.85
CA TYR D 487 -37.80 -10.51 -27.22
C TYR D 487 -36.91 -10.80 -26.00
N PHE D 488 -36.62 -9.75 -25.22
CA PHE D 488 -35.79 -9.96 -24.03
C PHE D 488 -36.51 -10.82 -23.00
N PHE D 489 -37.83 -10.66 -22.87
CA PHE D 489 -38.59 -11.49 -21.94
C PHE D 489 -38.49 -12.96 -22.30
N PHE D 490 -38.67 -13.28 -23.58
CA PHE D 490 -38.57 -14.67 -24.02
C PHE D 490 -37.15 -15.20 -23.87
N ARG D 491 -36.15 -14.37 -24.17
CA ARG D 491 -34.76 -14.81 -23.98
C ARG D 491 -34.49 -15.17 -22.53
N GLY D 492 -34.95 -14.33 -21.60
CA GLY D 492 -34.77 -14.65 -20.19
C GLY D 492 -35.49 -15.93 -19.81
N ILE D 493 -36.71 -16.12 -20.31
CA ILE D 493 -37.46 -17.33 -19.99
C ILE D 493 -36.68 -18.57 -20.43
N GLN D 494 -36.19 -18.57 -21.67
CA GLN D 494 -35.52 -19.78 -22.15
C GLN D 494 -34.17 -19.97 -21.45
N TYR D 495 -33.50 -18.87 -21.10
CA TYR D 495 -32.29 -19.00 -20.31
C TYR D 495 -32.57 -19.71 -18.99
N PHE D 496 -33.62 -19.27 -18.29
CA PHE D 496 -33.93 -19.88 -17.00
C PHE D 496 -34.30 -21.34 -17.17
N LEU D 497 -35.07 -21.65 -18.21
CA LEU D 497 -35.46 -23.04 -18.46
C LEU D 497 -34.23 -23.92 -18.75
N GLN D 498 -33.30 -23.41 -19.55
CA GLN D 498 -32.16 -24.22 -19.96
C GLN D 498 -31.17 -24.40 -18.83
N ARG D 499 -30.63 -23.29 -18.31
CA ARG D 499 -29.66 -23.40 -17.22
C ARG D 499 -30.28 -24.02 -15.98
N ARG D 500 -31.54 -23.68 -15.70
CA ARG D 500 -32.26 -24.18 -14.53
C ARG D 500 -31.40 -24.00 -13.28
N PRO D 501 -31.14 -22.76 -12.88
CA PRO D 501 -30.33 -22.54 -11.67
C PRO D 501 -30.93 -23.23 -10.46
N SER D 502 -30.13 -23.33 -9.40
CA SER D 502 -30.51 -24.03 -8.18
C SER D 502 -31.39 -23.19 -7.26
N LEU D 503 -31.93 -22.08 -7.75
CA LEU D 503 -32.78 -21.16 -7.00
C LEU D 503 -31.99 -20.34 -5.99
N LYS D 504 -30.70 -20.59 -5.83
CA LYS D 504 -29.83 -19.80 -4.98
C LYS D 504 -28.74 -19.06 -5.74
N SER D 505 -28.22 -19.64 -6.82
CA SER D 505 -27.30 -18.91 -7.68
C SER D 505 -27.98 -17.77 -8.42
N LEU D 506 -29.32 -17.73 -8.42
CA LEU D 506 -30.01 -16.60 -9.01
C LEU D 506 -29.60 -15.30 -8.33
N PHE D 507 -29.45 -15.35 -7.01
CA PHE D 507 -29.01 -14.19 -6.24
C PHE D 507 -27.49 -14.09 -6.13
N VAL D 508 -26.76 -15.03 -6.73
CA VAL D 508 -25.30 -15.03 -6.66
C VAL D 508 -24.64 -15.03 -8.03
N ASP D 509 -25.30 -15.55 -9.07
CA ASP D 509 -24.75 -15.57 -10.41
C ASP D 509 -25.84 -15.19 -11.40
N SER D 510 -25.44 -14.84 -12.62
CA SER D 510 -26.37 -14.38 -13.68
C SER D 510 -27.05 -13.08 -13.25
N TYR D 511 -26.30 -12.05 -12.83
CA TYR D 511 -26.89 -10.74 -12.56
C TYR D 511 -27.38 -10.08 -13.85
N SER D 512 -26.62 -10.18 -14.93
CA SER D 512 -27.02 -9.55 -16.18
C SER D 512 -28.34 -10.12 -16.68
N GLU D 513 -28.50 -11.43 -16.61
CA GLU D 513 -29.71 -12.06 -17.12
C GLU D 513 -30.93 -11.60 -16.33
N ILE D 514 -30.82 -11.55 -15.00
CA ILE D 514 -31.96 -11.14 -14.19
C ILE D 514 -32.26 -9.65 -14.42
N LEU D 515 -31.22 -8.83 -14.61
CA LEU D 515 -31.47 -7.41 -14.87
C LEU D 515 -32.20 -7.21 -16.20
N PHE D 516 -31.76 -7.90 -17.25
CA PHE D 516 -32.45 -7.78 -18.53
C PHE D 516 -33.89 -8.29 -18.43
N PHE D 517 -34.10 -9.38 -17.69
CA PHE D 517 -35.45 -9.90 -17.49
C PHE D 517 -36.32 -8.90 -16.76
N VAL D 518 -35.76 -8.21 -15.76
CA VAL D 518 -36.56 -7.24 -15.00
C VAL D 518 -36.91 -6.04 -15.87
N GLN D 519 -35.98 -5.60 -16.72
CA GLN D 519 -36.30 -4.56 -17.70
C GLN D 519 -37.49 -4.99 -18.56
N SER D 520 -37.45 -6.22 -19.07
CA SER D 520 -38.54 -6.69 -19.92
C SER D 520 -39.85 -6.74 -19.14
N LEU D 521 -39.80 -7.17 -17.87
CA LEU D 521 -41.00 -7.21 -17.05
C LEU D 521 -41.60 -5.82 -16.88
N PHE D 522 -40.76 -4.82 -16.63
CA PHE D 522 -41.26 -3.46 -16.52
C PHE D 522 -41.93 -3.02 -17.83
N MET D 523 -41.31 -3.33 -18.96
CA MET D 523 -41.90 -2.94 -20.24
C MET D 523 -43.27 -3.60 -20.44
N LEU D 524 -43.38 -4.89 -20.12
CA LEU D 524 -44.64 -5.60 -20.32
C LEU D 524 -45.73 -5.07 -19.40
N VAL D 525 -45.39 -4.82 -18.13
CA VAL D 525 -46.36 -4.23 -17.21
C VAL D 525 -46.79 -2.86 -17.72
N SER D 526 -45.86 -2.11 -18.29
CA SER D 526 -46.20 -0.80 -18.86
C SER D 526 -47.22 -0.96 -19.97
N VAL D 527 -47.03 -1.93 -20.87
CA VAL D 527 -47.97 -2.13 -21.96
C VAL D 527 -49.35 -2.50 -21.41
N VAL D 528 -49.39 -3.42 -20.46
CA VAL D 528 -50.67 -3.85 -19.90
C VAL D 528 -51.39 -2.67 -19.27
N LEU D 529 -50.69 -1.86 -18.48
CA LEU D 529 -51.32 -0.69 -17.87
C LEU D 529 -51.78 0.28 -18.93
N TYR D 530 -50.99 0.46 -20.00
CA TYR D 530 -51.35 1.41 -21.04
C TYR D 530 -52.66 1.04 -21.68
N PHE D 531 -52.86 -0.24 -22.01
CA PHE D 531 -54.10 -0.62 -22.66
C PHE D 531 -55.25 -0.76 -21.69
N SER D 532 -55.01 -0.62 -20.39
CA SER D 532 -56.05 -0.65 -19.38
C SER D 532 -56.51 0.73 -18.96
N GLN D 533 -56.10 1.79 -19.68
CA GLN D 533 -56.53 3.16 -19.41
C GLN D 533 -56.07 3.63 -18.03
N ARG D 534 -54.75 3.62 -17.85
CA ARG D 534 -54.14 4.08 -16.61
C ARG D 534 -52.91 4.90 -16.93
N LYS D 535 -52.56 5.81 -16.01
CA LYS D 535 -51.40 6.67 -16.19
C LYS D 535 -50.12 6.08 -15.61
N GLU D 536 -50.20 5.00 -14.84
CA GLU D 536 -49.01 4.41 -14.24
C GLU D 536 -48.11 3.73 -15.27
N TYR D 537 -48.60 3.56 -16.50
CA TYR D 537 -47.74 3.04 -17.55
C TYR D 537 -46.52 3.94 -17.74
N VAL D 538 -46.68 5.24 -17.50
CA VAL D 538 -45.53 6.14 -17.61
C VAL D 538 -44.49 5.81 -16.55
N ALA D 539 -44.92 5.53 -15.32
CA ALA D 539 -43.98 5.18 -14.26
C ALA D 539 -43.25 3.88 -14.62
N SER D 540 -44.00 2.88 -15.08
CA SER D 540 -43.36 1.62 -15.45
C SER D 540 -42.36 1.82 -16.58
N MET D 541 -42.72 2.62 -17.59
CA MET D 541 -41.84 2.77 -18.74
C MET D 541 -40.61 3.60 -18.39
N VAL D 542 -40.71 4.57 -17.48
CA VAL D 542 -39.51 5.31 -17.09
C VAL D 542 -38.58 4.40 -16.30
N PHE D 543 -39.12 3.55 -15.43
CA PHE D 543 -38.27 2.59 -14.75
C PHE D 543 -37.57 1.69 -15.75
N SER D 544 -38.29 1.21 -16.76
CA SER D 544 -37.70 0.35 -17.77
C SER D 544 -36.61 1.09 -18.55
N LEU D 545 -36.86 2.37 -18.88
CA LEU D 545 -35.90 3.15 -19.63
C LEU D 545 -34.59 3.32 -18.86
N ALA D 546 -34.69 3.69 -17.59
CA ALA D 546 -33.49 3.83 -16.77
C ALA D 546 -32.76 2.50 -16.65
N MET D 547 -33.50 1.41 -16.44
CA MET D 547 -32.86 0.10 -16.33
C MET D 547 -32.14 -0.26 -17.62
N GLY D 548 -32.73 0.04 -18.77
CA GLY D 548 -32.08 -0.28 -20.03
C GLY D 548 -30.81 0.53 -20.24
N TRP D 549 -30.85 1.82 -19.93
CA TRP D 549 -29.66 2.64 -20.09
C TRP D 549 -28.54 2.17 -19.17
N THR D 550 -28.89 1.72 -17.96
CA THR D 550 -27.85 1.14 -17.10
C THR D 550 -27.35 -0.20 -17.61
N ASN D 551 -28.24 -1.05 -18.12
CA ASN D 551 -27.84 -2.34 -18.68
C ASN D 551 -26.95 -2.19 -19.89
N MET D 552 -26.96 -1.02 -20.53
CA MET D 552 -25.97 -0.73 -21.56
C MET D 552 -24.56 -1.11 -21.10
N LEU D 553 -24.31 -1.13 -19.80
CA LEU D 553 -22.98 -1.39 -19.27
C LEU D 553 -22.57 -2.86 -19.43
N TYR D 554 -23.50 -3.74 -19.79
CA TYR D 554 -23.14 -5.15 -19.98
C TYR D 554 -22.13 -5.33 -21.09
N TYR D 555 -22.29 -4.60 -22.19
CA TYR D 555 -21.41 -4.72 -23.34
C TYR D 555 -20.02 -4.13 -23.08
N THR D 556 -19.75 -3.67 -21.86
CA THR D 556 -18.42 -3.20 -21.52
C THR D 556 -17.40 -4.33 -21.64
N ARG D 557 -17.84 -5.58 -21.48
CA ARG D 557 -16.97 -6.72 -21.75
C ARG D 557 -16.73 -6.81 -23.26
N GLY D 558 -15.60 -7.41 -23.62
CA GLY D 558 -15.08 -7.29 -24.96
C GLY D 558 -14.03 -6.23 -25.10
N PHE D 559 -13.88 -5.36 -24.10
CA PHE D 559 -12.78 -4.41 -24.00
C PHE D 559 -12.14 -4.60 -22.64
N GLN D 560 -10.84 -4.85 -22.62
CA GLN D 560 -10.19 -5.31 -21.39
C GLN D 560 -10.34 -4.31 -20.26
N GLN D 561 -9.90 -3.07 -20.48
CA GLN D 561 -9.87 -2.09 -19.40
C GLN D 561 -11.27 -1.81 -18.86
N MET D 562 -12.21 -1.56 -19.76
CA MET D 562 -13.58 -1.28 -19.33
C MET D 562 -14.21 -2.50 -18.67
N GLY D 563 -13.90 -3.71 -19.14
CA GLY D 563 -14.40 -4.89 -18.48
C GLY D 563 -13.90 -5.02 -17.05
N ILE D 564 -12.61 -4.75 -16.84
CA ILE D 564 -12.06 -4.78 -15.48
C ILE D 564 -12.77 -3.75 -14.62
N TYR D 565 -12.98 -2.55 -15.17
CA TYR D 565 -13.66 -1.50 -14.43
C TYR D 565 -15.07 -1.93 -14.01
N ALA D 566 -15.81 -2.55 -14.93
CA ALA D 566 -17.17 -2.98 -14.60
C ALA D 566 -17.16 -4.09 -13.55
N VAL D 567 -16.22 -5.03 -13.64
CA VAL D 567 -16.12 -6.06 -12.62
C VAL D 567 -15.85 -5.44 -11.26
N MET D 568 -14.98 -4.44 -11.21
CA MET D 568 -14.71 -3.75 -9.96
C MET D 568 -15.98 -3.09 -9.41
N ILE D 569 -16.76 -2.45 -10.30
CA ILE D 569 -18.02 -1.87 -9.85
C ILE D 569 -18.91 -2.93 -9.21
N GLU D 570 -18.97 -4.10 -9.82
CA GLU D 570 -19.84 -5.16 -9.33
C GLU D 570 -19.41 -5.62 -7.95
N LYS D 571 -18.11 -5.84 -7.76
CA LYS D 571 -17.60 -6.21 -6.43
C LYS D 571 -17.88 -5.13 -5.39
N MET D 572 -17.63 -3.87 -5.75
CA MET D 572 -17.83 -2.77 -4.80
C MET D 572 -19.29 -2.70 -4.36
N ILE D 573 -20.21 -2.78 -5.33
CA ILE D 573 -21.63 -2.78 -5.00
C ILE D 573 -21.94 -3.92 -4.05
N LEU D 574 -21.40 -5.11 -4.31
CA LEU D 574 -21.77 -6.25 -3.48
C LEU D 574 -21.31 -6.07 -2.04
N ARG D 575 -20.08 -5.60 -1.83
CA ARG D 575 -19.54 -5.56 -0.45
C ARG D 575 -19.71 -4.21 0.24
N ASP D 576 -19.05 -3.19 -0.30
CA ASP D 576 -18.82 -1.98 0.50
C ASP D 576 -20.10 -1.15 0.60
N LEU D 577 -20.80 -0.99 -0.52
CA LEU D 577 -22.02 -0.21 -0.49
C LEU D 577 -23.06 -0.87 0.40
N CYS D 578 -23.13 -2.20 0.40
CA CYS D 578 -24.11 -2.88 1.24
C CYS D 578 -23.85 -2.64 2.72
N ARG D 579 -22.61 -2.88 3.17
CA ARG D 579 -22.34 -2.68 4.59
C ARG D 579 -22.54 -1.21 4.98
N PHE D 580 -22.00 -0.30 4.17
CA PHE D 580 -22.15 1.12 4.44
C PHE D 580 -23.61 1.51 4.52
N MET D 581 -24.44 0.99 3.60
CA MET D 581 -25.84 1.36 3.57
C MET D 581 -26.56 0.88 4.82
N PHE D 582 -26.27 -0.34 5.27
CA PHE D 582 -26.93 -0.79 6.49
C PHE D 582 -26.63 0.15 7.66
N VAL D 583 -25.35 0.41 7.91
CA VAL D 583 -25.00 1.24 9.06
C VAL D 583 -25.56 2.66 8.90
N TYR D 584 -25.43 3.22 7.71
CA TYR D 584 -25.89 4.58 7.45
C TYR D 584 -27.39 4.71 7.63
N LEU D 585 -28.16 3.73 7.14
CA LEU D 585 -29.60 3.79 7.32
C LEU D 585 -29.97 3.73 8.79
N VAL D 586 -29.29 2.88 9.56
CA VAL D 586 -29.59 2.84 10.99
C VAL D 586 -29.39 4.22 11.61
N PHE D 587 -28.23 4.84 11.36
CA PHE D 587 -27.95 6.13 11.97
C PHE D 587 -28.94 7.19 11.51
N LEU D 588 -29.23 7.24 10.21
CA LEU D 588 -30.12 8.25 9.67
C LEU D 588 -31.52 8.12 10.27
N PHE D 589 -32.04 6.89 10.34
CA PHE D 589 -33.37 6.71 10.89
C PHE D 589 -33.42 7.11 12.36
N GLY D 590 -32.41 6.70 13.14
CA GLY D 590 -32.42 7.05 14.55
C GLY D 590 -32.44 8.55 14.78
N PHE D 591 -31.53 9.26 14.11
CA PHE D 591 -31.45 10.70 14.33
C PHE D 591 -32.66 11.43 13.75
N SER D 592 -33.22 10.93 12.65
CA SER D 592 -34.44 11.52 12.10
C SER D 592 -35.59 11.39 13.09
N THR D 593 -35.74 10.22 13.70
CA THR D 593 -36.81 10.06 14.69
C THR D 593 -36.61 11.00 15.86
N ALA D 594 -35.38 11.11 16.36
CA ALA D 594 -35.14 12.05 17.47
C ALA D 594 -35.51 13.47 17.09
N VAL D 595 -35.05 13.92 15.91
CA VAL D 595 -35.31 15.31 15.51
C VAL D 595 -36.79 15.55 15.33
N VAL D 596 -37.50 14.64 14.65
CA VAL D 596 -38.91 14.86 14.38
C VAL D 596 -39.72 14.79 15.65
N THR D 597 -39.29 13.99 16.63
CA THR D 597 -39.94 14.01 17.93
C THR D 597 -39.74 15.36 18.61
N LEU D 598 -38.55 15.94 18.48
CA LEU D 598 -38.31 17.25 19.09
C LEU D 598 -39.23 18.33 18.51
N ILE D 599 -39.44 18.31 17.20
CA ILE D 599 -40.21 19.38 16.55
C ILE D 599 -41.66 19.35 17.05
N GLU D 600 -42.24 20.53 17.25
CA GLU D 600 -43.61 20.63 17.74
C GLU D 600 -44.61 20.50 16.60
N ASP D 601 -44.55 21.41 15.63
CA ASP D 601 -45.46 21.39 14.50
C ASP D 601 -44.84 22.18 13.36
N GLY D 602 -45.43 22.05 12.18
CA GLY D 602 -45.01 22.82 11.03
C GLY D 602 -44.89 21.92 9.81
N LYS D 603 -44.13 22.41 8.83
CA LYS D 603 -43.92 21.64 7.61
C LYS D 603 -43.13 20.37 7.87
N TYR D 604 -42.11 20.44 8.73
CA TYR D 604 -41.20 19.33 8.97
C TYR D 604 -41.61 18.47 10.15
N ASN D 605 -42.90 18.42 10.48
CA ASN D 605 -43.36 17.56 11.56
C ASN D 605 -43.63 16.14 11.09
N SER D 606 -43.38 15.83 9.83
CA SER D 606 -43.55 14.49 9.28
C SER D 606 -42.21 13.78 9.22
N LEU D 607 -42.26 12.45 9.33
CA LEU D 607 -41.04 11.66 9.30
C LEU D 607 -40.34 11.78 7.95
N TYR D 608 -41.11 11.80 6.86
CA TYR D 608 -40.51 11.85 5.53
C TYR D 608 -39.75 13.17 5.31
N SER D 609 -40.36 14.29 5.70
CA SER D 609 -39.71 15.58 5.47
C SER D 609 -38.40 15.68 6.24
N THR D 610 -38.41 15.25 7.51
CA THR D 610 -37.20 15.33 8.31
C THR D 610 -36.14 14.35 7.82
N CYS D 611 -36.56 13.16 7.38
CA CYS D 611 -35.59 12.23 6.81
C CYS D 611 -34.93 12.81 5.56
N LEU D 612 -35.70 13.47 4.71
CA LEU D 612 -35.12 14.10 3.52
C LEU D 612 -34.17 15.22 3.91
N GLU D 613 -34.54 16.04 4.91
CA GLU D 613 -33.67 17.11 5.35
C GLU D 613 -32.36 16.56 5.91
N LEU D 614 -32.43 15.50 6.71
CA LEU D 614 -31.21 14.89 7.22
C LEU D 614 -30.36 14.30 6.11
N PHE D 615 -31.01 13.69 5.10
CA PHE D 615 -30.27 13.12 4.00
C PHE D 615 -29.55 14.20 3.19
N LYS D 616 -30.13 15.39 3.09
CA LYS D 616 -29.50 16.43 2.28
C LYS D 616 -28.09 16.74 2.75
N PHE D 617 -27.78 16.48 4.03
CA PHE D 617 -26.42 16.71 4.51
C PHE D 617 -25.41 15.85 3.77
N THR D 618 -25.79 14.63 3.42
CA THR D 618 -24.84 13.71 2.80
C THR D 618 -24.38 14.20 1.44
N ILE D 619 -25.21 14.96 0.73
CA ILE D 619 -24.89 15.41 -0.61
C ILE D 619 -24.38 16.86 -0.61
N GLY D 620 -23.91 17.34 0.53
CA GLY D 620 -23.38 18.70 0.60
C GLY D 620 -24.41 19.78 0.44
N MET D 621 -25.61 19.58 0.98
CA MET D 621 -26.65 20.59 0.91
C MET D 621 -27.42 20.73 2.22
N GLY D 622 -26.83 20.36 3.36
CA GLY D 622 -27.54 20.45 4.62
C GLY D 622 -27.65 21.87 5.12
N ASP D 623 -28.75 22.16 5.80
CA ASP D 623 -29.10 23.53 6.14
C ASP D 623 -28.72 23.94 7.56
N LEU D 624 -28.88 23.05 8.54
CA LEU D 624 -28.56 23.33 9.95
C LEU D 624 -29.52 24.34 10.57
N GLU D 625 -30.42 24.91 9.78
CA GLU D 625 -31.44 25.81 10.31
C GLU D 625 -32.77 25.63 9.60
N PHE D 626 -33.07 24.43 9.11
CA PHE D 626 -34.23 24.25 8.23
C PHE D 626 -35.55 24.47 8.95
N THR D 627 -35.57 24.53 10.27
CA THR D 627 -36.80 24.76 11.01
C THR D 627 -36.49 25.48 12.31
N GLU D 628 -37.55 26.02 12.92
CA GLU D 628 -37.43 26.70 14.22
C GLU D 628 -38.57 26.32 15.16
N ASN D 629 -39.42 25.39 14.78
CA ASN D 629 -40.58 25.01 15.59
C ASN D 629 -40.18 23.97 16.63
N TYR D 630 -39.45 24.44 17.63
CA TYR D 630 -39.02 23.60 18.74
C TYR D 630 -38.86 24.48 19.97
N ASP D 631 -38.86 23.83 21.14
CA ASP D 631 -38.70 24.56 22.40
C ASP D 631 -37.25 24.77 22.79
N PHE D 632 -36.34 23.90 22.35
CA PHE D 632 -34.95 23.91 22.80
C PHE D 632 -34.03 23.95 21.58
N LYS D 633 -33.30 25.05 21.42
CA LYS D 633 -32.37 25.18 20.31
C LYS D 633 -31.09 24.39 20.54
N ALA D 634 -30.64 24.33 21.80
CA ALA D 634 -29.41 23.60 22.10
C ALA D 634 -29.55 22.13 21.77
N VAL D 635 -30.69 21.51 22.10
CA VAL D 635 -30.89 20.10 21.80
C VAL D 635 -30.88 19.88 20.29
N PHE D 636 -31.55 20.76 19.55
CA PHE D 636 -31.59 20.64 18.09
C PHE D 636 -30.18 20.70 17.50
N ILE D 637 -29.39 21.70 17.93
CA ILE D 637 -28.06 21.87 17.38
C ILE D 637 -27.17 20.69 17.75
N ILE D 638 -27.27 20.21 19.00
CA ILE D 638 -26.44 19.10 19.43
C ILE D 638 -26.78 17.85 18.62
N LEU D 639 -28.06 17.58 18.41
CA LEU D 639 -28.45 16.42 17.61
C LEU D 639 -27.90 16.52 16.19
N LEU D 640 -28.06 17.68 15.56
CA LEU D 640 -27.60 17.83 14.18
C LEU D 640 -26.08 17.70 14.08
N LEU D 641 -25.35 18.32 15.02
CA LEU D 641 -23.90 18.23 14.99
C LEU D 641 -23.43 16.80 15.22
N ALA D 642 -24.08 16.08 16.13
CA ALA D 642 -23.71 14.69 16.35
C ALA D 642 -23.94 13.86 15.09
N TYR D 643 -25.08 14.05 14.44
CA TYR D 643 -25.35 13.30 13.21
C TYR D 643 -24.32 13.62 12.14
N VAL D 644 -23.97 14.91 11.99
CA VAL D 644 -22.99 15.29 10.97
C VAL D 644 -21.64 14.65 11.28
N ILE D 645 -21.15 14.79 12.52
CA ILE D 645 -19.85 14.26 12.87
C ILE D 645 -19.83 12.74 12.68
N LEU D 646 -20.94 12.07 12.99
CA LEU D 646 -20.95 10.62 12.92
C LEU D 646 -21.00 10.11 11.49
N THR D 647 -21.79 10.76 10.62
CA THR D 647 -21.89 10.27 9.25
C THR D 647 -20.91 10.98 8.31
N TYR D 648 -21.07 12.28 8.14
CA TYR D 648 -20.40 13.00 7.06
C TYR D 648 -18.90 12.96 7.21
N ILE D 649 -18.40 13.14 8.44
CA ILE D 649 -16.96 13.25 8.64
C ILE D 649 -16.33 11.87 8.84
N LEU D 650 -17.08 10.94 9.45
CA LEU D 650 -16.48 9.65 9.81
C LEU D 650 -16.77 8.58 8.77
N LEU D 651 -18.05 8.27 8.53
CA LEU D 651 -18.39 7.09 7.76
C LEU D 651 -18.03 7.24 6.29
N LEU D 652 -18.26 8.41 5.70
CA LEU D 652 -17.96 8.58 4.28
C LEU D 652 -16.46 8.44 4.03
N ASN D 653 -15.65 9.05 4.89
CA ASN D 653 -14.20 8.94 4.72
C ASN D 653 -13.72 7.52 4.98
N MET D 654 -14.33 6.83 5.95
CA MET D 654 -13.96 5.44 6.17
C MET D 654 -14.36 4.58 4.97
N LEU D 655 -15.47 4.92 4.33
CA LEU D 655 -15.86 4.22 3.11
C LEU D 655 -14.82 4.42 2.01
N ILE D 656 -14.32 5.65 1.88
CA ILE D 656 -13.25 5.90 0.91
C ILE D 656 -12.05 5.02 1.23
N ALA D 657 -11.67 4.95 2.50
CA ALA D 657 -10.51 4.16 2.89
C ALA D 657 -10.71 2.68 2.59
N LEU D 658 -11.89 2.15 2.90
CA LEU D 658 -12.14 0.73 2.67
C LEU D 658 -12.23 0.42 1.19
N MET D 659 -12.78 1.36 0.40
CA MET D 659 -12.76 1.20 -1.05
C MET D 659 -11.33 1.14 -1.57
N GLY D 660 -10.45 1.99 -1.02
CA GLY D 660 -9.05 1.92 -1.42
C GLY D 660 -8.43 0.56 -1.10
N GLU D 661 -8.70 0.06 0.09
CA GLU D 661 -8.18 -1.27 0.46
C GLU D 661 -8.68 -2.34 -0.50
N THR D 662 -9.99 -2.36 -0.77
CA THR D 662 -10.55 -3.37 -1.65
C THR D 662 -9.94 -3.27 -3.04
N VAL D 663 -9.83 -2.04 -3.56
CA VAL D 663 -9.20 -1.85 -4.87
C VAL D 663 -7.79 -2.42 -4.87
N ASN D 664 -7.06 -2.21 -3.78
CA ASN D 664 -5.72 -2.78 -3.67
C ASN D 664 -5.75 -4.30 -3.71
N LYS D 665 -6.85 -4.92 -3.24
CA LYS D 665 -6.83 -6.35 -3.02
C LYS D 665 -7.37 -7.19 -4.18
N ILE D 666 -8.11 -6.62 -5.12
CA ILE D 666 -8.91 -7.43 -6.04
C ILE D 666 -8.54 -7.25 -7.51
N ALA D 667 -7.27 -6.96 -7.82
CA ALA D 667 -6.91 -6.71 -9.21
C ALA D 667 -6.93 -7.99 -10.04
N GLN D 668 -6.10 -8.97 -9.66
CA GLN D 668 -6.01 -10.20 -10.43
C GLN D 668 -7.35 -10.95 -10.43
N GLU D 669 -8.06 -10.92 -9.30
CA GLU D 669 -9.37 -11.54 -9.27
C GLU D 669 -10.32 -10.88 -10.26
N SER D 670 -10.27 -9.55 -10.37
CA SER D 670 -11.11 -8.86 -11.35
C SER D 670 -10.74 -9.28 -12.77
N LYS D 671 -9.45 -9.40 -13.07
CA LYS D 671 -9.07 -9.82 -14.41
C LYS D 671 -9.53 -11.24 -14.70
N ASN D 672 -9.41 -12.14 -13.73
CA ASN D 672 -9.87 -13.51 -13.94
C ASN D 672 -11.37 -13.57 -14.15
N ILE D 673 -12.12 -12.77 -13.39
CA ILE D 673 -13.57 -12.77 -13.53
C ILE D 673 -13.97 -12.20 -14.89
N TRP D 674 -13.24 -11.19 -15.37
CA TRP D 674 -13.50 -10.68 -16.71
C TRP D 674 -13.23 -11.74 -17.76
N LYS D 675 -12.14 -12.50 -17.61
CA LYS D 675 -11.85 -13.57 -18.55
C LYS D 675 -12.96 -14.60 -18.56
N LEU D 676 -13.48 -14.95 -17.38
CA LEU D 676 -14.58 -15.90 -17.31
C LEU D 676 -15.84 -15.36 -17.97
N GLN D 677 -16.10 -14.06 -17.80
CA GLN D 677 -17.28 -13.39 -18.40
C GLN D 677 -17.17 -13.42 -19.92
N ARG D 678 -15.97 -13.23 -20.47
CA ARG D 678 -15.78 -13.31 -21.91
C ARG D 678 -15.87 -14.75 -22.42
N ALA D 679 -15.37 -15.71 -21.65
CA ALA D 679 -15.49 -17.10 -22.05
C ALA D 679 -16.95 -17.52 -22.13
N ILE D 680 -17.76 -17.11 -21.15
CA ILE D 680 -19.18 -17.42 -21.20
C ILE D 680 -19.83 -16.79 -22.41
N THR D 681 -19.45 -15.54 -22.73
CA THR D 681 -19.99 -14.90 -23.92
C THR D 681 -19.64 -15.68 -25.18
N ILE D 682 -18.40 -16.15 -25.29
CA ILE D 682 -17.98 -16.90 -26.46
C ILE D 682 -18.78 -18.19 -26.59
N LEU D 683 -18.92 -18.91 -25.48
CA LEU D 683 -19.65 -20.18 -25.53
C LEU D 683 -21.11 -19.97 -25.89
N ASP D 684 -21.74 -18.94 -25.31
CA ASP D 684 -23.14 -18.66 -25.65
C ASP D 684 -23.27 -18.27 -27.12
N THR D 685 -22.34 -17.48 -27.63
CA THR D 685 -22.38 -17.11 -29.04
C THR D 685 -22.28 -18.34 -29.94
N GLU D 686 -21.39 -19.28 -29.59
CA GLU D 686 -21.32 -20.52 -30.37
C GLU D 686 -22.62 -21.30 -30.28
N LYS D 687 -23.17 -21.46 -29.08
CA LYS D 687 -24.36 -22.28 -28.91
C LYS D 687 -25.58 -21.69 -29.61
N SER D 688 -25.75 -20.37 -29.59
CA SER D 688 -26.89 -19.78 -30.28
C SER D 688 -26.84 -20.08 -31.77
N PHE D 689 -25.65 -20.29 -32.32
CA PHE D 689 -25.47 -20.52 -33.75
C PHE D 689 -25.95 -19.33 -34.55
N ALA D 696 -17.04 -22.54 -37.77
CA ALA D 696 -16.00 -22.55 -36.76
C ALA D 696 -15.74 -23.98 -36.28
N PHE D 697 -14.47 -24.33 -36.13
CA PHE D 697 -14.09 -25.62 -35.58
C PHE D 697 -12.78 -25.47 -34.83
N ARG D 698 -12.35 -26.58 -34.23
CA ARG D 698 -11.22 -26.57 -33.30
C ARG D 698 -9.96 -26.00 -33.93
N SER D 699 -9.37 -26.72 -34.88
CA SER D 699 -8.11 -26.35 -35.50
C SER D 699 -7.86 -27.35 -36.63
N GLY D 700 -6.69 -27.27 -37.25
CA GLY D 700 -6.38 -28.17 -38.34
C GLY D 700 -6.22 -29.61 -37.88
N LYS D 701 -6.67 -30.53 -38.71
CA LYS D 701 -6.36 -31.94 -38.52
C LYS D 701 -4.88 -32.19 -38.81
N LEU D 702 -4.26 -33.07 -38.01
CA LEU D 702 -2.84 -33.35 -38.19
C LEU D 702 -2.51 -34.74 -37.71
N LEU D 703 -1.34 -35.22 -38.13
CA LEU D 703 -0.79 -36.50 -37.72
C LEU D 703 0.35 -36.28 -36.73
N GLN D 704 0.34 -37.05 -35.65
CA GLN D 704 1.30 -36.90 -34.57
C GLN D 704 2.11 -38.16 -34.29
N VAL D 705 1.50 -39.33 -34.31
CA VAL D 705 2.19 -40.56 -34.01
C VAL D 705 2.39 -41.43 -35.24
N GLY D 706 1.47 -41.40 -36.20
CA GLY D 706 1.56 -42.19 -37.40
C GLY D 706 1.18 -43.64 -37.21
N PHE D 707 1.19 -44.13 -35.97
CA PHE D 707 0.77 -45.48 -35.67
C PHE D 707 0.36 -45.56 -34.22
N THR D 708 -0.84 -46.06 -33.97
CA THR D 708 -1.27 -46.40 -32.62
C THR D 708 -0.69 -47.77 -32.29
N PRO D 709 -0.94 -48.35 -31.12
CA PRO D 709 -0.46 -49.71 -30.88
C PRO D 709 -0.93 -50.69 -31.95
N ASP D 710 -2.13 -50.47 -32.50
CA ASP D 710 -2.60 -51.25 -33.63
C ASP D 710 -1.99 -50.71 -34.92
N GLY D 711 -2.35 -51.33 -36.04
CA GLY D 711 -1.78 -50.93 -37.31
C GLY D 711 -2.22 -49.55 -37.76
N LYS D 712 -3.50 -49.24 -37.58
CA LYS D 712 -4.05 -48.00 -38.10
C LYS D 712 -3.49 -46.80 -37.34
N ASP D 713 -3.48 -45.65 -38.01
CA ASP D 713 -2.99 -44.41 -37.43
C ASP D 713 -4.17 -43.59 -36.90
N ASP D 714 -3.89 -42.41 -36.37
CA ASP D 714 -4.94 -41.59 -35.77
C ASP D 714 -4.64 -40.12 -35.96
N TYR D 715 -5.72 -39.33 -36.00
CA TYR D 715 -5.68 -37.88 -36.05
C TYR D 715 -6.45 -37.35 -34.86
N ARG D 716 -5.97 -36.27 -34.23
CA ARG D 716 -6.61 -35.82 -33.00
C ARG D 716 -6.74 -34.29 -32.93
N TRP D 717 -7.00 -33.64 -34.06
CA TRP D 717 -7.54 -32.28 -34.08
C TRP D 717 -6.70 -31.34 -33.20
N CYS D 718 -5.45 -31.16 -33.60
CA CYS D 718 -4.48 -30.47 -32.75
C CYS D 718 -4.53 -28.95 -32.95
N PHE D 719 -3.97 -28.23 -31.99
CA PHE D 719 -3.95 -26.77 -31.97
C PHE D 719 -2.51 -26.31 -31.72
N ARG D 720 -1.94 -25.57 -32.67
CA ARG D 720 -0.52 -25.30 -32.67
C ARG D 720 -0.16 -24.15 -31.74
N VAL D 721 1.02 -24.26 -31.12
CA VAL D 721 1.59 -23.19 -30.30
C VAL D 721 3.10 -23.17 -30.55
N ASP D 722 3.65 -21.97 -30.67
CA ASP D 722 5.08 -21.78 -30.93
C ASP D 722 5.72 -21.08 -29.74
N GLU D 723 6.84 -21.63 -29.27
CA GLU D 723 7.58 -21.06 -28.14
C GLU D 723 9.06 -21.07 -28.46
N VAL D 724 9.78 -20.15 -27.81
CA VAL D 724 11.20 -19.93 -28.06
C VAL D 724 11.95 -20.14 -26.75
N ASN D 725 13.02 -20.95 -26.80
CA ASN D 725 13.86 -21.24 -25.65
C ASN D 725 15.31 -20.89 -26.00
N TRP D 726 16.01 -20.28 -25.05
CA TRP D 726 17.39 -19.86 -25.26
C TRP D 726 18.40 -20.62 -24.43
N THR D 727 17.94 -21.54 -23.59
CA THR D 727 18.81 -22.41 -22.79
C THR D 727 18.43 -23.86 -23.03
N THR D 728 19.13 -24.76 -22.35
CA THR D 728 18.90 -26.20 -22.46
C THR D 728 18.77 -26.61 -23.92
N TRP D 729 19.87 -26.49 -24.65
CA TRP D 729 19.92 -26.90 -26.06
C TRP D 729 19.86 -28.41 -26.19
#